data_9BT5
#
_entry.id   9BT5
#
_cell.length_a   240.603
_cell.length_b   95.053
_cell.length_c   99.265
_cell.angle_alpha   90.000
_cell.angle_beta   95.850
_cell.angle_gamma   90.000
#
_symmetry.space_group_name_H-M   'C 1 2 1'
#
loop_
_entity.id
_entity.type
_entity.pdbx_description
1 polymer Hemagglutinin
2 polymer 'Monoclonal antibody H7-235 heavy chain'
3 polymer 'Monoclonal antibody H7-235 light chain'
4 non-polymer 2-acetamido-2-deoxy-beta-D-glucopyranose
5 non-polymer 'N-acetyl-alpha-neuraminic acid'
6 water water
#
loop_
_entity_poly.entity_id
_entity_poly.type
_entity_poly.pdbx_seq_one_letter_code
_entity_poly.pdbx_strand_id
1 'polypeptide(L)'
;KRTVDLGQCGLLGTITGPPQCDQFLEFSADLIIERREGSDVCYPGKFVNEEALRQILRESGGIDKEAMGFTYSGIRTNGA
TSACRRSGSSFYAEMKWLLSNTDNAAFPQMTKSYKNTRKSPALIVWGIHHSVSTAEQTKLYGSGNKLVTVGSSNYQQSFV
PSPGARPQVNGLSGRIDFHWLMLNPNDTVTFSFNGAFIAPDRASFLRGKSMGIQSGV
;
A,B
2 'polypeptide(L)'
;QVQLVESGGGVVQPGESLRLSCAASGFAFRTYGMHWVRQAPGKGLEWVGVIWYDGSNKYYGDSVKGRFTISRDNSQNTLY
LQMNSLRAEDTAVYYCARNGERWRVEDYYYGMDVWGQGTLVTVSSASFKGPSVFPLAPSSKSTSGGTAALGCLVKDYFPE
PVTVSWNSGALTSGVHTFPAVLQSSGLYSLSSVVTVPSSSLGTQTYICNVNHKPSNTKVDKKVEPKSC
;
C,E
3 'polypeptide(L)'
;EIVMTQSPLSLPVTPGEPASISCRSSQSLLHSNAHNYLDWYLQKPGQSPQLLIYLGSNRASGVPDRFSGSGSGTDFTLKI
SRVEAEDVGIYYCMQALQTPITFGQGTRLEIKRTVAAPSVFIFPPSDEQLKSGTASVVCLLNNFYPREAKVQWKVDNALQ
SGNSQESVTEQDSKDSTYSLSSTLTLSKADYEKHKVYACEVTHQGLSSPVTKSFNRGEC
;
D,F
#
loop_
_chem_comp.id
_chem_comp.type
_chem_comp.name
_chem_comp.formula
NAG D-saccharide, beta linking 2-acetamido-2-deoxy-beta-D-glucopyranose 'C8 H15 N O6'
SIA D-saccharide, alpha linking 'N-acetyl-alpha-neuraminic acid' 'C11 H19 N O9'
#
# COMPACT_ATOMS: atom_id res chain seq x y z
N LYS A 1 -19.97 -27.30 27.18
CA LYS A 1 -19.33 -28.12 26.16
C LYS A 1 -18.57 -27.24 25.12
N ARG A 2 -17.24 -27.28 25.17
CA ARG A 2 -16.42 -26.53 24.20
C ARG A 2 -16.59 -27.13 22.82
N THR A 3 -17.03 -26.30 21.85
CA THR A 3 -17.54 -26.80 20.58
C THR A 3 -16.94 -26.02 19.41
N VAL A 4 -16.74 -26.71 18.28
CA VAL A 4 -16.04 -26.14 17.12
C VAL A 4 -16.84 -26.39 15.85
N ASP A 5 -17.11 -25.31 15.10
CA ASP A 5 -17.84 -25.35 13.82
C ASP A 5 -16.80 -25.15 12.73
N LEU A 6 -16.38 -26.27 12.12
CA LEU A 6 -15.35 -26.31 11.09
C LEU A 6 -15.72 -25.56 9.81
N GLY A 7 -16.99 -25.19 9.64
CA GLY A 7 -17.39 -24.45 8.46
C GLY A 7 -16.77 -24.95 7.18
N GLN A 8 -16.05 -24.07 6.48
CA GLN A 8 -15.39 -24.45 5.23
C GLN A 8 -14.23 -25.43 5.43
N CYS A 9 -13.75 -25.64 6.66
CA CYS A 9 -12.66 -26.57 6.90
C CYS A 9 -13.19 -27.98 7.18
N GLY A 10 -12.79 -28.92 6.33
CA GLY A 10 -13.12 -30.31 6.59
C GLY A 10 -12.26 -30.92 7.69
N LEU A 11 -12.88 -31.83 8.44
CA LEU A 11 -12.23 -32.45 9.59
C LEU A 11 -10.84 -32.98 9.25
N LEU A 12 -10.68 -33.64 8.11
CA LEU A 12 -9.37 -34.18 7.77
C LEU A 12 -8.38 -33.06 7.46
N GLY A 13 -8.87 -31.93 6.93
CA GLY A 13 -7.96 -30.83 6.65
C GLY A 13 -7.24 -30.28 7.86
N THR A 14 -7.78 -30.51 9.06
CA THR A 14 -7.09 -30.04 10.25
C THR A 14 -5.72 -30.70 10.42
N ILE A 15 -5.49 -31.83 9.77
CA ILE A 15 -4.25 -32.57 9.95
C ILE A 15 -3.19 -32.10 8.96
N THR A 16 -3.59 -31.79 7.73
CA THR A 16 -2.64 -31.39 6.71
C THR A 16 -2.61 -29.88 6.50
N GLY A 17 -3.70 -29.18 6.80
CA GLY A 17 -3.73 -27.73 6.87
C GLY A 17 -3.80 -26.99 5.54
N PRO A 18 -4.87 -27.20 4.76
CA PRO A 18 -5.14 -26.28 3.65
C PRO A 18 -5.60 -24.94 4.19
N PRO A 19 -5.48 -23.85 3.41
CA PRO A 19 -5.81 -22.52 3.95
C PRO A 19 -7.10 -22.49 4.74
N GLN A 20 -8.14 -23.19 4.27
CA GLN A 20 -9.43 -23.10 4.94
C GLN A 20 -9.37 -23.62 6.37
N CYS A 21 -8.30 -24.31 6.76
CA CYS A 21 -8.18 -24.87 8.10
C CYS A 21 -7.13 -24.16 8.94
N ASP A 22 -6.59 -23.03 8.46
CA ASP A 22 -5.45 -22.44 9.13
C ASP A 22 -5.76 -22.10 10.58
N GLN A 23 -7.05 -21.97 10.92
CA GLN A 23 -7.49 -21.55 12.24
C GLN A 23 -7.87 -22.72 13.14
N PHE A 24 -7.86 -23.94 12.62
CA PHE A 24 -8.16 -25.13 13.40
C PHE A 24 -6.95 -26.05 13.49
N LEU A 25 -5.77 -25.55 13.14
CA LEU A 25 -4.60 -26.43 12.99
C LEU A 25 -4.34 -27.21 14.28
N GLU A 26 -4.73 -26.65 15.42
CA GLU A 26 -4.53 -27.32 16.70
C GLU A 26 -5.79 -27.26 17.53
N PHE A 27 -6.93 -27.42 16.89
CA PHE A 27 -8.19 -27.20 17.57
C PHE A 27 -8.34 -28.08 18.82
N SER A 28 -9.22 -27.64 19.71
CA SER A 28 -9.55 -28.39 20.92
C SER A 28 -11.04 -28.25 21.16
N ALA A 29 -11.74 -29.38 21.23
CA ALA A 29 -13.19 -29.32 21.32
C ALA A 29 -13.73 -30.62 21.89
N ASP A 30 -14.93 -30.52 22.45
CA ASP A 30 -15.69 -31.67 22.90
C ASP A 30 -16.76 -32.08 21.89
N LEU A 31 -17.17 -31.16 21.03
CA LEU A 31 -18.15 -31.43 20.00
C LEU A 31 -17.63 -30.85 18.70
N ILE A 32 -17.53 -31.69 17.66
CA ILE A 32 -17.05 -31.25 16.36
C ILE A 32 -18.21 -31.27 15.36
N ILE A 33 -18.58 -30.07 14.89
CA ILE A 33 -19.61 -29.90 13.88
C ILE A 33 -18.95 -29.74 12.53
N GLU A 34 -19.26 -30.63 11.60
CA GLU A 34 -18.84 -30.52 10.22
C GLU A 34 -19.96 -29.98 9.35
N ARG A 35 -19.60 -29.44 8.21
CA ARG A 35 -20.56 -28.87 7.27
C ARG A 35 -20.34 -29.52 5.91
N ARG A 36 -21.43 -29.66 5.16
CA ARG A 36 -21.29 -30.15 3.80
C ARG A 36 -20.37 -29.23 3.00
N GLU A 37 -20.34 -27.94 3.33
CA GLU A 37 -19.41 -27.01 2.66
C GLU A 37 -17.96 -27.39 2.92
N GLY A 38 -17.68 -28.08 4.02
CA GLY A 38 -16.30 -28.33 4.41
C GLY A 38 -15.54 -29.12 3.37
N SER A 39 -14.23 -28.87 3.32
CA SER A 39 -13.34 -29.47 2.33
C SER A 39 -12.04 -29.91 2.99
N ASP A 40 -11.57 -31.10 2.60
CA ASP A 40 -10.36 -31.67 3.17
C ASP A 40 -9.09 -31.24 2.45
N VAL A 41 -9.17 -30.86 1.18
CA VAL A 41 -7.97 -30.57 0.41
C VAL A 41 -8.08 -29.16 -0.17
N CYS A 42 -7.05 -28.78 -0.93
CA CYS A 42 -7.00 -27.58 -1.75
C CYS A 42 -6.43 -27.95 -3.11
N TYR A 43 -5.27 -28.57 -3.13
CA TYR A 43 -4.84 -29.23 -4.35
C TYR A 43 -5.76 -30.42 -4.62
N PRO A 44 -6.11 -30.69 -5.87
CA PRO A 44 -6.99 -31.85 -6.14
C PRO A 44 -6.36 -33.15 -5.64
N GLY A 45 -7.18 -33.94 -4.96
CA GLY A 45 -6.81 -35.29 -4.54
C GLY A 45 -7.62 -35.69 -3.31
N LYS A 46 -7.36 -36.90 -2.81
CA LYS A 46 -8.10 -37.31 -1.64
C LYS A 46 -7.22 -37.96 -0.58
N PHE A 47 -7.84 -38.09 0.59
CA PHE A 47 -7.36 -38.98 1.63
C PHE A 47 -7.77 -40.43 1.31
N VAL A 48 -6.78 -41.30 1.11
CA VAL A 48 -7.02 -42.73 1.15
C VAL A 48 -7.46 -43.14 2.54
N ASN A 49 -8.32 -44.16 2.59
CA ASN A 49 -8.91 -44.62 3.84
C ASN A 49 -9.51 -43.48 4.67
N GLU A 50 -10.22 -42.57 4.00
CA GLU A 50 -10.56 -41.32 4.69
C GLU A 50 -11.66 -41.49 5.73
N GLU A 51 -12.53 -42.51 5.60
CA GLU A 51 -13.63 -42.60 6.55
C GLU A 51 -13.19 -43.19 7.89
N ALA A 52 -12.28 -44.16 7.88
CA ALA A 52 -11.67 -44.56 9.15
C ALA A 52 -10.99 -43.38 9.83
N LEU A 53 -10.17 -42.61 9.09
CA LEU A 53 -9.51 -41.46 9.68
C LEU A 53 -10.51 -40.47 10.23
N ARG A 54 -11.65 -40.31 9.54
CA ARG A 54 -12.67 -39.37 9.98
C ARG A 54 -13.25 -39.77 11.34
N GLN A 55 -13.37 -41.07 11.61
CA GLN A 55 -13.94 -41.46 12.88
C GLN A 55 -12.96 -41.31 14.04
N ILE A 56 -11.66 -41.58 13.82
CA ILE A 56 -10.66 -41.27 14.84
C ILE A 56 -10.71 -39.80 15.22
N LEU A 57 -10.79 -38.91 14.23
CA LEU A 57 -10.78 -37.49 14.52
C LEU A 57 -12.05 -37.04 15.24
N ARG A 58 -13.22 -37.49 14.78
CA ARG A 58 -14.48 -37.07 15.40
C ARG A 58 -14.49 -37.34 16.90
N GLU A 59 -13.78 -38.36 17.33
CA GLU A 59 -13.80 -38.77 18.72
C GLU A 59 -12.46 -38.53 19.39
N SER A 60 -11.74 -37.51 18.90
CA SER A 60 -10.35 -37.26 19.28
C SER A 60 -10.19 -36.25 20.40
N GLY A 61 -11.13 -35.32 20.53
CA GLY A 61 -11.00 -34.22 21.48
C GLY A 61 -10.23 -33.03 20.97
N GLY A 62 -9.74 -33.08 19.74
CA GLY A 62 -8.86 -32.08 19.19
C GLY A 62 -7.54 -32.70 18.80
N ILE A 63 -6.69 -31.87 18.23
CA ILE A 63 -5.36 -32.31 17.80
C ILE A 63 -4.30 -31.34 18.32
N ASP A 64 -3.19 -31.93 18.78
CA ASP A 64 -1.99 -31.22 19.20
C ASP A 64 -0.95 -31.45 18.11
N LYS A 65 -0.27 -30.37 17.69
CA LYS A 65 0.75 -30.51 16.66
C LYS A 65 2.15 -30.63 17.27
N GLU A 66 3.04 -31.28 16.54
CA GLU A 66 4.41 -31.50 17.04
C GLU A 66 5.34 -31.71 15.86
N ALA A 67 6.39 -30.91 15.76
CA ALA A 67 7.30 -31.02 14.62
C ALA A 67 7.88 -32.42 14.56
N MET A 68 8.18 -32.86 13.34
CA MET A 68 8.80 -34.15 13.19
C MET A 68 10.31 -34.09 13.11
N GLY A 69 10.88 -32.96 12.69
CA GLY A 69 12.32 -32.80 12.75
C GLY A 69 13.05 -33.13 11.48
N PHE A 70 12.36 -33.58 10.44
CA PHE A 70 13.02 -33.85 9.17
C PHE A 70 13.72 -32.58 8.70
N THR A 71 14.94 -32.74 8.20
CA THR A 71 15.62 -31.63 7.53
C THR A 71 16.17 -32.17 6.22
N TYR A 72 16.55 -31.26 5.34
CA TYR A 72 16.86 -31.60 3.95
C TYR A 72 18.04 -30.79 3.51
N SER A 73 18.78 -31.32 2.53
CA SER A 73 19.82 -30.58 1.85
C SER A 73 19.85 -31.02 0.39
N GLY A 74 19.90 -30.05 -0.53
CA GLY A 74 20.08 -30.35 -1.93
C GLY A 74 18.80 -30.35 -2.73
N ILE A 75 17.66 -30.09 -2.10
CA ILE A 75 16.40 -29.99 -2.78
C ILE A 75 15.73 -28.66 -2.45
N ARG A 76 14.62 -28.39 -3.13
CA ARG A 76 13.66 -27.38 -2.72
C ARG A 76 12.61 -28.03 -1.86
N THR A 77 12.20 -27.31 -0.81
CA THR A 77 11.17 -27.70 0.14
C THR A 77 10.02 -26.70 0.15
N ASN A 78 9.99 -25.80 -0.82
CA ASN A 78 9.10 -24.65 -0.84
C ASN A 78 8.16 -24.75 -2.03
N GLY A 79 7.74 -25.97 -2.38
CA GLY A 79 6.86 -26.13 -3.52
C GLY A 79 5.47 -25.62 -3.18
N ALA A 80 4.89 -24.83 -4.09
CA ALA A 80 3.60 -24.21 -3.82
C ALA A 80 2.68 -24.27 -5.04
N THR A 81 1.44 -23.80 -4.87
CA THR A 81 0.42 -24.00 -5.88
C THR A 81 -0.69 -22.95 -5.79
N SER A 82 -1.21 -22.57 -6.95
CA SER A 82 -2.33 -21.65 -7.02
C SER A 82 -3.59 -22.23 -6.36
N ALA A 83 -3.72 -23.56 -6.34
CA ALA A 83 -4.86 -24.17 -5.67
C ALA A 83 -4.87 -23.94 -4.16
N CYS A 84 -3.75 -23.53 -3.54
CA CYS A 84 -3.70 -23.35 -2.09
C CYS A 84 -3.22 -21.93 -1.82
N ARG A 85 -4.18 -21.03 -1.69
CA ARG A 85 -3.95 -19.59 -1.79
C ARG A 85 -3.89 -18.96 -0.40
N ARG A 86 -2.80 -18.23 -0.13
CA ARG A 86 -2.65 -17.37 1.03
C ARG A 86 -2.10 -16.02 0.55
N SER A 87 -2.90 -15.30 -0.26
CA SER A 87 -2.47 -14.07 -0.92
C SER A 87 -1.40 -14.33 -1.96
N GLY A 88 -1.46 -15.49 -2.58
CA GLY A 88 -0.37 -16.04 -3.36
C GLY A 88 -0.37 -17.54 -3.26
N SER A 89 0.45 -18.17 -4.11
CA SER A 89 0.57 -19.62 -4.09
C SER A 89 1.15 -20.10 -2.77
N SER A 90 0.55 -21.12 -2.20
CA SER A 90 0.97 -21.59 -0.90
C SER A 90 0.86 -23.11 -0.90
N PHE A 91 0.65 -23.76 0.25
CA PHE A 91 0.51 -25.22 0.22
C PHE A 91 -0.26 -25.65 1.46
N TYR A 92 0.09 -26.82 1.99
CA TYR A 92 -0.50 -27.31 3.23
C TYR A 92 0.42 -26.92 4.39
N ALA A 93 -0.18 -26.27 5.39
CA ALA A 93 0.58 -25.72 6.49
C ALA A 93 1.38 -26.78 7.23
N GLU A 94 1.00 -28.07 7.14
CA GLU A 94 1.71 -29.10 7.89
C GLU A 94 2.62 -29.96 7.04
N MET A 95 2.78 -29.67 5.75
CA MET A 95 3.45 -30.59 4.84
C MET A 95 4.46 -29.80 4.03
N LYS A 96 5.46 -30.50 3.50
CA LYS A 96 6.43 -29.87 2.63
C LYS A 96 6.35 -30.56 1.29
N TRP A 97 6.32 -29.78 0.23
CA TRP A 97 6.39 -30.31 -1.12
C TRP A 97 7.86 -30.23 -1.54
N LEU A 98 8.50 -31.39 -1.57
CA LEU A 98 9.90 -31.54 -1.93
C LEU A 98 10.05 -31.65 -3.45
N LEU A 99 11.05 -30.96 -4.01
CA LEU A 99 11.32 -31.15 -5.43
C LEU A 99 12.77 -30.79 -5.75
N SER A 100 13.16 -31.09 -6.98
CA SER A 100 14.53 -30.89 -7.41
C SER A 100 14.92 -29.41 -7.40
N ASN A 101 16.18 -29.13 -7.04
CA ASN A 101 16.64 -27.75 -6.88
C ASN A 101 16.51 -26.93 -8.14
N THR A 102 16.55 -27.55 -9.32
CA THR A 102 16.30 -26.86 -10.56
C THR A 102 15.49 -27.78 -11.45
N ASP A 103 14.81 -27.20 -12.43
CA ASP A 103 14.00 -27.97 -13.36
C ASP A 103 14.79 -29.13 -13.97
N ASN A 104 14.24 -30.34 -13.84
CA ASN A 104 14.73 -31.57 -14.45
C ASN A 104 15.89 -32.17 -13.69
N ALA A 105 16.40 -31.51 -12.66
CA ALA A 105 17.50 -32.07 -11.86
C ALA A 105 17.07 -33.36 -11.18
N ALA A 106 18.05 -34.21 -10.86
CA ALA A 106 17.75 -35.54 -10.33
C ALA A 106 17.48 -35.44 -8.84
N PHE A 107 16.26 -35.74 -8.44
CA PHE A 107 15.95 -35.71 -7.02
C PHE A 107 16.73 -36.82 -6.30
N PRO A 108 17.45 -36.49 -5.24
CA PRO A 108 18.25 -37.52 -4.55
C PRO A 108 17.42 -38.58 -3.82
N GLN A 109 17.91 -39.82 -3.84
CA GLN A 109 17.33 -40.84 -2.98
C GLN A 109 17.48 -40.44 -1.53
N MET A 110 16.41 -40.60 -0.76
CA MET A 110 16.39 -40.05 0.59
C MET A 110 15.70 -41.05 1.50
N THR A 111 16.13 -41.09 2.75
CA THR A 111 15.49 -41.94 3.74
C THR A 111 15.40 -41.13 5.02
N LYS A 112 14.21 -41.07 5.57
CA LYS A 112 13.92 -40.27 6.74
C LYS A 112 13.06 -41.14 7.63
N SER A 113 13.27 -41.05 8.94
CA SER A 113 12.45 -41.83 9.84
C SER A 113 12.17 -41.00 11.07
N TYR A 114 11.10 -41.35 11.77
CA TYR A 114 10.57 -40.60 12.90
C TYR A 114 10.11 -41.61 13.95
N LYS A 115 10.40 -41.35 15.21
CA LYS A 115 9.99 -42.25 16.29
C LYS A 115 9.01 -41.52 17.20
N ASN A 116 7.87 -42.14 17.46
CA ASN A 116 6.90 -41.55 18.38
C ASN A 116 7.41 -41.69 19.80
N THR A 117 7.88 -40.60 20.36
CA THR A 117 8.37 -40.58 21.72
C THR A 117 7.31 -40.22 22.74
N ARG A 118 6.20 -39.64 22.31
CA ARG A 118 5.20 -39.27 23.28
C ARG A 118 4.42 -40.52 23.70
N LYS A 119 3.46 -40.34 24.60
CA LYS A 119 2.87 -41.49 25.27
C LYS A 119 1.57 -41.96 24.63
N SER A 120 0.93 -41.13 23.81
CA SER A 120 -0.23 -41.54 23.01
C SER A 120 0.09 -41.62 21.52
N PRO A 121 -0.75 -42.29 20.74
CA PRO A 121 -0.45 -42.48 19.31
C PRO A 121 -0.44 -41.18 18.51
N ALA A 122 0.40 -41.20 17.47
CA ALA A 122 0.68 -40.07 16.62
C ALA A 122 0.13 -40.30 15.23
N LEU A 123 -0.47 -39.28 14.68
CA LEU A 123 -1.13 -39.39 13.39
C LEU A 123 -0.15 -38.87 12.33
N ILE A 124 0.33 -39.79 11.50
CA ILE A 124 1.34 -39.50 10.49
C ILE A 124 0.67 -39.50 9.14
N VAL A 125 0.86 -38.44 8.37
CA VAL A 125 0.26 -38.42 7.04
C VAL A 125 1.31 -37.97 6.05
N TRP A 126 1.21 -38.51 4.82
CA TRP A 126 2.15 -38.22 3.74
C TRP A 126 1.36 -38.26 2.43
N GLY A 127 1.96 -37.71 1.38
CA GLY A 127 1.25 -37.54 0.12
C GLY A 127 2.05 -37.98 -1.07
N ILE A 128 1.36 -38.59 -2.04
CA ILE A 128 1.96 -38.93 -3.31
C ILE A 128 1.52 -37.89 -4.32
N HIS A 129 2.49 -37.25 -4.98
CA HIS A 129 2.15 -36.30 -6.01
C HIS A 129 2.16 -36.98 -7.38
N HIS A 130 1.00 -37.01 -8.00
CA HIS A 130 0.85 -37.56 -9.34
C HIS A 130 0.84 -36.39 -10.31
N SER A 131 1.86 -36.32 -11.17
CA SER A 131 1.97 -35.20 -12.09
C SER A 131 1.04 -35.41 -13.27
N VAL A 132 0.74 -34.30 -13.94
CA VAL A 132 -0.16 -34.32 -15.07
C VAL A 132 0.43 -35.12 -16.22
N SER A 133 1.75 -35.14 -16.33
CA SER A 133 2.43 -35.86 -17.42
C SER A 133 3.82 -36.33 -16.97
N THR A 134 4.36 -37.25 -17.75
CA THR A 134 5.74 -37.70 -17.54
C THR A 134 6.74 -36.53 -17.55
N ALA A 135 6.56 -35.59 -18.48
CA ALA A 135 7.49 -34.47 -18.59
C ALA A 135 7.42 -33.55 -17.39
N GLU A 136 6.23 -33.32 -16.84
CA GLU A 136 6.15 -32.49 -15.65
C GLU A 136 6.79 -33.21 -14.47
N GLN A 137 6.48 -34.50 -14.31
CA GLN A 137 7.14 -35.28 -13.28
C GLN A 137 8.65 -35.13 -13.37
N THR A 138 9.19 -35.17 -14.59
CA THR A 138 10.63 -35.07 -14.78
C THR A 138 11.13 -33.66 -14.47
N LYS A 139 10.43 -32.63 -14.96
CA LYS A 139 10.77 -31.27 -14.61
C LYS A 139 10.86 -31.07 -13.10
N LEU A 140 9.99 -31.73 -12.33
CA LEU A 140 9.93 -31.48 -10.89
C LEU A 140 10.89 -32.35 -10.09
N TYR A 141 11.13 -33.57 -10.55
CA TYR A 141 11.88 -34.54 -9.77
C TYR A 141 12.96 -35.21 -10.59
N GLY A 142 13.10 -34.86 -11.86
CA GLY A 142 14.03 -35.55 -12.72
C GLY A 142 13.45 -36.84 -13.28
N SER A 143 14.07 -37.31 -14.36
CA SER A 143 13.55 -38.42 -15.12
C SER A 143 13.68 -39.73 -14.33
N GLY A 144 13.07 -40.78 -14.86
CA GLY A 144 13.20 -42.11 -14.31
C GLY A 144 12.10 -42.46 -13.33
N ASN A 145 12.13 -43.73 -12.92
CA ASN A 145 11.12 -44.31 -12.06
C ASN A 145 11.18 -43.72 -10.65
N LYS A 146 10.00 -43.54 -10.07
CA LYS A 146 9.84 -42.97 -8.76
C LYS A 146 9.20 -43.99 -7.84
N LEU A 147 9.57 -43.94 -6.57
CA LEU A 147 9.15 -44.95 -5.60
C LEU A 147 9.19 -44.32 -4.22
N VAL A 148 8.08 -44.44 -3.51
CA VAL A 148 7.99 -44.05 -2.11
C VAL A 148 7.67 -45.31 -1.31
N THR A 149 8.43 -45.57 -0.27
CA THR A 149 8.05 -46.68 0.59
C THR A 149 7.88 -46.16 2.01
N VAL A 150 6.97 -46.78 2.73
CA VAL A 150 6.63 -46.37 4.08
C VAL A 150 6.55 -47.66 4.87
N GLY A 151 7.18 -47.69 6.04
CA GLY A 151 7.15 -48.83 6.90
C GLY A 151 7.00 -48.41 8.34
N SER A 152 6.24 -49.19 9.11
CA SER A 152 6.22 -49.09 10.56
C SER A 152 6.27 -50.51 11.06
N SER A 153 5.93 -50.70 12.33
CA SER A 153 6.33 -51.95 12.94
C SER A 153 5.59 -53.12 12.30
N ASN A 154 4.33 -52.93 11.91
CA ASN A 154 3.58 -54.01 11.31
C ASN A 154 3.15 -53.75 9.88
N TYR A 155 3.59 -52.64 9.28
CA TYR A 155 3.03 -52.17 8.03
C TYR A 155 4.14 -51.88 7.03
N GLN A 156 3.92 -52.25 5.77
CA GLN A 156 4.85 -51.98 4.69
C GLN A 156 4.10 -51.73 3.39
N GLN A 157 4.32 -50.57 2.78
CA GLN A 157 3.74 -50.29 1.47
C GLN A 157 4.68 -49.42 0.65
N SER A 158 4.77 -49.74 -0.63
CA SER A 158 5.39 -48.93 -1.66
C SER A 158 4.31 -48.21 -2.45
N PHE A 159 4.65 -47.04 -2.99
CA PHE A 159 3.75 -46.17 -3.73
C PHE A 159 4.44 -45.64 -4.97
N VAL A 160 3.83 -45.83 -6.14
CA VAL A 160 4.48 -45.43 -7.39
C VAL A 160 3.73 -44.31 -8.11
N PRO A 161 4.16 -43.04 -8.01
CA PRO A 161 3.47 -41.99 -8.76
C PRO A 161 3.21 -42.46 -10.18
N SER A 162 1.94 -42.41 -10.58
CA SER A 162 1.54 -42.68 -11.96
C SER A 162 1.15 -41.36 -12.59
N PRO A 163 2.06 -40.68 -13.29
CA PRO A 163 1.69 -39.43 -13.96
C PRO A 163 0.60 -39.67 -15.00
N GLY A 164 -0.36 -38.78 -15.01
CA GLY A 164 -1.36 -38.76 -16.07
C GLY A 164 -2.40 -37.71 -15.78
N ALA A 165 -3.24 -37.44 -16.78
CA ALA A 165 -4.19 -36.35 -16.70
C ALA A 165 -5.50 -36.86 -16.17
N ARG A 166 -5.97 -36.20 -15.13
CA ARG A 166 -7.28 -36.38 -14.57
C ARG A 166 -8.13 -35.13 -14.83
N PRO A 167 -9.44 -35.19 -14.58
CA PRO A 167 -10.30 -34.04 -14.96
C PRO A 167 -9.88 -32.73 -14.31
N GLN A 168 -9.56 -31.75 -15.16
CA GLN A 168 -9.23 -30.44 -14.72
C GLN A 168 -10.10 -29.98 -13.55
N VAL A 169 -9.48 -29.86 -12.36
CA VAL A 169 -10.05 -29.25 -11.16
C VAL A 169 -9.20 -28.06 -10.79
N ASN A 170 -9.86 -26.92 -10.57
CA ASN A 170 -9.17 -25.67 -10.27
C ASN A 170 -7.98 -25.48 -11.20
N GLY A 171 -8.17 -25.80 -12.49
CA GLY A 171 -7.10 -25.70 -13.48
C GLY A 171 -6.01 -26.78 -13.43
N LEU A 172 -5.95 -27.59 -12.37
CA LEU A 172 -4.91 -28.59 -12.27
C LEU A 172 -5.47 -29.98 -12.60
N SER A 173 -4.71 -30.74 -13.39
CA SER A 173 -5.04 -32.10 -13.72
C SER A 173 -4.18 -33.13 -13.00
N GLY A 174 -3.10 -32.69 -12.36
CA GLY A 174 -2.37 -33.54 -11.44
C GLY A 174 -3.13 -33.70 -10.13
N ARG A 175 -2.61 -34.59 -9.29
CA ARG A 175 -3.26 -34.95 -8.05
C ARG A 175 -2.22 -35.11 -6.96
N ILE A 176 -2.64 -34.89 -5.71
CA ILE A 176 -1.87 -35.25 -4.53
C ILE A 176 -2.81 -36.00 -3.61
N ASP A 177 -2.53 -37.28 -3.37
CA ASP A 177 -3.34 -38.03 -2.41
C ASP A 177 -2.58 -38.31 -1.13
N PHE A 178 -3.34 -38.39 -0.05
CA PHE A 178 -2.81 -38.47 1.29
C PHE A 178 -3.07 -39.85 1.85
N HIS A 179 -2.02 -40.45 2.37
CA HIS A 179 -2.04 -41.72 3.07
C HIS A 179 -1.65 -41.44 4.52
N TRP A 180 -2.04 -42.35 5.41
CA TRP A 180 -1.89 -42.07 6.83
C TRP A 180 -1.79 -43.39 7.59
N LEU A 181 -1.09 -43.32 8.72
CA LEU A 181 -1.06 -44.41 9.68
C LEU A 181 -1.08 -43.81 11.08
N MET A 182 -1.43 -44.65 12.05
CA MET A 182 -1.34 -44.32 13.48
C MET A 182 -0.07 -44.94 14.00
N LEU A 183 0.88 -44.10 14.42
CA LEU A 183 2.14 -44.57 14.94
C LEU A 183 2.07 -44.69 16.45
N ASN A 184 2.07 -45.93 16.95
CA ASN A 184 2.03 -46.19 18.37
C ASN A 184 3.28 -45.67 19.05
N PRO A 185 3.20 -45.42 20.35
CA PRO A 185 4.38 -44.95 21.09
C PRO A 185 5.55 -45.91 20.93
N ASN A 186 6.76 -45.31 20.81
CA ASN A 186 8.05 -45.97 20.65
C ASN A 186 8.23 -46.73 19.34
N ASP A 187 7.22 -46.68 18.49
CA ASP A 187 7.39 -47.18 17.14
C ASP A 187 7.91 -46.10 16.20
N THR A 188 8.36 -46.53 15.03
CA THR A 188 9.07 -45.68 14.09
C THR A 188 8.44 -45.89 12.71
N VAL A 189 8.17 -44.81 12.02
CA VAL A 189 7.85 -44.85 10.60
C VAL A 189 9.12 -44.44 9.84
N THR A 190 9.36 -45.07 8.70
CA THR A 190 10.56 -44.84 7.90
C THR A 190 10.11 -44.58 6.48
N PHE A 191 10.42 -43.40 5.95
CA PHE A 191 10.10 -43.05 4.58
C PHE A 191 11.31 -43.21 3.69
N SER A 192 11.09 -43.62 2.44
CA SER A 192 12.19 -43.72 1.50
C SER A 192 11.69 -43.30 0.13
N PHE A 193 12.16 -42.17 -0.36
CA PHE A 193 11.58 -41.63 -1.58
C PHE A 193 12.70 -41.08 -2.45
N ASN A 194 12.38 -40.89 -3.73
CA ASN A 194 13.24 -40.20 -4.68
C ASN A 194 12.41 -39.25 -5.54
N GLY A 195 11.37 -38.68 -4.95
CA GLY A 195 10.56 -37.68 -5.62
C GLY A 195 9.07 -37.95 -5.45
N ALA A 196 8.28 -37.01 -5.96
CA ALA A 196 6.84 -37.16 -5.94
C ALA A 196 6.36 -37.41 -4.52
N PHE A 197 7.10 -36.93 -3.53
CA PHE A 197 6.78 -37.20 -2.14
C PHE A 197 6.44 -35.90 -1.42
N ILE A 198 5.27 -35.86 -0.81
CA ILE A 198 4.84 -34.74 0.02
C ILE A 198 5.04 -35.18 1.46
N ALA A 199 6.12 -34.65 2.11
CA ALA A 199 6.60 -35.05 3.43
C ALA A 199 5.80 -34.36 4.52
N PRO A 200 5.46 -35.03 5.61
CA PRO A 200 4.87 -34.31 6.73
C PRO A 200 5.95 -33.51 7.42
N ASP A 201 5.56 -32.35 7.94
CA ASP A 201 6.42 -31.54 8.78
C ASP A 201 6.00 -31.59 10.23
N ARG A 202 4.73 -31.68 10.52
CA ARG A 202 4.27 -31.84 11.88
C ARG A 202 3.32 -33.04 11.94
N ALA A 203 3.37 -33.75 13.06
CA ALA A 203 2.50 -34.87 13.33
C ALA A 203 1.37 -34.39 14.21
N SER A 204 0.29 -35.17 14.26
CA SER A 204 -0.84 -34.83 15.10
C SER A 204 -1.03 -35.90 16.16
N PHE A 205 -1.11 -35.45 17.41
CA PHE A 205 -1.43 -36.27 18.58
C PHE A 205 -2.84 -35.93 19.04
N LEU A 206 -3.64 -36.95 19.33
CA LEU A 206 -5.03 -36.68 19.72
C LEU A 206 -5.06 -36.01 21.08
N ARG A 207 -6.02 -35.10 21.24
CA ARG A 207 -6.07 -34.30 22.45
C ARG A 207 -6.82 -34.98 23.58
N GLY A 208 -7.83 -35.80 23.27
CA GLY A 208 -8.62 -36.43 24.31
C GLY A 208 -9.83 -37.18 23.84
N LYS A 209 -11.00 -36.55 23.95
CA LYS A 209 -12.28 -37.20 23.74
C LYS A 209 -13.30 -36.17 23.26
N SER A 210 -14.17 -36.59 22.34
CA SER A 210 -15.13 -35.69 21.68
C SER A 210 -16.06 -36.47 20.77
N MET A 211 -17.21 -35.88 20.46
CA MET A 211 -18.17 -36.43 19.51
C MET A 211 -18.21 -35.52 18.29
N GLY A 212 -18.41 -36.11 17.12
CA GLY A 212 -18.44 -35.37 15.87
C GLY A 212 -19.75 -35.57 15.12
N ILE A 213 -20.25 -34.51 14.48
CA ILE A 213 -21.52 -34.54 13.77
C ILE A 213 -21.43 -33.61 12.56
N GLN A 214 -22.03 -34.03 11.45
CA GLN A 214 -22.10 -33.22 10.23
C GLN A 214 -23.55 -32.72 10.08
N SER A 215 -23.88 -31.63 10.77
CA SER A 215 -25.23 -31.08 10.80
C SER A 215 -25.33 -29.80 9.97
N GLY A 216 -26.56 -29.27 9.90
CA GLY A 216 -26.82 -28.01 9.23
C GLY A 216 -27.37 -26.94 10.16
N VAL A 217 -27.56 -27.30 11.43
CA VAL A 217 -27.99 -26.38 12.47
C VAL A 217 -26.80 -25.60 13.07
N GLN B 1 4.34 -18.50 -3.17
CA GLN B 1 5.51 -17.67 -2.95
C GLN B 1 5.43 -17.10 -1.53
N VAL B 2 6.36 -17.50 -0.67
CA VAL B 2 6.50 -16.83 0.62
C VAL B 2 7.02 -15.43 0.39
N GLN B 3 6.36 -14.44 0.97
CA GLN B 3 6.75 -13.05 0.75
C GLN B 3 6.53 -12.24 2.02
N LEU B 4 7.58 -11.52 2.40
CA LEU B 4 7.55 -10.61 3.53
C LEU B 4 7.75 -9.20 2.99
N VAL B 5 6.83 -8.31 3.34
CA VAL B 5 6.89 -6.93 2.85
C VAL B 5 6.91 -6.00 4.04
N GLU B 6 8.03 -5.30 4.21
CA GLU B 6 8.19 -4.31 5.28
C GLU B 6 7.69 -2.96 4.78
N SER B 7 7.20 -2.16 5.71
CA SER B 7 6.79 -0.81 5.38
C SER B 7 6.83 0.03 6.65
N GLY B 8 6.77 1.34 6.48
CA GLY B 8 6.73 2.25 7.59
C GLY B 8 8.02 2.96 7.91
N GLY B 9 9.06 2.78 7.11
CA GLY B 9 10.29 3.49 7.37
C GLY B 9 10.30 4.90 6.83
N GLY B 10 11.34 5.64 7.19
CA GLY B 10 11.50 7.01 6.73
C GLY B 10 12.45 7.81 7.63
N VAL B 11 12.31 9.13 7.55
CA VAL B 11 13.10 10.03 8.39
C VAL B 11 12.31 10.31 9.66
N VAL B 12 12.98 10.25 10.80
CA VAL B 12 12.36 10.46 12.10
C VAL B 12 13.38 11.18 12.99
N GLN B 13 12.86 11.84 14.04
CA GLN B 13 13.77 12.64 14.86
C GLN B 13 14.27 11.88 16.08
N PRO B 14 15.50 12.14 16.50
CA PRO B 14 16.01 11.53 17.73
C PRO B 14 15.06 11.75 18.90
N GLY B 15 14.68 10.67 19.56
CA GLY B 15 13.81 10.74 20.71
C GLY B 15 12.38 10.31 20.42
N GLU B 16 12.01 10.29 19.14
CA GLU B 16 10.66 9.93 18.71
C GLU B 16 10.46 8.42 18.77
N SER B 17 9.20 8.04 18.63
CA SER B 17 8.82 6.68 18.32
C SER B 17 8.48 6.57 16.84
N LEU B 18 8.38 5.32 16.39
CA LEU B 18 8.11 4.96 15.00
C LEU B 18 7.67 3.50 14.99
N ARG B 19 6.77 3.15 14.09
CA ARG B 19 6.29 1.78 14.06
C ARG B 19 6.41 1.21 12.67
N LEU B 20 7.19 0.15 12.53
CA LEU B 20 7.33 -0.59 11.28
C LEU B 20 6.35 -1.73 11.29
N SER B 21 5.97 -2.19 10.10
CA SER B 21 5.12 -3.38 10.00
C SER B 21 5.65 -4.25 8.87
N CYS B 22 5.26 -5.52 8.95
CA CYS B 22 5.66 -6.53 7.98
C CYS B 22 4.43 -7.31 7.56
N ALA B 23 4.08 -7.21 6.29
CA ALA B 23 2.96 -7.97 5.75
C ALA B 23 3.50 -9.30 5.24
N ALA B 24 2.83 -10.39 5.58
CA ALA B 24 3.28 -11.73 5.24
C ALA B 24 2.23 -12.39 4.37
N SER B 25 2.65 -12.89 3.22
CA SER B 25 1.79 -13.72 2.39
C SER B 25 2.55 -15.00 2.07
N GLY B 26 1.82 -16.03 1.74
CA GLY B 26 2.42 -17.27 1.28
C GLY B 26 2.41 -18.40 2.26
N PHE B 27 1.89 -18.21 3.49
CA PHE B 27 2.11 -19.24 4.49
C PHE B 27 1.29 -18.96 5.73
N ALA B 28 1.01 -20.03 6.50
CA ALA B 28 0.28 -19.92 7.76
C ALA B 28 1.15 -19.15 8.76
N PHE B 29 1.18 -17.83 8.57
CA PHE B 29 1.89 -16.87 9.40
C PHE B 29 1.70 -17.16 10.88
N ARG B 30 0.46 -17.47 11.27
CA ARG B 30 0.11 -17.68 12.67
C ARG B 30 0.83 -18.87 13.30
N THR B 31 1.49 -19.74 12.52
CA THR B 31 2.19 -20.86 13.14
C THR B 31 3.70 -20.65 13.26
N TYR B 32 4.24 -19.52 12.83
CA TYR B 32 5.69 -19.32 12.74
C TYR B 32 6.17 -18.23 13.69
N GLY B 33 7.35 -18.43 14.26
CA GLY B 33 8.07 -17.34 14.86
C GLY B 33 8.54 -16.38 13.79
N MET B 34 8.69 -15.11 14.20
CA MET B 34 9.13 -14.02 13.32
C MET B 34 10.20 -13.19 14.00
N HIS B 35 11.16 -12.73 13.20
CA HIS B 35 12.29 -11.96 13.66
C HIS B 35 12.28 -10.57 13.04
N TRP B 36 13.06 -9.66 13.65
CA TRP B 36 13.52 -8.43 13.01
C TRP B 36 15.03 -8.40 13.10
N VAL B 37 15.70 -8.21 11.96
CA VAL B 37 17.13 -8.02 11.90
C VAL B 37 17.43 -6.68 11.22
N ARG B 38 18.39 -5.92 11.75
CA ARG B 38 18.69 -4.63 11.17
C ARG B 38 20.13 -4.58 10.70
N GLN B 39 20.39 -3.62 9.83
CA GLN B 39 21.72 -3.43 9.26
C GLN B 39 21.93 -1.95 9.04
N ALA B 40 22.94 -1.39 9.79
CA ALA B 40 23.31 0.00 9.70
C ALA B 40 24.25 0.17 8.52
N PRO B 41 24.22 1.32 7.87
CA PRO B 41 24.99 1.52 6.63
C PRO B 41 26.44 1.07 6.79
N GLY B 42 26.86 0.15 5.93
CA GLY B 42 28.24 -0.36 5.98
C GLY B 42 28.57 -1.05 7.28
N LYS B 43 27.62 -1.82 7.81
CA LYS B 43 27.86 -2.60 9.01
C LYS B 43 27.17 -3.94 8.83
N GLY B 44 27.47 -4.86 9.75
CA GLY B 44 26.94 -6.20 9.65
C GLY B 44 25.49 -6.27 10.08
N LEU B 45 24.92 -7.46 9.92
CA LEU B 45 23.57 -7.67 10.43
C LEU B 45 23.58 -7.69 11.96
N GLU B 46 22.52 -7.14 12.55
CA GLU B 46 22.34 -7.12 14.00
C GLU B 46 20.91 -7.52 14.33
N TRP B 47 20.77 -8.55 15.16
CA TRP B 47 19.46 -9.10 15.46
C TRP B 47 18.71 -8.12 16.35
N VAL B 48 17.45 -7.83 16.01
CA VAL B 48 16.64 -6.93 16.82
C VAL B 48 15.78 -7.71 17.79
N GLY B 49 15.06 -8.71 17.31
CA GLY B 49 14.47 -9.67 18.22
C GLY B 49 13.57 -10.64 17.50
N VAL B 50 12.84 -11.42 18.30
CA VAL B 50 12.00 -12.49 17.79
C VAL B 50 10.69 -12.53 18.60
N ILE B 51 9.63 -12.96 17.92
CA ILE B 51 8.31 -13.07 18.51
C ILE B 51 7.86 -14.50 18.24
N TRP B 52 7.35 -15.17 19.26
CA TRP B 52 6.81 -16.51 19.04
C TRP B 52 5.46 -16.46 18.31
N TYR B 53 5.06 -17.62 17.80
CA TYR B 53 3.95 -17.73 16.85
C TYR B 53 2.63 -17.26 17.44
N ASP B 54 2.45 -17.39 18.76
CA ASP B 54 1.24 -16.92 19.43
C ASP B 54 1.42 -15.60 20.16
N GLY B 55 2.62 -15.00 20.13
CA GLY B 55 2.87 -13.77 20.85
C GLY B 55 3.03 -13.90 22.35
N SER B 56 3.32 -15.10 22.87
CA SER B 56 3.45 -15.27 24.32
C SER B 56 4.85 -14.93 24.83
N ASN B 57 5.90 -15.11 24.03
CA ASN B 57 7.23 -14.67 24.41
C ASN B 57 7.83 -13.85 23.30
N LYS B 58 8.65 -12.87 23.72
CA LYS B 58 9.47 -12.04 22.86
C LYS B 58 10.86 -11.95 23.48
N TYR B 59 11.88 -11.81 22.63
CA TYR B 59 13.27 -11.64 23.06
C TYR B 59 13.93 -10.62 22.15
N TYR B 60 14.75 -9.73 22.74
CA TYR B 60 15.35 -8.63 22.00
C TYR B 60 16.86 -8.61 22.16
N GLY B 61 17.54 -8.11 21.14
CA GLY B 61 18.98 -7.95 21.21
C GLY B 61 19.39 -6.87 22.21
N ASP B 62 20.68 -6.84 22.50
CA ASP B 62 21.17 -6.00 23.58
C ASP B 62 20.96 -4.52 23.29
N SER B 63 21.23 -4.09 22.05
CA SER B 63 21.20 -2.66 21.76
C SER B 63 19.80 -2.05 21.67
N VAL B 64 18.72 -2.84 21.60
CA VAL B 64 17.37 -2.27 21.58
C VAL B 64 16.52 -2.72 22.74
N LYS B 65 16.97 -3.69 23.52
CA LYS B 65 16.13 -4.13 24.62
C LYS B 65 15.90 -2.96 25.57
N GLY B 66 14.64 -2.75 25.92
CA GLY B 66 14.29 -1.60 26.72
C GLY B 66 13.53 -0.55 25.94
N ARG B 67 13.80 -0.43 24.64
CA ARG B 67 13.25 0.63 23.83
C ARG B 67 12.43 0.15 22.66
N PHE B 68 12.60 -1.08 22.22
CA PHE B 68 11.78 -1.60 21.13
C PHE B 68 10.84 -2.65 21.66
N THR B 69 9.72 -2.81 20.98
CA THR B 69 8.73 -3.80 21.34
C THR B 69 8.33 -4.53 20.08
N ILE B 70 8.12 -5.84 20.17
CA ILE B 70 7.63 -6.59 19.02
C ILE B 70 6.26 -7.15 19.35
N SER B 71 5.41 -7.28 18.34
CA SER B 71 4.04 -7.76 18.49
C SER B 71 3.51 -8.22 17.14
N ARG B 72 2.35 -8.88 17.14
CA ARG B 72 1.85 -9.42 15.89
C ARG B 72 0.32 -9.50 15.91
N ASP B 73 -0.28 -9.28 14.76
CA ASP B 73 -1.72 -9.46 14.57
C ASP B 73 -1.84 -10.69 13.67
N ASN B 74 -2.13 -11.84 14.25
CA ASN B 74 -2.22 -13.03 13.41
C ASN B 74 -3.45 -12.98 12.51
N SER B 75 -4.49 -12.27 12.95
CA SER B 75 -5.70 -12.11 12.15
C SER B 75 -5.42 -11.47 10.82
N GLN B 76 -4.34 -10.68 10.72
CA GLN B 76 -4.07 -9.92 9.52
C GLN B 76 -2.69 -10.20 8.95
N ASN B 77 -2.03 -11.27 9.42
CA ASN B 77 -0.75 -11.74 8.90
C ASN B 77 0.33 -10.65 8.93
N THR B 78 0.40 -9.93 10.05
CA THR B 78 1.19 -8.72 10.17
C THR B 78 2.07 -8.78 11.40
N LEU B 79 3.36 -8.53 11.19
CA LEU B 79 4.32 -8.38 12.27
C LEU B 79 4.61 -6.90 12.47
N TYR B 80 4.86 -6.49 13.72
CA TYR B 80 5.13 -5.07 14.02
C TYR B 80 6.39 -4.89 14.86
N LEU B 81 7.11 -3.79 14.61
CA LEU B 81 8.23 -3.37 15.45
C LEU B 81 7.93 -1.96 15.94
N GLN B 82 7.78 -1.79 17.25
CA GLN B 82 7.60 -0.48 17.86
C GLN B 82 8.94 0.02 18.40
N MET B 83 9.50 1.04 17.74
CA MET B 83 10.73 1.68 18.17
C MET B 83 10.43 2.95 18.97
N ASN B 84 11.07 3.08 20.13
CA ASN B 84 10.91 4.25 20.97
C ASN B 84 12.28 4.78 21.36
N SER B 85 12.36 6.07 21.64
CA SER B 85 13.62 6.69 22.05
C SER B 85 14.69 6.51 20.98
N LEU B 86 14.30 6.78 19.73
CA LEU B 86 15.20 6.56 18.62
C LEU B 86 16.49 7.36 18.82
N ARG B 87 17.60 6.67 18.66
CA ARG B 87 18.89 7.34 18.64
C ARG B 87 19.44 7.30 17.22
N ALA B 88 20.39 8.20 16.94
CA ALA B 88 21.01 8.22 15.63
C ALA B 88 21.49 6.83 15.22
N GLU B 89 22.10 6.11 16.16
CA GLU B 89 22.70 4.81 15.84
C GLU B 89 21.68 3.85 15.25
N ASP B 90 20.42 3.92 15.70
CA ASP B 90 19.31 3.11 15.21
C ASP B 90 19.04 3.20 13.70
N THR B 91 19.79 4.06 13.02
CA THR B 91 19.62 4.25 11.59
C THR B 91 20.04 2.99 10.87
N ALA B 92 19.10 2.33 10.19
CA ALA B 92 19.43 1.08 9.51
C ALA B 92 18.27 0.64 8.65
N VAL B 93 18.57 -0.27 7.73
CA VAL B 93 17.50 -1.05 7.13
C VAL B 93 17.04 -2.08 8.14
N TYR B 94 15.73 -2.15 8.36
CA TYR B 94 15.11 -3.13 9.25
C TYR B 94 14.48 -4.22 8.38
N TYR B 95 14.94 -5.46 8.58
CA TYR B 95 14.45 -6.61 7.85
C TYR B 95 13.57 -7.46 8.74
N CYS B 96 12.51 -7.95 8.13
CA CYS B 96 11.53 -8.87 8.68
C CYS B 96 11.95 -10.27 8.26
N ALA B 97 11.78 -11.27 9.12
CA ALA B 97 12.16 -12.62 8.65
C ALA B 97 11.45 -13.72 9.42
N ARG B 98 11.19 -14.82 8.71
CA ARG B 98 10.49 -15.97 9.27
C ARG B 98 11.46 -16.94 9.94
N ASN B 99 11.13 -17.36 11.16
CA ASN B 99 11.70 -18.57 11.75
C ASN B 99 11.24 -19.79 10.96
N GLY B 100 12.11 -20.28 10.06
CA GLY B 100 11.82 -21.46 9.26
C GLY B 100 11.22 -22.68 9.96
N GLU B 101 11.94 -23.30 10.89
CA GLU B 101 11.44 -24.47 11.60
C GLU B 101 10.52 -24.06 12.74
N ARG B 102 9.68 -25.01 13.17
CA ARG B 102 8.71 -24.85 14.25
C ARG B 102 8.88 -25.94 15.30
N TRP B 103 10.11 -26.06 15.82
CA TRP B 103 10.49 -27.16 16.71
C TRP B 103 10.07 -26.88 18.16
N ARG B 104 10.00 -27.94 18.97
CA ARG B 104 9.60 -27.78 20.36
C ARG B 104 10.42 -26.68 21.00
N VAL B 105 9.83 -26.00 21.99
CA VAL B 105 10.50 -24.83 22.56
C VAL B 105 11.87 -25.23 23.11
N GLU B 106 11.93 -26.33 23.87
CA GLU B 106 13.19 -26.76 24.48
C GLU B 106 14.31 -26.98 23.46
N ASP B 107 13.98 -27.21 22.19
CA ASP B 107 14.99 -27.31 21.15
C ASP B 107 14.84 -26.20 20.14
N TYR B 108 14.25 -25.08 20.54
CA TYR B 108 13.89 -24.08 19.56
C TYR B 108 15.08 -23.72 18.70
N TYR B 109 14.87 -23.70 17.38
CA TYR B 109 15.90 -23.36 16.40
C TYR B 109 15.52 -22.05 15.69
N TYR B 110 16.40 -21.05 15.79
CA TYR B 110 16.09 -19.70 15.40
C TYR B 110 16.57 -19.36 13.99
N GLY B 111 16.77 -20.34 13.11
CA GLY B 111 17.13 -20.01 11.74
C GLY B 111 16.07 -19.14 11.09
N MET B 112 16.47 -18.33 10.12
CA MET B 112 15.50 -17.56 9.35
C MET B 112 15.61 -17.93 7.90
N ASP B 113 14.55 -18.51 7.34
CA ASP B 113 14.66 -19.02 5.98
C ASP B 113 14.18 -18.05 4.92
N VAL B 114 13.36 -17.06 5.27
CA VAL B 114 12.83 -16.14 4.28
C VAL B 114 12.94 -14.74 4.85
N TRP B 115 13.41 -13.82 4.01
CA TRP B 115 13.72 -12.45 4.42
C TRP B 115 12.98 -11.50 3.50
N GLY B 116 12.49 -10.40 4.07
CA GLY B 116 11.85 -9.36 3.31
C GLY B 116 12.85 -8.49 2.59
N GLN B 117 12.31 -7.45 1.95
CA GLN B 117 13.10 -6.49 1.20
C GLN B 117 13.68 -5.40 2.09
N GLY B 118 13.16 -5.24 3.30
CA GLY B 118 13.69 -4.26 4.23
C GLY B 118 13.08 -2.88 4.05
N THR B 119 13.12 -2.09 5.13
CA THR B 119 12.61 -0.73 5.18
C THR B 119 13.65 0.18 5.85
N LEU B 120 13.89 1.36 5.28
CA LEU B 120 14.97 2.22 5.75
C LEU B 120 14.48 3.17 6.84
N VAL B 121 15.21 3.26 7.94
CA VAL B 121 14.92 4.24 8.98
C VAL B 121 16.13 5.16 9.13
N THR B 122 15.90 6.45 8.98
CA THR B 122 16.91 7.48 9.20
C THR B 122 16.49 8.27 10.43
N VAL B 123 17.29 8.18 11.50
CA VAL B 123 17.12 8.99 12.69
C VAL B 123 18.12 10.12 12.60
N SER B 124 17.61 11.35 12.58
CA SER B 124 18.40 12.54 12.32
C SER B 124 17.55 13.74 12.66
N SER B 125 18.19 14.79 13.16
CA SER B 125 17.47 16.02 13.40
C SER B 125 17.71 17.04 12.30
N ALA B 126 18.41 16.68 11.23
CA ALA B 126 18.59 17.60 10.11
C ALA B 126 17.26 17.81 9.39
N SER B 127 17.15 18.95 8.71
CA SER B 127 16.00 19.28 7.89
C SER B 127 16.24 18.89 6.45
N PHE B 128 15.17 18.58 5.73
CA PHE B 128 15.36 18.31 4.33
C PHE B 128 16.06 19.50 3.70
N LYS B 129 16.96 19.24 2.76
CA LYS B 129 17.66 20.31 2.07
C LYS B 129 18.15 19.78 0.73
N GLY B 130 17.93 20.55 -0.33
CA GLY B 130 18.51 20.22 -1.61
C GLY B 130 20.02 20.45 -1.64
N PRO B 131 20.71 19.74 -2.52
CA PRO B 131 22.17 19.84 -2.56
C PRO B 131 22.64 21.07 -3.31
N SER B 132 23.85 21.52 -2.96
CA SER B 132 24.60 22.45 -3.80
C SER B 132 25.49 21.63 -4.73
N VAL B 133 25.58 22.05 -5.99
CA VAL B 133 26.17 21.23 -7.04
C VAL B 133 27.25 22.06 -7.74
N PHE B 134 28.46 21.93 -7.30
CA PHE B 134 29.68 22.57 -7.79
C PHE B 134 30.40 21.66 -8.79
N PRO B 135 31.12 22.24 -9.76
CA PRO B 135 31.85 21.42 -10.74
C PRO B 135 33.22 20.94 -10.26
N LEU B 136 33.70 19.92 -10.97
CA LEU B 136 35.02 19.31 -10.81
C LEU B 136 35.63 19.40 -12.21
N ALA B 137 36.36 20.52 -12.46
CA ALA B 137 36.76 20.91 -13.81
C ALA B 137 38.10 20.29 -14.16
N PRO B 138 38.24 19.76 -15.38
CA PRO B 138 39.49 19.08 -15.75
C PRO B 138 40.66 20.06 -15.80
N SER B 139 41.85 19.53 -15.56
CA SER B 139 43.06 20.34 -15.59
C SER B 139 43.26 21.02 -16.95
N GLY B 146 45.56 12.34 -22.93
CA GLY B 146 44.60 11.68 -23.79
C GLY B 146 43.25 11.42 -23.14
N THR B 147 43.22 11.41 -21.82
CA THR B 147 41.98 11.26 -21.07
C THR B 147 41.92 12.34 -19.99
N ALA B 148 40.76 12.99 -19.88
CA ALA B 148 40.51 13.94 -18.81
C ALA B 148 39.33 13.48 -17.98
N ALA B 149 39.27 13.94 -16.74
CA ALA B 149 38.24 13.58 -15.79
C ALA B 149 37.59 14.86 -15.25
N LEU B 150 36.27 14.97 -15.40
CA LEU B 150 35.50 16.06 -14.85
C LEU B 150 34.35 15.46 -14.05
N GLY B 151 33.67 16.29 -13.28
CA GLY B 151 32.58 15.78 -12.49
C GLY B 151 31.78 16.89 -11.83
N CYS B 152 30.97 16.48 -10.86
CA CYS B 152 30.24 17.40 -10.00
C CYS B 152 30.36 16.92 -8.57
N LEU B 153 30.55 17.87 -7.67
CA LEU B 153 30.42 17.63 -6.24
C LEU B 153 29.00 18.00 -5.85
N VAL B 154 28.27 17.05 -5.24
CA VAL B 154 26.90 17.25 -4.79
C VAL B 154 26.92 17.34 -3.26
N LYS B 155 26.79 18.56 -2.73
CA LYS B 155 27.18 18.83 -1.35
C LYS B 155 26.02 19.39 -0.52
N ASP B 156 25.97 18.91 0.73
CA ASP B 156 25.05 19.36 1.79
C ASP B 156 23.58 19.20 1.39
N TYR B 157 23.20 17.94 1.17
CA TYR B 157 21.80 17.60 1.02
C TYR B 157 21.38 16.61 2.11
N PHE B 158 20.08 16.56 2.37
CA PHE B 158 19.50 15.61 3.28
C PHE B 158 18.05 15.39 2.87
N PRO B 159 17.53 14.17 2.96
CA PRO B 159 18.17 12.93 3.36
C PRO B 159 18.68 12.25 2.11
N GLU B 160 19.22 11.05 2.20
CA GLU B 160 19.44 10.33 0.95
C GLU B 160 18.08 9.95 0.38
N PRO B 161 18.00 9.72 -0.92
CA PRO B 161 19.08 9.72 -1.90
C PRO B 161 18.95 10.78 -2.96
N VAL B 162 20.11 11.11 -3.53
CA VAL B 162 20.22 11.86 -4.76
C VAL B 162 20.62 10.88 -5.86
N THR B 163 20.31 11.24 -7.09
CA THR B 163 20.78 10.47 -8.25
C THR B 163 21.41 11.43 -9.22
N VAL B 164 22.43 10.98 -9.92
CA VAL B 164 23.10 11.84 -10.87
C VAL B 164 23.23 11.11 -12.20
N SER B 165 23.28 11.90 -13.28
CA SER B 165 23.39 11.41 -14.64
C SER B 165 24.24 12.40 -15.42
N TRP B 166 24.57 12.06 -16.66
CA TRP B 166 25.32 12.98 -17.50
C TRP B 166 24.63 13.10 -18.86
N ASN B 167 24.61 14.31 -19.41
CA ASN B 167 23.97 14.57 -20.70
C ASN B 167 22.65 13.84 -20.77
N SER B 168 21.65 14.32 -20.02
CA SER B 168 20.43 13.55 -19.78
C SER B 168 20.79 12.10 -19.49
N GLY B 169 20.61 11.22 -20.46
CA GLY B 169 21.02 9.85 -20.22
C GLY B 169 21.99 9.33 -21.25
N ALA B 170 22.69 10.26 -21.92
CA ALA B 170 23.55 9.88 -23.05
C ALA B 170 24.91 9.37 -22.58
N LEU B 171 25.66 10.21 -21.88
CA LEU B 171 26.96 9.83 -21.33
C LEU B 171 26.76 8.80 -20.22
N THR B 172 26.91 7.53 -20.57
CA THR B 172 26.82 6.44 -19.60
C THR B 172 28.16 5.77 -19.33
N SER B 173 28.96 5.50 -20.36
CA SER B 173 30.20 4.76 -20.16
C SER B 173 31.26 5.61 -19.48
N GLY B 174 31.99 4.97 -18.56
CA GLY B 174 33.07 5.62 -17.85
C GLY B 174 32.64 6.58 -16.76
N VAL B 175 31.43 6.42 -16.23
CA VAL B 175 30.91 7.25 -15.16
C VAL B 175 31.10 6.50 -13.85
N HIS B 176 31.39 7.23 -12.78
CA HIS B 176 31.45 6.66 -11.44
C HIS B 176 30.78 7.64 -10.50
N THR B 177 29.71 7.23 -9.85
CA THR B 177 29.09 8.03 -8.79
C THR B 177 29.31 7.35 -7.45
N PHE B 178 29.85 8.10 -6.52
CA PHE B 178 30.36 7.48 -5.31
C PHE B 178 29.27 7.40 -4.25
N PRO B 179 29.42 6.47 -3.30
CA PRO B 179 28.49 6.45 -2.18
C PRO B 179 28.59 7.75 -1.41
N ALA B 180 27.44 8.27 -1.01
CA ALA B 180 27.48 9.48 -0.22
C ALA B 180 28.24 9.22 1.07
N VAL B 181 28.75 10.28 1.66
CA VAL B 181 29.20 10.20 3.04
C VAL B 181 28.42 11.22 3.85
N LEU B 182 28.15 10.84 5.09
CA LEU B 182 27.55 11.73 6.08
C LEU B 182 28.65 12.59 6.69
N GLN B 183 28.39 13.91 6.76
CA GLN B 183 29.29 14.84 7.43
C GLN B 183 28.78 15.09 8.85
N SER B 184 29.69 15.65 9.66
CA SER B 184 29.32 16.05 11.03
C SER B 184 28.16 17.04 11.01
N SER B 185 28.02 17.84 9.95
CA SER B 185 26.88 18.74 9.90
C SER B 185 25.54 18.00 9.88
N GLY B 186 25.53 16.69 9.68
CA GLY B 186 24.29 15.97 9.49
C GLY B 186 23.86 15.86 8.03
N LEU B 187 24.55 16.51 7.13
CA LEU B 187 24.22 16.60 5.72
C LEU B 187 25.06 15.63 4.92
N TYR B 188 24.54 15.22 3.78
CA TYR B 188 25.25 14.25 2.97
C TYR B 188 25.99 14.97 1.86
N SER B 189 26.99 14.29 1.33
CA SER B 189 27.70 14.84 0.19
C SER B 189 28.29 13.67 -0.58
N LEU B 190 28.46 13.88 -1.89
CA LEU B 190 28.82 12.82 -2.80
C LEU B 190 29.40 13.48 -4.04
N SER B 191 30.15 12.73 -4.81
CA SER B 191 30.73 13.26 -6.03
C SER B 191 30.50 12.27 -7.16
N SER B 192 30.41 12.79 -8.38
CA SER B 192 30.23 11.96 -9.55
C SER B 192 31.15 12.44 -10.65
N VAL B 193 31.84 11.51 -11.31
CA VAL B 193 32.84 11.85 -12.31
C VAL B 193 32.73 10.92 -13.51
N VAL B 194 33.17 11.42 -14.67
CA VAL B 194 33.27 10.64 -15.89
C VAL B 194 34.57 11.02 -16.59
N THR B 195 35.25 10.03 -17.15
CA THR B 195 36.41 10.26 -17.97
C THR B 195 35.98 10.42 -19.42
N VAL B 196 36.54 11.43 -20.09
CA VAL B 196 36.31 11.65 -21.52
C VAL B 196 37.65 11.91 -22.19
N PRO B 197 37.72 11.74 -23.51
CA PRO B 197 38.91 12.17 -24.25
C PRO B 197 39.12 13.67 -24.08
N SER B 198 40.31 14.05 -23.62
CA SER B 198 40.63 15.48 -23.57
C SER B 198 40.30 16.15 -24.91
N SER B 199 40.27 15.37 -25.99
CA SER B 199 39.83 15.81 -27.31
C SER B 199 38.45 16.47 -27.29
N SER B 200 37.39 15.70 -27.02
CA SER B 200 36.03 16.22 -26.99
C SER B 200 35.91 17.47 -26.12
N LEU B 201 36.87 17.71 -25.24
CA LEU B 201 36.84 18.81 -24.30
C LEU B 201 36.81 20.16 -25.01
N GLY B 202 35.61 20.67 -25.33
CA GLY B 202 35.49 21.91 -26.05
C GLY B 202 34.43 21.83 -27.14
N THR B 203 34.19 20.60 -27.62
CA THR B 203 33.19 20.36 -28.65
C THR B 203 31.90 19.80 -28.04
N GLN B 204 31.93 18.56 -27.57
CA GLN B 204 30.81 18.02 -26.79
C GLN B 204 30.79 18.66 -25.42
N THR B 205 29.59 19.06 -24.99
CA THR B 205 29.40 19.69 -23.69
C THR B 205 28.95 18.65 -22.67
N TYR B 206 29.38 18.83 -21.42
CA TYR B 206 29.11 17.90 -20.34
C TYR B 206 28.43 18.63 -19.19
N ILE B 207 27.14 18.36 -19.00
CA ILE B 207 26.37 18.82 -17.85
C ILE B 207 25.92 17.58 -17.07
N CYS B 208 25.99 17.67 -15.74
CA CYS B 208 25.49 16.60 -14.89
C CYS B 208 24.11 16.98 -14.35
N ASN B 209 23.26 15.99 -14.19
CA ASN B 209 21.88 16.19 -13.78
C ASN B 209 21.70 15.57 -12.41
N VAL B 210 21.40 16.40 -11.41
CA VAL B 210 21.28 15.93 -10.04
C VAL B 210 19.82 15.99 -9.66
N ASN B 211 19.28 14.87 -9.20
CA ASN B 211 17.90 14.74 -8.73
C ASN B 211 17.90 14.44 -7.25
N HIS B 212 17.23 15.27 -6.45
CA HIS B 212 17.03 15.00 -5.03
C HIS B 212 15.53 15.01 -4.75
N LYS B 213 14.83 13.98 -5.23
CA LYS B 213 13.38 13.91 -5.06
C LYS B 213 12.94 14.27 -3.63
N PRO B 214 13.58 13.77 -2.56
CA PRO B 214 13.03 14.01 -1.22
C PRO B 214 12.80 15.49 -0.92
N SER B 215 13.45 16.39 -1.66
CA SER B 215 13.32 17.82 -1.43
C SER B 215 12.84 18.52 -2.69
N ASN B 216 12.51 17.75 -3.73
CA ASN B 216 11.90 18.29 -4.94
C ASN B 216 12.86 19.24 -5.63
N THR B 217 14.15 18.89 -5.58
CA THR B 217 15.22 19.74 -6.07
C THR B 217 15.93 19.07 -7.24
N LYS B 218 16.02 19.79 -8.35
CA LYS B 218 16.70 19.29 -9.54
C LYS B 218 17.71 20.34 -9.95
N VAL B 219 18.89 19.90 -10.39
CA VAL B 219 19.97 20.83 -10.73
C VAL B 219 20.78 20.27 -11.89
N ASP B 220 21.07 21.12 -12.86
CA ASP B 220 21.88 20.75 -14.03
C ASP B 220 23.05 21.72 -14.09
N LYS B 221 24.26 21.22 -13.82
CA LYS B 221 25.46 22.03 -13.89
C LYS B 221 26.26 21.65 -15.13
N LYS B 222 26.82 22.66 -15.79
CA LYS B 222 27.70 22.46 -16.94
C LYS B 222 29.14 22.50 -16.46
N VAL B 223 29.99 21.66 -17.05
CA VAL B 223 31.38 21.59 -16.65
C VAL B 223 32.33 21.39 -17.83
N GLU C 1 25.79 -15.13 26.32
CA GLU C 1 25.84 -14.44 25.04
C GLU C 1 26.91 -15.07 24.16
N ILE C 2 26.47 -15.88 23.20
CA ILE C 2 27.40 -16.47 22.27
C ILE C 2 28.02 -15.40 21.38
N VAL C 3 29.33 -15.33 21.38
CA VAL C 3 30.05 -14.49 20.43
C VAL C 3 30.42 -15.33 19.22
N MET C 4 30.34 -14.71 18.05
CA MET C 4 30.70 -15.35 16.79
C MET C 4 31.85 -14.58 16.16
N THR C 5 32.89 -15.29 15.75
CA THR C 5 34.09 -14.68 15.17
C THR C 5 34.34 -15.35 13.83
N GLN C 6 34.22 -14.57 12.75
CA GLN C 6 34.48 -15.06 11.40
C GLN C 6 35.84 -14.59 10.93
N SER C 7 36.35 -15.31 9.94
CA SER C 7 37.60 -14.94 9.29
C SER C 7 37.67 -15.65 7.96
N PRO C 8 38.31 -15.07 6.96
CA PRO C 8 38.87 -13.72 6.95
C PRO C 8 37.74 -12.72 6.79
N LEU C 9 37.99 -11.41 6.94
CA LEU C 9 36.92 -10.45 6.77
C LEU C 9 36.80 -10.01 5.32
N SER C 10 37.85 -10.22 4.53
CA SER C 10 37.90 -9.88 3.12
C SER C 10 38.52 -11.06 2.39
N LEU C 11 37.88 -11.50 1.31
CA LEU C 11 38.28 -12.72 0.62
C LEU C 11 38.24 -12.52 -0.90
N PRO C 12 39.34 -12.06 -1.49
CA PRO C 12 39.42 -12.00 -2.95
C PRO C 12 39.64 -13.40 -3.52
N VAL C 13 38.76 -13.81 -4.45
CA VAL C 13 38.84 -15.12 -5.08
C VAL C 13 38.92 -14.95 -6.59
N THR C 14 39.84 -15.68 -7.22
CA THR C 14 39.88 -15.72 -8.68
C THR C 14 38.70 -16.55 -9.17
N PRO C 15 37.96 -16.08 -10.17
CA PRO C 15 36.81 -16.85 -10.64
C PRO C 15 37.23 -18.28 -10.94
N GLY C 16 36.32 -19.22 -10.67
CA GLY C 16 36.60 -20.63 -10.92
C GLY C 16 37.46 -21.31 -9.88
N GLU C 17 37.98 -20.58 -8.91
CA GLU C 17 38.82 -21.13 -7.86
C GLU C 17 38.02 -21.31 -6.58
N PRO C 18 38.51 -22.14 -5.66
CA PRO C 18 37.78 -22.39 -4.41
C PRO C 18 37.96 -21.28 -3.38
N ALA C 19 37.10 -21.33 -2.37
CA ALA C 19 37.03 -20.32 -1.33
C ALA C 19 36.58 -20.97 -0.03
N SER C 20 37.12 -20.48 1.09
CA SER C 20 36.82 -21.05 2.38
C SER C 20 36.65 -19.93 3.40
N ILE C 21 35.65 -20.06 4.26
CA ILE C 21 35.35 -19.07 5.29
C ILE C 21 35.21 -19.80 6.60
N SER C 22 35.65 -19.17 7.69
CA SER C 22 35.66 -19.81 8.98
C SER C 22 34.79 -19.05 9.97
N CYS C 23 34.20 -19.79 10.88
CA CYS C 23 33.35 -19.20 11.90
C CYS C 23 33.65 -19.95 13.17
N ARG C 24 34.00 -19.22 14.22
CA ARG C 24 34.13 -19.85 15.52
C ARG C 24 33.08 -19.23 16.45
N SER C 25 32.74 -19.99 17.48
CA SER C 25 31.62 -19.76 18.35
C SER C 25 32.07 -19.81 19.80
N SER C 26 31.67 -18.83 20.61
CA SER C 26 32.15 -18.85 22.00
C SER C 26 31.60 -20.04 22.79
N GLN C 27 30.55 -20.70 22.31
CA GLN C 27 29.95 -21.85 22.99
C GLN C 27 29.67 -22.94 21.97
N SER C 28 29.56 -24.18 22.45
CA SER C 28 29.18 -25.26 21.54
C SER C 28 27.81 -24.95 20.93
N LEU C 29 27.68 -25.17 19.62
CA LEU C 29 26.40 -25.06 18.93
C LEU C 29 25.72 -26.42 18.73
N LEU C 30 26.33 -27.50 19.19
CA LEU C 30 25.77 -28.83 18.97
C LEU C 30 24.73 -29.07 20.05
N HIS C 31 23.47 -29.20 19.63
CA HIS C 31 22.37 -29.50 20.55
C HIS C 31 22.29 -31.01 20.78
N SER C 32 21.47 -31.39 21.78
CA SER C 32 21.36 -32.79 22.17
C SER C 32 20.66 -33.65 21.12
N ASN C 33 20.10 -33.06 20.08
CA ASN C 33 19.51 -33.83 19.00
C ASN C 33 20.47 -34.02 17.84
N ALA C 34 21.77 -33.94 18.08
CA ALA C 34 22.77 -34.15 17.04
C ALA C 34 22.84 -33.06 16.01
N HIS C 35 22.07 -31.99 16.14
CA HIS C 35 22.13 -30.89 15.19
C HIS C 35 23.08 -29.79 15.68
N ASN C 36 23.84 -29.18 14.76
CA ASN C 36 24.55 -27.92 15.04
C ASN C 36 23.70 -26.72 14.60
N TYR C 37 23.30 -25.92 15.58
CA TYR C 37 22.45 -24.76 15.34
C TYR C 37 23.31 -23.61 14.84
N LEU C 38 23.83 -23.77 13.62
CA LEU C 38 24.66 -22.76 12.97
C LEU C 38 24.17 -22.57 11.54
N ASP C 39 23.86 -21.33 11.17
CA ASP C 39 23.43 -20.97 9.82
C ASP C 39 24.46 -20.09 9.13
N TRP C 40 24.41 -20.13 7.81
CA TRP C 40 25.17 -19.22 6.95
C TRP C 40 24.19 -18.42 6.09
N TYR C 41 24.36 -17.10 6.08
CA TYR C 41 23.58 -16.23 5.20
C TYR C 41 24.51 -15.52 4.22
N LEU C 42 23.97 -15.27 3.03
CA LEU C 42 24.64 -14.46 2.03
C LEU C 42 23.85 -13.17 1.79
N GLN C 43 24.56 -12.07 1.62
CA GLN C 43 23.95 -10.81 1.21
C GLN C 43 24.69 -10.33 -0.03
N LYS C 44 24.05 -10.52 -1.18
CA LYS C 44 24.55 -9.99 -2.42
C LYS C 44 24.38 -8.47 -2.43
N PRO C 45 25.26 -7.77 -3.12
CA PRO C 45 25.21 -6.30 -3.13
C PRO C 45 23.80 -5.81 -3.43
N GLY C 46 23.33 -4.88 -2.58
CA GLY C 46 22.02 -4.26 -2.76
C GLY C 46 20.83 -5.16 -2.56
N GLN C 47 21.04 -6.41 -2.13
CA GLN C 47 19.93 -7.32 -1.89
C GLN C 47 19.77 -7.63 -0.38
N SER C 48 18.63 -8.18 -0.02
CA SER C 48 18.49 -8.70 1.33
C SER C 48 19.43 -9.89 1.59
N PRO C 49 19.70 -10.20 2.86
CA PRO C 49 20.29 -11.50 3.16
C PRO C 49 19.38 -12.61 2.66
N GLN C 50 19.98 -13.75 2.35
CA GLN C 50 19.24 -14.97 1.99
C GLN C 50 19.88 -16.17 2.70
N LEU C 51 19.03 -17.14 3.03
CA LEU C 51 19.53 -18.36 3.62
C LEU C 51 20.42 -19.09 2.64
N LEU C 52 21.58 -19.54 3.13
CA LEU C 52 22.52 -20.37 2.36
C LEU C 52 22.66 -21.78 2.94
N ILE C 53 23.09 -21.90 4.20
CA ILE C 53 23.29 -23.17 4.87
C ILE C 53 22.54 -23.12 6.20
N TYR C 54 21.75 -24.15 6.51
CA TYR C 54 21.12 -24.20 7.83
C TYR C 54 21.51 -25.48 8.56
N LEU C 55 21.45 -25.43 9.89
CA LEU C 55 21.89 -26.54 10.74
C LEU C 55 23.26 -27.05 10.29
N GLY C 56 24.22 -26.14 10.29
CA GLY C 56 25.59 -26.56 10.06
C GLY C 56 25.92 -27.00 8.65
N SER C 57 25.18 -27.98 8.10
CA SER C 57 25.65 -28.52 6.83
C SER C 57 24.61 -28.65 5.71
N ASN C 58 23.37 -28.20 5.90
CA ASN C 58 22.30 -28.41 4.93
C ASN C 58 22.19 -27.25 3.93
N ARG C 59 22.32 -27.55 2.63
CA ARG C 59 22.03 -26.58 1.57
C ARG C 59 20.55 -26.29 1.53
N ALA C 60 20.19 -25.04 1.81
CA ALA C 60 18.81 -24.62 1.82
C ALA C 60 18.21 -24.68 0.40
N SER C 61 16.87 -24.62 0.35
CA SER C 61 16.16 -24.57 -0.93
C SER C 61 16.88 -23.67 -1.93
N GLY C 62 17.19 -24.21 -3.09
CA GLY C 62 17.73 -23.43 -4.17
C GLY C 62 19.23 -23.31 -4.24
N VAL C 63 19.93 -23.59 -3.15
CA VAL C 63 21.38 -23.37 -3.07
C VAL C 63 22.13 -24.42 -3.91
N PRO C 64 22.94 -23.98 -4.87
CA PRO C 64 23.64 -24.94 -5.74
C PRO C 64 24.63 -25.78 -4.97
N ASP C 65 25.19 -26.75 -5.68
CA ASP C 65 26.05 -27.75 -5.06
C ASP C 65 27.45 -27.24 -4.73
N ARG C 66 27.88 -26.13 -5.33
CA ARG C 66 29.26 -25.67 -5.09
C ARG C 66 29.44 -25.15 -3.66
N PHE C 67 28.37 -24.79 -2.98
CA PHE C 67 28.44 -24.43 -1.58
C PHE C 67 28.34 -25.67 -0.71
N SER C 68 29.06 -25.68 0.39
CA SER C 68 28.76 -26.65 1.43
C SER C 68 29.26 -26.12 2.76
N GLY C 69 28.69 -26.66 3.82
CA GLY C 69 28.98 -26.22 5.17
C GLY C 69 29.35 -27.43 6.01
N SER C 70 30.23 -27.20 6.97
CA SER C 70 30.75 -28.27 7.80
C SER C 70 31.19 -27.71 9.14
N GLY C 71 31.55 -28.62 10.02
CA GLY C 71 31.99 -28.28 11.35
C GLY C 71 31.19 -28.97 12.42
N SER C 72 31.60 -28.72 13.66
CA SER C 72 30.99 -29.36 14.81
C SER C 72 31.35 -28.53 16.04
N GLY C 73 30.46 -28.53 17.03
CA GLY C 73 30.71 -27.87 18.29
C GLY C 73 30.86 -26.36 18.16
N THR C 74 32.11 -25.88 18.20
CA THR C 74 32.38 -24.46 17.98
C THR C 74 33.02 -24.12 16.65
N ASP C 75 33.40 -25.10 15.82
CA ASP C 75 34.22 -24.79 14.66
C ASP C 75 33.48 -25.15 13.38
N PHE C 76 33.25 -24.14 12.54
CA PHE C 76 32.41 -24.26 11.36
C PHE C 76 33.10 -23.64 10.16
N THR C 77 32.72 -24.10 8.97
CA THR C 77 33.40 -23.67 7.75
C THR C 77 32.42 -23.72 6.58
N LEU C 78 32.53 -22.69 5.73
CA LEU C 78 31.75 -22.59 4.49
C LEU C 78 32.72 -22.66 3.33
N LYS C 79 32.56 -23.65 2.48
CA LYS C 79 33.40 -23.81 1.30
C LYS C 79 32.56 -23.52 0.07
N ILE C 80 33.14 -22.75 -0.85
CA ILE C 80 32.62 -22.66 -2.21
C ILE C 80 33.66 -23.32 -3.08
N SER C 81 33.25 -24.34 -3.82
CA SER C 81 34.22 -25.17 -4.50
C SER C 81 34.81 -24.50 -5.73
N ARG C 82 34.06 -23.60 -6.36
CA ARG C 82 34.51 -23.02 -7.62
C ARG C 82 33.75 -21.70 -7.79
N VAL C 83 34.37 -20.60 -7.36
CA VAL C 83 33.65 -19.34 -7.19
C VAL C 83 33.18 -18.80 -8.51
N GLU C 84 31.94 -18.35 -8.55
CA GLU C 84 31.35 -17.70 -9.71
C GLU C 84 31.16 -16.21 -9.44
N ALA C 85 31.04 -15.43 -10.51
CA ALA C 85 30.83 -13.99 -10.34
C ALA C 85 29.61 -13.71 -9.47
N GLU C 86 28.52 -14.45 -9.68
CA GLU C 86 27.28 -14.22 -8.98
C GLU C 86 27.39 -14.47 -7.49
N ASP C 87 28.55 -14.93 -7.02
CA ASP C 87 28.70 -15.35 -5.63
C ASP C 87 29.27 -14.26 -4.76
N VAL C 88 29.62 -13.10 -5.32
CA VAL C 88 30.20 -12.04 -4.49
C VAL C 88 29.11 -11.42 -3.59
N GLY C 89 29.56 -10.87 -2.49
CA GLY C 89 28.66 -10.44 -1.43
C GLY C 89 29.35 -10.61 -0.08
N ILE C 90 28.54 -10.54 0.98
CA ILE C 90 29.02 -10.67 2.34
C ILE C 90 28.38 -11.89 2.97
N TYR C 91 29.20 -12.86 3.38
CA TYR C 91 28.72 -14.05 4.05
C TYR C 91 28.67 -13.82 5.56
N TYR C 92 27.54 -14.16 6.16
CA TYR C 92 27.38 -14.08 7.60
C TYR C 92 27.11 -15.47 8.13
N CYS C 93 27.86 -15.85 9.15
CA CYS C 93 27.46 -16.99 9.95
C CYS C 93 26.64 -16.45 11.10
N MET C 94 25.78 -17.29 11.64
CA MET C 94 24.94 -16.88 12.75
C MET C 94 24.60 -18.11 13.60
N GLN C 95 24.77 -18.00 14.91
CA GLN C 95 24.33 -19.07 15.79
C GLN C 95 22.82 -18.96 15.93
N ALA C 96 22.16 -20.10 15.86
CA ALA C 96 20.71 -20.13 15.93
C ALA C 96 20.23 -20.79 17.22
N LEU C 97 21.02 -20.74 18.26
CA LEU C 97 20.77 -21.64 19.40
C LEU C 97 20.14 -20.92 20.57
N GLN C 98 20.64 -19.73 20.89
CA GLN C 98 20.31 -19.08 22.16
C GLN C 98 20.11 -17.57 22.01
N THR C 99 19.01 -17.05 22.59
CA THR C 99 18.82 -15.61 22.46
C THR C 99 19.75 -14.88 23.43
N PRO C 100 20.29 -13.73 23.03
CA PRO C 100 20.05 -13.00 21.77
C PRO C 100 20.75 -13.59 20.54
N ILE C 101 20.06 -13.78 19.43
CA ILE C 101 20.72 -14.32 18.25
C ILE C 101 21.86 -13.40 17.87
N THR C 102 23.01 -13.96 17.54
CA THR C 102 24.17 -13.15 17.16
C THR C 102 24.78 -13.64 15.85
N PHE C 103 25.54 -12.76 15.22
CA PHE C 103 26.10 -12.94 13.89
C PHE C 103 27.63 -12.79 13.92
N GLY C 104 28.28 -13.44 12.96
CA GLY C 104 29.66 -13.10 12.66
C GLY C 104 29.74 -11.72 12.03
N GLN C 105 30.96 -11.19 11.94
CA GLN C 105 31.21 -9.85 11.45
C GLN C 105 30.94 -9.77 9.98
N GLY C 106 30.98 -10.91 9.30
CA GLY C 106 30.79 -10.88 7.87
C GLY C 106 32.10 -10.96 7.12
N THR C 107 32.14 -11.84 6.14
CA THR C 107 33.26 -12.00 5.23
C THR C 107 32.85 -11.52 3.86
N ARG C 108 33.56 -10.52 3.36
CA ARG C 108 33.24 -9.89 2.09
C ARG C 108 33.99 -10.65 1.00
N LEU C 109 33.25 -11.35 0.16
CA LEU C 109 33.84 -12.10 -0.94
C LEU C 109 33.85 -11.22 -2.20
N GLU C 110 35.02 -11.06 -2.80
CA GLU C 110 35.17 -10.20 -3.97
C GLU C 110 35.96 -10.94 -5.03
N ILE C 111 35.90 -10.43 -6.26
CA ILE C 111 36.62 -11.02 -7.39
C ILE C 111 38.08 -10.56 -7.37
N LYS C 112 39.00 -11.52 -7.56
CA LYS C 112 40.43 -11.24 -7.61
C LYS C 112 40.88 -11.14 -9.07
N ARG C 113 41.63 -10.09 -9.38
CA ARG C 113 42.25 -9.88 -10.69
C ARG C 113 43.70 -9.48 -10.48
N THR C 114 44.43 -9.39 -11.59
CA THR C 114 45.77 -8.83 -11.53
C THR C 114 45.72 -7.36 -11.13
N VAL C 115 46.78 -6.88 -10.48
CA VAL C 115 46.77 -5.49 -10.04
C VAL C 115 46.59 -4.56 -11.25
N ALA C 116 46.08 -3.37 -10.97
CA ALA C 116 45.88 -2.34 -11.98
C ALA C 116 46.04 -0.99 -11.28
N ALA C 117 46.79 -0.05 -11.96
CA ALA C 117 47.17 1.16 -11.24
C ALA C 117 46.07 2.22 -11.32
N PRO C 118 45.98 3.06 -10.27
CA PRO C 118 44.95 4.10 -10.21
C PRO C 118 45.31 5.36 -10.98
N SER C 119 44.79 5.53 -12.18
CA SER C 119 44.87 6.83 -12.86
C SER C 119 44.35 7.94 -11.95
N VAL C 120 45.25 8.82 -11.48
CA VAL C 120 44.91 9.83 -10.48
C VAL C 120 44.67 11.17 -11.14
N PHE C 121 43.57 11.84 -10.73
CA PHE C 121 43.24 13.20 -11.12
C PHE C 121 42.94 14.03 -9.88
N ILE C 122 43.25 15.34 -9.95
CA ILE C 122 42.97 16.25 -8.85
C ILE C 122 42.13 17.40 -9.38
N PHE C 123 41.27 17.93 -8.50
CA PHE C 123 40.27 18.97 -8.79
C PHE C 123 40.33 20.06 -7.73
N PRO C 124 40.43 21.32 -8.14
CA PRO C 124 40.43 22.42 -7.19
C PRO C 124 39.00 22.86 -6.89
N PRO C 125 38.80 23.64 -5.83
CA PRO C 125 37.44 24.08 -5.49
C PRO C 125 36.89 24.93 -6.62
N SER C 126 35.56 24.93 -6.76
CA SER C 126 34.86 25.74 -7.74
C SER C 126 34.88 27.22 -7.32
N ASP C 127 34.67 28.11 -8.31
CA ASP C 127 34.48 29.51 -7.97
C ASP C 127 33.17 29.72 -7.23
N GLU C 128 32.10 29.05 -7.68
CA GLU C 128 30.83 29.08 -6.96
C GLU C 128 31.02 28.61 -5.52
N GLN C 129 31.66 27.45 -5.33
CA GLN C 129 31.82 26.94 -3.98
C GLN C 129 32.71 27.88 -3.15
N LEU C 130 33.80 28.38 -3.74
CA LEU C 130 34.65 29.32 -3.02
C LEU C 130 33.84 30.53 -2.57
N LYS C 131 33.01 31.08 -3.48
CA LYS C 131 32.19 32.26 -3.14
C LYS C 131 31.27 32.02 -1.95
N SER C 132 31.07 30.76 -1.57
CA SER C 132 30.34 30.41 -0.36
C SER C 132 31.19 30.72 0.88
N GLY C 133 31.52 29.69 1.64
CA GLY C 133 32.43 29.84 2.76
C GLY C 133 33.55 28.81 2.80
N THR C 134 33.32 27.63 2.21
CA THR C 134 34.21 26.49 2.32
C THR C 134 34.78 26.11 0.96
N ALA C 135 35.84 25.29 1.00
CA ALA C 135 36.53 24.79 -0.18
C ALA C 135 36.61 23.27 -0.12
N SER C 136 36.33 22.63 -1.25
CA SER C 136 36.36 21.18 -1.33
C SER C 136 37.31 20.79 -2.46
N VAL C 137 38.40 20.09 -2.11
CA VAL C 137 39.40 19.63 -3.07
C VAL C 137 39.26 18.11 -3.19
N VAL C 138 39.20 17.62 -4.42
CA VAL C 138 38.76 16.26 -4.70
C VAL C 138 39.87 15.55 -5.46
N CYS C 139 40.27 14.38 -4.95
CA CYS C 139 41.23 13.51 -5.60
C CYS C 139 40.49 12.25 -6.04
N LEU C 140 40.65 11.89 -7.31
CA LEU C 140 39.98 10.72 -7.87
C LEU C 140 41.00 9.63 -8.18
N LEU C 141 40.64 8.38 -7.90
CA LEU C 141 41.44 7.21 -8.24
C LEU C 141 40.56 6.32 -9.09
N ASN C 142 40.95 6.12 -10.35
CA ASN C 142 40.05 5.53 -11.33
C ASN C 142 40.54 4.13 -11.71
N ASN C 143 39.69 3.12 -11.45
CA ASN C 143 39.86 1.76 -11.95
C ASN C 143 41.23 1.14 -11.58
N PHE C 144 41.35 0.82 -10.30
CA PHE C 144 42.55 0.16 -9.79
C PHE C 144 42.19 -1.16 -9.10
N TYR C 145 43.21 -1.98 -8.87
CA TYR C 145 43.05 -3.21 -8.11
C TYR C 145 44.38 -3.61 -7.52
N PRO C 146 44.43 -4.05 -6.25
CA PRO C 146 43.32 -4.20 -5.31
C PRO C 146 42.77 -2.88 -4.85
N ARG C 147 41.96 -2.92 -3.79
CA ARG C 147 41.26 -1.73 -3.33
C ARG C 147 42.06 -0.97 -2.27
N GLU C 148 42.95 -1.66 -1.55
CA GLU C 148 43.85 -0.98 -0.63
C GLU C 148 44.58 0.15 -1.34
N ALA C 149 44.44 1.37 -0.81
CA ALA C 149 45.05 2.54 -1.41
C ALA C 149 45.56 3.50 -0.34
N LYS C 150 46.75 4.09 -0.59
CA LYS C 150 47.35 5.15 0.24
C LYS C 150 47.18 6.49 -0.46
N VAL C 151 46.18 7.26 -0.04
CA VAL C 151 45.89 8.59 -0.61
C VAL C 151 46.38 9.65 0.37
N GLN C 152 47.37 10.45 -0.03
CA GLN C 152 47.98 11.46 0.82
C GLN C 152 47.73 12.86 0.28
N TRP C 153 47.29 13.76 1.17
CA TRP C 153 46.94 15.14 0.83
C TRP C 153 48.07 16.10 1.19
N LYS C 154 48.57 16.84 0.20
CA LYS C 154 49.67 17.77 0.38
C LYS C 154 49.17 19.20 0.17
N VAL C 155 49.40 20.05 1.18
CA VAL C 155 49.08 21.48 1.12
C VAL C 155 50.35 22.20 1.57
N ASP C 156 51.13 22.67 0.60
CA ASP C 156 52.44 23.27 0.87
C ASP C 156 53.34 22.30 1.64
N ASN C 157 53.31 21.04 1.22
CA ASN C 157 54.12 19.96 1.80
C ASN C 157 53.94 19.88 3.32
N ALA C 158 52.70 20.00 3.75
CA ALA C 158 52.27 19.68 5.11
C ALA C 158 51.38 18.44 5.07
N LEU C 159 51.24 17.78 6.22
CA LEU C 159 50.37 16.60 6.33
C LEU C 159 49.02 17.02 6.89
N GLN C 160 47.98 16.31 6.43
CA GLN C 160 46.61 16.66 6.78
C GLN C 160 45.97 15.50 7.51
N SER C 161 45.24 15.81 8.57
CA SER C 161 44.56 14.80 9.37
C SER C 161 43.20 15.35 9.78
N GLY C 162 42.12 14.64 9.40
CA GLY C 162 40.77 15.07 9.69
C GLY C 162 40.12 15.94 8.63
N ASN C 163 40.86 16.26 7.56
CA ASN C 163 40.41 17.17 6.51
C ASN C 163 39.78 16.48 5.32
N SER C 164 39.77 15.15 5.32
CA SER C 164 39.39 14.36 4.16
C SER C 164 38.45 13.26 4.59
N GLN C 165 37.38 13.09 3.83
CA GLN C 165 36.60 11.87 3.84
C GLN C 165 36.79 11.15 2.51
N GLU C 166 36.38 9.90 2.49
CA GLU C 166 36.74 9.02 1.39
C GLU C 166 35.57 8.10 1.04
N SER C 167 35.66 7.50 -0.14
CA SER C 167 34.52 6.79 -0.70
C SER C 167 34.95 5.94 -1.89
N VAL C 168 34.63 4.65 -1.86
CA VAL C 168 35.02 3.71 -2.91
C VAL C 168 33.75 3.23 -3.60
N THR C 169 33.86 3.00 -4.90
CA THR C 169 32.75 2.35 -5.58
C THR C 169 32.71 0.86 -5.25
N GLU C 170 31.73 0.17 -5.80
CA GLU C 170 31.66 -1.27 -5.71
C GLU C 170 32.39 -1.89 -6.88
N GLN C 171 32.91 -3.09 -6.68
CA GLN C 171 33.74 -3.69 -7.71
C GLN C 171 33.01 -3.69 -9.04
N ASP C 172 33.67 -3.20 -10.08
CA ASP C 172 33.08 -3.20 -11.40
C ASP C 172 32.76 -4.63 -11.85
N SER C 173 31.55 -4.81 -12.40
CA SER C 173 31.17 -6.14 -12.87
C SER C 173 31.84 -6.51 -14.19
N LYS C 174 32.44 -5.54 -14.89
CA LYS C 174 33.20 -5.81 -16.12
C LYS C 174 34.69 -6.05 -15.84
N ASP C 175 35.35 -5.06 -15.23
CA ASP C 175 36.80 -5.09 -15.07
C ASP C 175 37.27 -5.42 -13.65
N SER C 176 36.36 -5.62 -12.71
CA SER C 176 36.71 -5.95 -11.33
C SER C 176 37.57 -4.90 -10.64
N THR C 177 37.60 -3.66 -11.11
CA THR C 177 38.35 -2.64 -10.41
C THR C 177 37.44 -1.86 -9.48
N TYR C 178 38.04 -0.90 -8.81
CA TYR C 178 37.36 0.02 -7.92
C TYR C 178 37.69 1.44 -8.37
N SER C 179 36.96 2.41 -7.82
CA SER C 179 37.38 3.79 -7.90
C SER C 179 37.17 4.43 -6.53
N LEU C 180 37.96 5.45 -6.27
CA LEU C 180 38.04 6.04 -4.94
C LEU C 180 37.93 7.56 -5.06
N SER C 181 37.26 8.18 -4.10
CA SER C 181 37.15 9.64 -4.02
C SER C 181 37.65 10.09 -2.66
N SER C 182 38.66 10.95 -2.65
CA SER C 182 39.14 11.60 -1.45
C SER C 182 38.76 13.06 -1.54
N THR C 183 38.05 13.57 -0.53
CA THR C 183 37.53 14.94 -0.55
C THR C 183 38.02 15.70 0.67
N LEU C 184 38.94 16.65 0.44
CA LEU C 184 39.50 17.49 1.48
C LEU C 184 38.66 18.76 1.65
N THR C 185 38.27 19.05 2.91
CA THR C 185 37.39 20.18 3.20
C THR C 185 38.07 21.15 4.17
N LEU C 186 38.28 22.39 3.71
CA LEU C 186 38.74 23.48 4.56
C LEU C 186 38.04 24.77 4.13
N SER C 187 38.25 25.83 4.92
CA SER C 187 37.57 27.10 4.68
C SER C 187 38.33 27.93 3.66
N LYS C 188 37.59 28.77 2.93
CA LYS C 188 38.22 29.72 2.01
C LYS C 188 39.39 30.38 2.71
N ALA C 189 39.21 30.65 4.00
CA ALA C 189 40.25 31.18 4.85
C ALA C 189 41.54 30.41 4.64
N ASP C 190 41.56 29.14 5.11
CA ASP C 190 42.77 28.33 5.10
C ASP C 190 43.13 27.84 3.70
N TYR C 191 42.18 27.82 2.78
CA TYR C 191 42.48 27.48 1.38
C TYR C 191 43.40 28.53 0.76
N GLU C 192 42.96 29.79 0.79
CA GLU C 192 43.80 30.88 0.30
C GLU C 192 45.07 31.00 1.13
N LYS C 193 44.95 30.84 2.45
CA LYS C 193 46.09 30.93 3.36
C LYS C 193 47.18 29.92 3.03
N HIS C 194 47.19 29.38 1.80
CA HIS C 194 48.23 28.50 1.29
C HIS C 194 48.19 28.54 -0.24
N LYS C 195 49.08 27.77 -0.89
CA LYS C 195 49.33 27.95 -2.32
C LYS C 195 49.17 26.67 -3.15
N VAL C 196 50.14 25.75 -3.05
CA VAL C 196 50.17 24.56 -3.89
C VAL C 196 49.32 23.44 -3.29
N TYR C 197 48.66 22.67 -4.16
CA TYR C 197 47.78 21.60 -3.74
C TYR C 197 48.09 20.34 -4.54
N ALA C 198 48.27 19.23 -3.84
CA ALA C 198 48.61 17.98 -4.51
C ALA C 198 48.12 16.82 -3.66
N CYS C 199 47.78 15.72 -4.32
CA CYS C 199 47.42 14.49 -3.64
C CYS C 199 48.39 13.42 -4.10
N GLU C 200 49.00 12.70 -3.15
CA GLU C 200 49.95 11.65 -3.46
C GLU C 200 49.30 10.29 -3.26
N VAL C 201 49.46 9.42 -4.25
CA VAL C 201 48.76 8.14 -4.30
C VAL C 201 49.81 7.05 -4.48
N THR C 202 49.84 6.09 -3.57
CA THR C 202 50.72 4.92 -3.67
C THR C 202 49.85 3.68 -3.77
N HIS C 203 50.15 2.82 -4.75
CA HIS C 203 49.33 1.65 -5.01
C HIS C 203 50.16 0.44 -5.43
N GLN C 204 49.74 -0.75 -4.96
CA GLN C 204 50.41 -2.00 -5.31
C GLN C 204 50.72 -2.10 -6.80
N GLY C 205 50.00 -1.39 -7.66
CA GLY C 205 50.23 -1.37 -9.08
C GLY C 205 50.99 -0.16 -9.59
N LEU C 206 51.43 0.73 -8.71
CA LEU C 206 52.28 1.86 -9.06
C LEU C 206 53.68 1.58 -8.55
N SER C 207 54.69 1.79 -9.40
CA SER C 207 56.05 1.50 -8.96
C SER C 207 56.48 2.45 -7.84
N SER C 208 56.13 3.73 -7.95
CA SER C 208 56.47 4.76 -6.98
C SER C 208 55.28 5.70 -6.79
N PRO C 209 55.07 6.19 -5.54
CA PRO C 209 53.87 7.00 -5.27
C PRO C 209 53.68 8.16 -6.23
N VAL C 210 52.49 8.26 -6.82
CA VAL C 210 52.17 9.25 -7.85
C VAL C 210 51.40 10.41 -7.22
N THR C 211 51.80 11.64 -7.56
CA THR C 211 51.13 12.84 -7.05
C THR C 211 50.57 13.67 -8.20
N LYS C 212 49.41 14.29 -7.94
CA LYS C 212 48.76 15.25 -8.81
C LYS C 212 48.66 16.59 -8.09
N SER C 213 48.98 17.67 -8.79
CA SER C 213 49.14 18.99 -8.18
C SER C 213 48.36 20.05 -8.95
N PHE C 214 48.06 21.13 -8.24
CA PHE C 214 47.60 22.41 -8.78
C PHE C 214 47.91 23.49 -7.75
N ASN C 215 48.10 24.72 -8.24
CA ASN C 215 48.42 25.88 -7.42
C ASN C 215 47.30 26.91 -7.51
N ARG C 216 46.81 27.38 -6.35
CA ARG C 216 45.75 28.39 -6.29
C ARG C 216 46.15 29.64 -7.07
N LYS D 1 -12.88 -21.62 -35.07
CA LYS D 1 -13.94 -21.53 -34.06
C LYS D 1 -13.45 -20.91 -32.73
N ARG D 2 -14.32 -20.10 -32.12
CA ARG D 2 -14.03 -19.45 -30.84
C ARG D 2 -14.57 -20.29 -29.69
N THR D 3 -13.71 -20.58 -28.72
CA THR D 3 -14.00 -21.52 -27.66
C THR D 3 -13.85 -20.82 -26.32
N VAL D 4 -14.59 -21.28 -25.32
CA VAL D 4 -14.68 -20.57 -24.04
C VAL D 4 -14.65 -21.61 -22.92
N ASP D 5 -13.56 -21.63 -22.15
CA ASP D 5 -13.42 -22.54 -21.01
C ASP D 5 -13.94 -21.82 -19.77
N LEU D 6 -15.03 -22.30 -19.21
CA LEU D 6 -15.69 -21.53 -18.15
C LEU D 6 -15.09 -21.76 -16.78
N GLY D 7 -14.18 -22.72 -16.63
CA GLY D 7 -13.53 -23.00 -15.37
C GLY D 7 -14.45 -22.95 -14.17
N GLN D 8 -14.11 -22.14 -13.17
CA GLN D 8 -14.94 -22.16 -11.98
C GLN D 8 -16.25 -21.42 -12.15
N CYS D 9 -16.62 -20.97 -13.36
CA CYS D 9 -17.86 -20.23 -13.54
C CYS D 9 -18.92 -21.13 -14.13
N GLY D 10 -20.03 -21.28 -13.41
CA GLY D 10 -21.18 -22.03 -13.91
C GLY D 10 -21.85 -21.30 -15.07
N LEU D 11 -22.27 -22.07 -16.07
CA LEU D 11 -22.91 -21.49 -17.25
C LEU D 11 -24.08 -20.58 -16.86
N LEU D 12 -24.96 -21.04 -15.96
CA LEU D 12 -26.05 -20.16 -15.57
C LEU D 12 -25.53 -18.95 -14.83
N GLY D 13 -24.33 -19.07 -14.27
CA GLY D 13 -23.74 -17.94 -13.56
C GLY D 13 -23.48 -16.75 -14.46
N THR D 14 -23.15 -16.99 -15.74
CA THR D 14 -22.88 -15.88 -16.65
C THR D 14 -24.04 -14.90 -16.75
N ILE D 15 -25.20 -15.25 -16.23
CA ILE D 15 -26.39 -14.42 -16.36
C ILE D 15 -26.56 -13.53 -15.14
N THR D 16 -26.22 -14.04 -13.95
CA THR D 16 -26.35 -13.27 -12.72
C THR D 16 -25.04 -12.65 -12.26
N GLY D 17 -23.92 -13.33 -12.53
CA GLY D 17 -22.59 -12.81 -12.32
C GLY D 17 -22.09 -12.86 -10.89
N PRO D 18 -21.98 -14.06 -10.33
CA PRO D 18 -21.16 -14.21 -9.13
C PRO D 18 -19.70 -14.01 -9.48
N PRO D 19 -18.84 -13.56 -8.51
CA PRO D 19 -17.46 -13.17 -8.86
C PRO D 19 -16.76 -14.11 -9.85
N GLN D 20 -16.96 -15.42 -9.68
CA GLN D 20 -16.30 -16.41 -10.53
C GLN D 20 -16.69 -16.30 -12.00
N CYS D 21 -17.67 -15.45 -12.34
CA CYS D 21 -18.12 -15.29 -13.71
C CYS D 21 -17.84 -13.90 -14.28
N ASP D 22 -17.08 -13.05 -13.57
CA ASP D 22 -16.98 -11.64 -13.96
C ASP D 22 -16.40 -11.48 -15.37
N GLN D 23 -15.56 -12.41 -15.79
CA GLN D 23 -14.90 -12.28 -17.07
C GLN D 23 -15.71 -12.89 -18.20
N PHE D 24 -16.90 -13.43 -17.92
CA PHE D 24 -17.77 -14.01 -18.94
C PHE D 24 -19.11 -13.30 -19.07
N LEU D 25 -19.33 -12.16 -18.39
CA LEU D 25 -20.66 -11.59 -18.32
C LEU D 25 -21.21 -11.21 -19.69
N GLU D 26 -20.37 -11.19 -20.72
CA GLU D 26 -20.84 -10.96 -22.10
C GLU D 26 -20.07 -11.88 -23.04
N PHE D 27 -19.86 -13.13 -22.62
CA PHE D 27 -19.00 -14.01 -23.37
C PHE D 27 -19.57 -14.20 -24.77
N SER D 28 -18.71 -14.66 -25.65
CA SER D 28 -19.13 -14.95 -27.01
C SER D 28 -18.31 -16.13 -27.51
N ALA D 29 -19.00 -17.15 -28.05
CA ALA D 29 -18.34 -18.42 -28.27
C ALA D 29 -19.03 -19.21 -29.35
N ASP D 30 -18.24 -19.97 -30.09
CA ASP D 30 -18.76 -21.02 -30.94
C ASP D 30 -18.91 -22.32 -30.16
N LEU D 31 -17.99 -22.59 -29.24
CA LEU D 31 -18.07 -23.75 -28.37
C LEU D 31 -17.87 -23.34 -26.92
N ILE D 32 -18.66 -23.93 -26.02
CA ILE D 32 -18.62 -23.60 -24.59
C ILE D 32 -18.24 -24.85 -23.82
N ILE D 33 -17.23 -24.75 -22.95
CA ILE D 33 -16.82 -25.85 -22.11
C ILE D 33 -17.13 -25.53 -20.66
N GLU D 34 -17.97 -26.34 -20.04
CA GLU D 34 -18.23 -26.28 -18.61
C GLU D 34 -17.39 -27.32 -17.86
N ARG D 35 -17.19 -27.07 -16.58
CA ARG D 35 -16.35 -27.92 -15.76
C ARG D 35 -17.14 -28.38 -14.56
N ARG D 36 -16.84 -29.59 -14.07
CA ARG D 36 -17.49 -30.05 -12.86
C ARG D 36 -17.26 -29.07 -11.71
N GLU D 37 -16.05 -28.55 -11.56
CA GLU D 37 -15.82 -27.57 -10.51
C GLU D 37 -16.63 -26.27 -10.69
N GLY D 38 -17.24 -26.02 -11.85
CA GLY D 38 -18.00 -24.79 -12.05
C GLY D 38 -19.14 -24.66 -11.06
N SER D 39 -19.55 -23.41 -10.80
CA SER D 39 -20.67 -23.14 -9.90
C SER D 39 -21.51 -21.93 -10.32
N ASP D 40 -22.83 -22.07 -10.24
CA ASP D 40 -23.71 -21.02 -10.72
C ASP D 40 -23.86 -19.86 -9.74
N VAL D 41 -23.60 -20.05 -8.45
CA VAL D 41 -24.02 -19.11 -7.42
C VAL D 41 -22.82 -18.67 -6.58
N CYS D 42 -23.06 -17.76 -5.63
CA CYS D 42 -22.09 -17.44 -4.60
C CYS D 42 -22.79 -17.42 -3.25
N TYR D 43 -23.77 -16.55 -3.10
CA TYR D 43 -24.74 -16.75 -2.04
C TYR D 43 -25.39 -18.11 -2.23
N PRO D 44 -25.70 -18.85 -1.16
CA PRO D 44 -26.33 -20.17 -1.34
C PRO D 44 -27.70 -20.03 -2.00
N GLY D 45 -28.05 -21.05 -2.79
CA GLY D 45 -29.25 -21.03 -3.60
C GLY D 45 -29.00 -21.76 -4.91
N LYS D 46 -29.96 -21.61 -5.82
CA LYS D 46 -29.94 -22.33 -7.09
C LYS D 46 -30.86 -21.62 -8.06
N PHE D 47 -30.63 -21.88 -9.35
CA PHE D 47 -31.63 -21.58 -10.36
C PHE D 47 -32.78 -22.56 -10.23
N VAL D 48 -33.98 -22.07 -10.28
CA VAL D 48 -35.09 -23.00 -10.47
C VAL D 48 -35.30 -23.16 -11.96
N ASN D 49 -35.70 -24.34 -12.34
CA ASN D 49 -35.85 -24.71 -13.76
C ASN D 49 -34.53 -24.62 -14.50
N GLU D 50 -33.45 -25.11 -13.87
CA GLU D 50 -32.09 -24.84 -14.37
C GLU D 50 -31.80 -25.61 -15.65
N GLU D 51 -32.31 -26.83 -15.79
CA GLU D 51 -31.77 -27.68 -16.85
C GLU D 51 -32.23 -27.20 -18.22
N ALA D 52 -33.48 -26.77 -18.35
CA ALA D 52 -33.90 -26.17 -19.61
C ALA D 52 -33.06 -24.93 -19.92
N LEU D 53 -32.95 -24.00 -18.97
CA LEU D 53 -32.10 -22.83 -19.18
C LEU D 53 -30.68 -23.22 -19.61
N ARG D 54 -30.08 -24.22 -18.97
CA ARG D 54 -28.69 -24.56 -19.27
C ARG D 54 -28.50 -24.91 -20.75
N GLN D 55 -29.43 -25.70 -21.32
CA GLN D 55 -29.30 -26.03 -22.74
C GLN D 55 -29.57 -24.83 -23.62
N ILE D 56 -30.51 -23.97 -23.22
CA ILE D 56 -30.66 -22.70 -23.92
C ILE D 56 -29.34 -21.94 -23.96
N LEU D 57 -28.66 -21.85 -22.82
CA LEU D 57 -27.40 -21.10 -22.81
C LEU D 57 -26.34 -21.85 -23.60
N ARG D 58 -26.35 -23.19 -23.52
CA ARG D 58 -25.34 -23.98 -24.22
C ARG D 58 -25.33 -23.67 -25.70
N GLU D 59 -26.49 -23.36 -26.27
CA GLU D 59 -26.61 -23.16 -27.71
C GLU D 59 -26.66 -21.70 -28.10
N SER D 60 -26.52 -20.79 -27.13
CA SER D 60 -26.79 -19.38 -27.37
C SER D 60 -25.75 -18.69 -28.23
N GLY D 61 -24.50 -19.18 -28.22
CA GLY D 61 -23.41 -18.46 -28.86
C GLY D 61 -22.84 -17.32 -28.04
N GLY D 62 -23.06 -17.34 -26.73
CA GLY D 62 -22.75 -16.21 -25.89
C GLY D 62 -23.97 -15.35 -25.63
N ILE D 63 -23.79 -14.38 -24.75
CA ILE D 63 -24.84 -13.50 -24.30
C ILE D 63 -24.35 -12.07 -24.35
N ASP D 64 -25.32 -11.15 -24.39
CA ASP D 64 -25.12 -9.72 -24.56
C ASP D 64 -25.91 -9.08 -23.43
N LYS D 65 -25.30 -8.17 -22.68
CA LYS D 65 -26.04 -7.54 -21.60
C LYS D 65 -26.59 -6.19 -22.06
N GLU D 66 -27.76 -5.86 -21.55
CA GLU D 66 -28.46 -4.64 -21.89
C GLU D 66 -29.22 -4.17 -20.65
N ALA D 67 -29.07 -2.91 -20.28
CA ALA D 67 -29.62 -2.50 -19.01
C ALA D 67 -31.13 -2.47 -19.10
N MET D 68 -31.79 -2.71 -17.98
CA MET D 68 -33.25 -2.67 -18.00
C MET D 68 -33.80 -1.35 -17.48
N GLY D 69 -32.98 -0.49 -16.88
CA GLY D 69 -33.39 0.88 -16.58
C GLY D 69 -34.16 1.06 -15.30
N PHE D 70 -34.26 0.05 -14.45
CA PHE D 70 -34.93 0.25 -13.18
C PHE D 70 -34.16 1.27 -12.33
N THR D 71 -34.87 2.28 -11.84
CA THR D 71 -34.29 3.19 -10.88
C THR D 71 -35.10 3.12 -9.60
N TYR D 72 -34.50 3.57 -8.50
CA TYR D 72 -35.12 3.47 -7.20
C TYR D 72 -34.91 4.75 -6.41
N SER D 73 -35.79 4.96 -5.43
CA SER D 73 -35.70 6.08 -4.51
C SER D 73 -36.22 5.59 -3.16
N GLY D 74 -35.54 6.00 -2.08
CA GLY D 74 -36.00 5.70 -0.73
C GLY D 74 -35.57 4.38 -0.16
N ILE D 75 -34.79 3.58 -0.91
CA ILE D 75 -34.34 2.29 -0.41
C ILE D 75 -32.85 2.11 -0.71
N ARG D 76 -32.28 1.06 -0.13
CA ARG D 76 -30.94 0.60 -0.45
C ARG D 76 -30.97 -0.35 -1.64
N THR D 77 -30.09 -0.09 -2.61
CA THR D 77 -29.85 -0.98 -3.74
C THR D 77 -28.49 -1.68 -3.65
N ASN D 78 -27.79 -1.57 -2.52
CA ASN D 78 -26.40 -2.02 -2.42
C ASN D 78 -26.24 -3.19 -1.47
N GLY D 79 -27.25 -4.04 -1.33
CA GLY D 79 -27.12 -5.19 -0.46
C GLY D 79 -25.97 -6.10 -0.87
N ALA D 80 -25.15 -6.56 0.08
CA ALA D 80 -24.00 -7.40 -0.26
C ALA D 80 -23.83 -8.45 0.84
N THR D 81 -22.86 -9.33 0.63
CA THR D 81 -22.74 -10.56 1.41
C THR D 81 -21.29 -11.02 1.34
N SER D 82 -20.79 -11.58 2.44
CA SER D 82 -19.44 -12.10 2.43
C SER D 82 -19.25 -13.30 1.51
N ALA D 83 -20.33 -13.92 1.06
CA ALA D 83 -20.23 -15.09 0.21
C ALA D 83 -19.95 -14.76 -1.24
N CYS D 84 -20.09 -13.51 -1.65
CA CYS D 84 -19.75 -13.06 -2.99
C CYS D 84 -18.61 -12.07 -2.85
N ARG D 85 -17.40 -12.51 -3.20
CA ARG D 85 -16.18 -11.86 -2.74
C ARG D 85 -15.48 -11.16 -3.91
N ARG D 86 -15.35 -9.83 -3.81
CA ARG D 86 -14.50 -9.06 -4.72
C ARG D 86 -13.57 -8.13 -3.93
N SER D 87 -12.71 -8.73 -3.09
CA SER D 87 -11.89 -7.98 -2.15
C SER D 87 -12.77 -7.26 -1.13
N GLY D 88 -13.78 -7.97 -0.67
CA GLY D 88 -14.82 -7.40 0.16
C GLY D 88 -16.16 -8.06 -0.13
N SER D 89 -17.10 -7.80 0.77
CA SER D 89 -18.47 -8.24 0.52
C SER D 89 -18.95 -7.62 -0.78
N SER D 90 -19.67 -8.41 -1.57
CA SER D 90 -20.14 -8.00 -2.89
C SER D 90 -21.42 -8.75 -3.19
N PHE D 91 -21.75 -8.93 -4.48
CA PHE D 91 -23.02 -9.56 -4.80
C PHE D 91 -22.97 -10.04 -6.26
N TYR D 92 -24.15 -10.20 -6.87
CA TYR D 92 -24.25 -10.60 -8.26
C TYR D 92 -24.10 -9.37 -9.15
N ALA D 93 -23.20 -9.47 -10.13
CA ALA D 93 -22.85 -8.30 -10.92
C ALA D 93 -24.04 -7.74 -11.68
N GLU D 94 -25.00 -8.60 -12.05
CA GLU D 94 -26.16 -8.20 -12.84
C GLU D 94 -27.41 -7.95 -12.00
N MET D 95 -27.34 -8.18 -10.70
CA MET D 95 -28.50 -8.10 -9.83
C MET D 95 -28.37 -6.94 -8.86
N LYS D 96 -29.49 -6.60 -8.23
CA LYS D 96 -29.53 -5.55 -7.22
C LYS D 96 -30.28 -6.13 -6.04
N TRP D 97 -29.65 -6.18 -4.88
CA TRP D 97 -30.31 -6.64 -3.64
C TRP D 97 -31.00 -5.43 -3.04
N LEU D 98 -32.32 -5.32 -3.22
CA LEU D 98 -33.02 -4.18 -2.66
C LEU D 98 -33.28 -4.44 -1.19
N LEU D 99 -33.17 -3.39 -0.37
CA LEU D 99 -33.63 -3.52 1.02
C LEU D 99 -33.99 -2.14 1.55
N SER D 100 -34.65 -2.14 2.71
CA SER D 100 -35.02 -0.90 3.35
C SER D 100 -33.77 -0.05 3.64
N ASN D 101 -34.00 1.27 3.75
CA ASN D 101 -32.91 2.22 4.00
C ASN D 101 -32.31 2.03 5.38
N THR D 102 -33.10 1.60 6.37
CA THR D 102 -32.56 1.34 7.69
C THR D 102 -33.28 0.16 8.32
N ASP D 103 -32.59 -0.53 9.22
CA ASP D 103 -33.03 -1.84 9.68
C ASP D 103 -34.45 -1.76 10.21
N ASN D 104 -35.26 -2.75 9.85
CA ASN D 104 -36.65 -2.88 10.25
C ASN D 104 -37.57 -1.80 9.67
N ALA D 105 -37.07 -0.98 8.77
CA ALA D 105 -37.97 -0.04 8.12
C ALA D 105 -38.76 -0.78 7.05
N ALA D 106 -40.02 -0.42 6.93
CA ALA D 106 -40.94 -1.05 6.00
C ALA D 106 -40.49 -0.86 4.56
N PHE D 107 -40.06 -1.94 3.89
CA PHE D 107 -39.82 -1.83 2.47
C PHE D 107 -41.08 -1.29 1.80
N PRO D 108 -40.95 -0.37 0.86
CA PRO D 108 -42.14 0.15 0.17
C PRO D 108 -42.61 -0.85 -0.86
N GLN D 109 -43.92 -0.85 -1.07
CA GLN D 109 -44.54 -1.67 -2.10
C GLN D 109 -44.25 -1.05 -3.47
N MET D 110 -43.72 -1.85 -4.40
CA MET D 110 -43.19 -1.29 -5.64
C MET D 110 -43.66 -2.08 -6.84
N THR D 111 -43.68 -1.41 -7.99
CA THR D 111 -43.85 -2.07 -9.27
C THR D 111 -42.80 -1.54 -10.24
N LYS D 112 -42.25 -2.44 -11.05
CA LYS D 112 -41.19 -2.09 -11.98
C LYS D 112 -41.41 -2.92 -13.20
N SER D 113 -41.38 -2.30 -14.37
CA SER D 113 -41.68 -2.99 -15.60
C SER D 113 -40.62 -2.69 -16.65
N TYR D 114 -40.34 -3.67 -17.49
CA TYR D 114 -39.32 -3.57 -18.51
C TYR D 114 -39.93 -4.08 -19.81
N LYS D 115 -39.80 -3.30 -20.87
CA LYS D 115 -40.33 -3.68 -22.17
C LYS D 115 -39.16 -4.03 -23.07
N ASN D 116 -39.21 -5.21 -23.67
CA ASN D 116 -38.15 -5.62 -24.57
C ASN D 116 -38.37 -4.92 -25.90
N THR D 117 -37.54 -3.94 -26.19
CA THR D 117 -37.60 -3.16 -27.42
C THR D 117 -36.68 -3.70 -28.50
N ARG D 118 -36.09 -4.87 -28.27
CA ARG D 118 -35.10 -5.44 -29.18
C ARG D 118 -35.75 -6.51 -30.05
N LYS D 119 -35.05 -6.87 -31.13
CA LYS D 119 -35.70 -7.67 -32.18
C LYS D 119 -35.75 -9.16 -31.82
N SER D 120 -35.11 -9.57 -30.74
CA SER D 120 -35.06 -10.95 -30.30
C SER D 120 -35.41 -11.05 -28.82
N PRO D 121 -35.61 -12.28 -28.32
CA PRO D 121 -36.12 -12.47 -26.96
C PRO D 121 -35.10 -12.13 -25.88
N ALA D 122 -35.62 -11.66 -24.76
CA ALA D 122 -34.80 -11.23 -23.65
C ALA D 122 -34.91 -12.26 -22.53
N LEU D 123 -33.77 -12.67 -22.01
CA LEU D 123 -33.74 -13.55 -20.87
C LEU D 123 -33.82 -12.69 -19.62
N ILE D 124 -34.81 -12.94 -18.78
CA ILE D 124 -35.12 -12.09 -17.63
C ILE D 124 -35.03 -12.93 -16.37
N VAL D 125 -34.12 -12.54 -15.47
CA VAL D 125 -33.86 -13.33 -14.28
C VAL D 125 -34.15 -12.51 -13.04
N TRP D 126 -34.61 -13.18 -12.00
CA TRP D 126 -34.77 -12.56 -10.69
C TRP D 126 -34.53 -13.58 -9.59
N GLY D 127 -34.35 -13.07 -8.37
CA GLY D 127 -34.18 -13.91 -7.20
C GLY D 127 -35.13 -13.56 -6.07
N ILE D 128 -35.43 -14.57 -5.26
CA ILE D 128 -36.28 -14.47 -4.09
C ILE D 128 -35.38 -14.73 -2.91
N HIS D 129 -35.44 -13.89 -1.90
CA HIS D 129 -34.53 -14.05 -0.79
C HIS D 129 -35.25 -14.69 0.39
N HIS D 130 -34.88 -15.92 0.70
CA HIS D 130 -35.42 -16.61 1.86
C HIS D 130 -34.50 -16.30 3.04
N SER D 131 -34.96 -15.41 3.91
CA SER D 131 -34.16 -15.08 5.08
C SER D 131 -34.19 -16.26 6.06
N VAL D 132 -33.16 -16.32 6.90
CA VAL D 132 -32.94 -17.45 7.80
C VAL D 132 -33.88 -17.37 8.98
N SER D 133 -34.68 -16.31 9.04
CA SER D 133 -35.37 -15.97 10.27
C SER D 133 -36.45 -14.94 9.96
N THR D 134 -37.51 -14.95 10.76
CA THR D 134 -38.49 -13.88 10.67
C THR D 134 -37.84 -12.55 11.03
N ALA D 135 -36.83 -12.57 11.90
CA ALA D 135 -36.12 -11.36 12.28
C ALA D 135 -35.18 -10.90 11.16
N GLU D 136 -34.39 -11.83 10.62
CA GLU D 136 -33.59 -11.52 9.44
C GLU D 136 -34.43 -10.81 8.38
N GLN D 137 -35.64 -11.31 8.13
CA GLN D 137 -36.49 -10.65 7.15
C GLN D 137 -36.92 -9.27 7.64
N THR D 138 -37.39 -9.19 8.88
CA THR D 138 -37.93 -7.93 9.37
C THR D 138 -36.88 -6.83 9.39
N LYS D 139 -35.65 -7.17 9.78
CA LYS D 139 -34.52 -6.25 9.68
C LYS D 139 -34.36 -5.76 8.24
N LEU D 140 -34.30 -6.69 7.27
CA LEU D 140 -33.96 -6.32 5.90
C LEU D 140 -35.07 -5.53 5.22
N TYR D 141 -36.30 -6.03 5.27
CA TYR D 141 -37.38 -5.41 4.50
C TYR D 141 -38.52 -4.91 5.35
N GLY D 142 -38.39 -4.95 6.67
CA GLY D 142 -39.50 -4.66 7.54
C GLY D 142 -40.39 -5.88 7.77
N SER D 143 -41.19 -5.80 8.84
CA SER D 143 -42.02 -6.91 9.28
C SER D 143 -43.16 -7.18 8.28
N GLY D 144 -44.02 -8.14 8.63
CA GLY D 144 -45.20 -8.40 7.84
C GLY D 144 -44.93 -9.24 6.61
N ASN D 145 -46.03 -9.62 5.95
CA ASN D 145 -46.00 -10.63 4.89
C ASN D 145 -45.40 -10.07 3.61
N LYS D 146 -44.62 -10.90 2.93
CA LYS D 146 -43.98 -10.52 1.68
C LYS D 146 -44.57 -11.31 0.53
N LEU D 147 -44.53 -10.70 -0.66
CA LEU D 147 -45.09 -11.26 -1.87
C LEU D 147 -44.42 -10.64 -3.08
N VAL D 148 -43.97 -11.49 -3.99
CA VAL D 148 -43.39 -11.08 -5.26
C VAL D 148 -44.22 -11.66 -6.38
N THR D 149 -44.76 -10.79 -7.26
CA THR D 149 -45.49 -11.23 -8.43
C THR D 149 -44.78 -10.78 -9.68
N VAL D 150 -44.80 -11.65 -10.69
CA VAL D 150 -44.09 -11.43 -11.94
C VAL D 150 -45.02 -11.81 -13.08
N GLY D 151 -45.05 -11.02 -14.14
CA GLY D 151 -46.00 -11.26 -15.20
C GLY D 151 -45.54 -10.73 -16.54
N SER D 152 -45.92 -11.44 -17.59
CA SER D 152 -45.84 -10.95 -18.96
C SER D 152 -47.03 -11.53 -19.73
N SER D 153 -46.98 -11.45 -21.08
CA SER D 153 -48.06 -11.96 -21.93
C SER D 153 -48.38 -13.41 -21.63
N ASN D 154 -47.33 -14.22 -21.47
CA ASN D 154 -47.45 -15.67 -21.29
C ASN D 154 -46.89 -16.15 -19.97
N TYR D 155 -46.69 -15.28 -19.00
CA TYR D 155 -46.17 -15.74 -17.72
C TYR D 155 -46.96 -15.13 -16.59
N GLN D 156 -47.22 -15.92 -15.56
CA GLN D 156 -47.82 -15.39 -14.35
C GLN D 156 -47.43 -16.28 -13.19
N GLN D 157 -46.71 -15.74 -12.20
CA GLN D 157 -46.36 -16.50 -11.01
C GLN D 157 -46.12 -15.59 -9.81
N SER D 158 -46.52 -16.06 -8.64
CA SER D 158 -46.35 -15.38 -7.36
C SER D 158 -45.33 -16.15 -6.54
N PHE D 159 -44.53 -15.43 -5.74
CA PHE D 159 -43.52 -16.03 -4.87
C PHE D 159 -43.63 -15.45 -3.47
N VAL D 160 -43.59 -16.32 -2.47
CA VAL D 160 -43.60 -15.90 -1.07
C VAL D 160 -42.33 -16.39 -0.41
N PRO D 161 -41.49 -15.51 0.14
CA PRO D 161 -40.33 -15.98 0.92
C PRO D 161 -40.78 -16.73 2.16
N SER D 162 -40.11 -17.85 2.43
CA SER D 162 -40.38 -18.66 3.61
C SER D 162 -39.20 -18.52 4.56
N PRO D 163 -39.26 -17.58 5.51
CA PRO D 163 -38.13 -17.41 6.44
C PRO D 163 -37.90 -18.66 7.27
N GLY D 164 -36.67 -19.16 7.21
CA GLY D 164 -36.29 -20.33 7.99
C GLY D 164 -34.86 -20.72 7.71
N ALA D 165 -34.30 -21.46 8.65
CA ALA D 165 -32.92 -21.91 8.53
C ALA D 165 -32.80 -23.05 7.54
N ARG D 166 -31.68 -23.11 6.87
CA ARG D 166 -31.34 -24.21 5.97
C ARG D 166 -29.90 -24.60 6.21
N PRO D 167 -29.50 -25.79 5.75
CA PRO D 167 -28.08 -26.19 5.85
C PRO D 167 -27.15 -25.03 5.57
N GLN D 168 -26.33 -24.71 6.55
CA GLN D 168 -25.38 -23.62 6.45
C GLN D 168 -24.32 -23.86 5.37
N VAL D 169 -24.23 -22.94 4.41
CA VAL D 169 -23.27 -23.01 3.31
C VAL D 169 -22.53 -21.68 3.25
N ASN D 170 -21.20 -21.74 3.22
CA ASN D 170 -20.34 -20.55 3.29
C ASN D 170 -20.71 -19.64 4.45
N GLY D 171 -21.34 -20.19 5.49
CA GLY D 171 -21.73 -19.45 6.67
C GLY D 171 -23.17 -18.96 6.69
N LEU D 172 -23.82 -18.85 5.55
CA LEU D 172 -25.17 -18.32 5.52
C LEU D 172 -26.17 -19.47 5.55
N SER D 173 -27.26 -19.27 6.30
CA SER D 173 -28.34 -20.24 6.31
C SER D 173 -29.57 -19.75 5.55
N GLY D 174 -29.57 -18.50 5.08
CA GLY D 174 -30.55 -18.02 4.12
C GLY D 174 -30.26 -18.52 2.70
N ARG D 175 -31.15 -18.20 1.78
CA ARG D 175 -30.98 -18.61 0.39
C ARG D 175 -31.52 -17.53 -0.53
N ILE D 176 -30.89 -17.40 -1.70
CA ILE D 176 -31.46 -16.66 -2.81
C ILE D 176 -31.61 -17.63 -3.97
N ASP D 177 -32.83 -17.77 -4.45
CA ASP D 177 -33.10 -18.64 -5.58
C ASP D 177 -33.51 -17.81 -6.78
N PHE D 178 -33.01 -18.21 -7.94
CA PHE D 178 -33.19 -17.44 -9.15
C PHE D 178 -34.26 -18.09 -10.02
N HIS D 179 -35.07 -17.23 -10.63
CA HIS D 179 -36.14 -17.67 -11.52
C HIS D 179 -35.98 -16.90 -12.81
N TRP D 180 -36.63 -17.38 -13.86
CA TRP D 180 -36.38 -16.84 -15.18
C TRP D 180 -37.57 -17.04 -16.11
N LEU D 181 -37.70 -16.12 -17.06
CA LEU D 181 -38.60 -16.23 -18.21
C LEU D 181 -37.87 -15.68 -19.42
N MET D 182 -38.39 -16.02 -20.57
CA MET D 182 -37.99 -15.47 -21.86
C MET D 182 -39.04 -14.42 -22.24
N LEU D 183 -38.61 -13.23 -22.63
CA LEU D 183 -39.56 -12.15 -22.89
C LEU D 183 -39.54 -11.79 -24.39
N ASN D 184 -40.69 -11.92 -25.05
CA ASN D 184 -40.72 -11.71 -26.50
C ASN D 184 -40.49 -10.25 -26.86
N PRO D 185 -39.97 -9.98 -28.08
CA PRO D 185 -40.00 -8.61 -28.61
C PRO D 185 -41.33 -7.94 -28.37
N ASN D 186 -41.28 -6.76 -27.76
CA ASN D 186 -42.37 -5.82 -27.57
C ASN D 186 -43.25 -6.15 -26.38
N ASP D 187 -43.07 -7.31 -25.75
CA ASP D 187 -43.77 -7.67 -24.53
C ASP D 187 -43.10 -7.04 -23.31
N THR D 188 -43.84 -7.03 -22.20
CA THR D 188 -43.48 -6.27 -21.02
C THR D 188 -43.57 -7.19 -19.83
N VAL D 189 -42.50 -7.22 -19.02
CA VAL D 189 -42.46 -7.96 -17.77
C VAL D 189 -42.69 -6.98 -16.65
N THR D 190 -43.40 -7.40 -15.62
CA THR D 190 -43.82 -6.52 -14.54
C THR D 190 -43.57 -7.22 -13.21
N PHE D 191 -42.70 -6.65 -12.39
CA PHE D 191 -42.40 -7.14 -11.05
C PHE D 191 -43.15 -6.29 -10.04
N SER D 192 -43.70 -6.94 -9.02
CA SER D 192 -44.32 -6.26 -7.89
C SER D 192 -43.87 -6.91 -6.60
N PHE D 193 -43.42 -6.10 -5.67
CA PHE D 193 -42.77 -6.70 -4.54
C PHE D 193 -42.76 -5.72 -3.41
N ASN D 194 -42.67 -6.24 -2.20
CA ASN D 194 -42.54 -5.39 -1.03
C ASN D 194 -41.44 -5.91 -0.13
N GLY D 195 -40.38 -6.44 -0.75
CA GLY D 195 -39.29 -7.00 0.01
C GLY D 195 -38.77 -8.32 -0.54
N ALA D 196 -37.69 -8.85 0.04
CA ALA D 196 -37.23 -10.20 -0.24
C ALA D 196 -37.02 -10.42 -1.73
N PHE D 197 -36.74 -9.35 -2.47
CA PHE D 197 -36.73 -9.40 -3.93
C PHE D 197 -35.37 -8.95 -4.46
N ILE D 198 -34.72 -9.82 -5.23
CA ILE D 198 -33.44 -9.55 -5.89
C ILE D 198 -33.76 -9.11 -7.31
N ALA D 199 -33.52 -7.78 -7.61
CA ALA D 199 -33.99 -7.28 -8.90
C ALA D 199 -32.95 -7.49 -9.98
N PRO D 200 -33.35 -7.68 -11.23
CA PRO D 200 -32.37 -7.65 -12.32
C PRO D 200 -31.96 -6.22 -12.57
N ASP D 201 -30.74 -6.07 -13.02
CA ASP D 201 -30.25 -4.78 -13.48
C ASP D 201 -30.03 -4.76 -14.98
N ARG D 202 -29.43 -5.82 -15.52
CA ARG D 202 -29.31 -6.01 -16.95
C ARG D 202 -29.99 -7.32 -17.39
N ALA D 203 -30.59 -7.31 -18.58
CA ALA D 203 -31.11 -8.52 -19.19
C ALA D 203 -30.07 -9.05 -20.16
N SER D 204 -30.25 -10.30 -20.53
CA SER D 204 -29.32 -10.97 -21.42
C SER D 204 -30.03 -11.35 -22.71
N PHE D 205 -29.32 -11.17 -23.83
CA PHE D 205 -29.79 -11.51 -25.16
C PHE D 205 -28.82 -12.49 -25.78
N LEU D 206 -29.35 -13.50 -26.48
CA LEU D 206 -28.52 -14.54 -27.02
C LEU D 206 -27.84 -14.02 -28.28
N ARG D 207 -26.57 -14.38 -28.46
CA ARG D 207 -25.80 -13.79 -29.54
C ARG D 207 -26.06 -14.51 -30.84
N GLY D 208 -26.17 -15.83 -30.80
CA GLY D 208 -26.38 -16.60 -32.02
C GLY D 208 -26.51 -18.09 -31.79
N LYS D 209 -25.46 -18.85 -32.12
CA LYS D 209 -25.49 -20.30 -32.02
C LYS D 209 -24.16 -20.81 -31.50
N SER D 210 -24.22 -21.94 -30.81
CA SER D 210 -23.04 -22.59 -30.26
C SER D 210 -23.47 -23.94 -29.71
N MET D 211 -22.50 -24.84 -29.53
CA MET D 211 -22.74 -26.03 -28.75
C MET D 211 -21.85 -26.02 -27.51
N GLY D 212 -22.24 -26.79 -26.50
CA GLY D 212 -21.57 -26.78 -25.22
C GLY D 212 -21.52 -28.16 -24.61
N ILE D 213 -20.45 -28.43 -23.87
CA ILE D 213 -20.24 -29.74 -23.25
C ILE D 213 -19.68 -29.55 -21.85
N GLN D 214 -19.81 -30.60 -21.05
CA GLN D 214 -19.08 -30.73 -19.79
C GLN D 214 -17.94 -31.69 -20.05
N SER D 215 -16.73 -31.26 -19.72
CA SER D 215 -15.54 -32.05 -20.00
C SER D 215 -14.49 -31.79 -18.93
N GLY D 216 -13.46 -32.63 -18.95
CA GLY D 216 -12.28 -32.42 -18.13
C GLY D 216 -11.00 -32.23 -18.93
N VAL D 217 -11.11 -31.94 -20.23
CA VAL D 217 -9.93 -31.72 -21.09
C VAL D 217 -9.43 -30.25 -21.14
N GLN E 1 -18.76 -4.30 0.37
CA GLN E 1 -18.68 -2.86 0.41
C GLN E 1 -17.86 -2.40 -0.79
N VAL E 2 -18.51 -1.57 -1.62
CA VAL E 2 -17.89 -0.91 -2.76
C VAL E 2 -16.90 0.14 -2.25
N GLN E 3 -15.64 0.04 -2.68
CA GLN E 3 -14.58 0.94 -2.24
C GLN E 3 -13.75 1.35 -3.44
N LEU E 4 -13.33 2.62 -3.43
CA LEU E 4 -12.31 3.13 -4.34
C LEU E 4 -11.21 3.80 -3.50
N VAL E 5 -9.95 3.39 -3.71
CA VAL E 5 -8.82 3.89 -2.92
C VAL E 5 -7.79 4.49 -3.86
N GLU E 6 -7.69 5.81 -3.90
CA GLU E 6 -6.71 6.44 -4.76
C GLU E 6 -5.33 6.44 -4.09
N SER E 7 -4.29 6.37 -4.91
CA SER E 7 -2.96 6.52 -4.39
C SER E 7 -2.10 7.09 -5.50
N GLY E 8 -0.96 7.66 -5.08
CA GLY E 8 0.07 8.10 -6.00
C GLY E 8 0.31 9.58 -6.03
N GLY E 9 -0.47 10.39 -5.33
CA GLY E 9 -0.23 11.81 -5.30
C GLY E 9 1.08 12.12 -4.61
N GLY E 10 1.32 13.39 -4.45
CA GLY E 10 2.56 13.88 -3.89
C GLY E 10 2.94 15.17 -4.57
N VAL E 11 4.23 15.52 -4.43
CA VAL E 11 4.78 16.75 -4.97
C VAL E 11 5.50 16.44 -6.28
N VAL E 12 5.21 17.21 -7.32
CA VAL E 12 5.82 17.00 -8.64
C VAL E 12 6.18 18.35 -9.26
N GLN E 13 7.17 18.32 -10.14
CA GLN E 13 7.60 19.62 -10.63
C GLN E 13 6.86 20.02 -11.91
N PRO E 14 6.63 21.32 -12.12
CA PRO E 14 6.01 21.75 -13.38
C PRO E 14 6.67 21.07 -14.57
N GLY E 15 5.85 20.65 -15.52
CA GLY E 15 6.33 19.98 -16.71
C GLY E 15 6.68 18.51 -16.54
N GLU E 16 6.60 17.98 -15.32
CA GLU E 16 6.82 16.56 -15.07
C GLU E 16 5.53 15.74 -15.35
N SER E 17 5.69 14.44 -15.38
CA SER E 17 4.59 13.50 -15.44
C SER E 17 4.37 12.85 -14.09
N LEU E 18 3.21 12.22 -13.92
CA LEU E 18 2.82 11.63 -12.66
C LEU E 18 1.61 10.76 -12.92
N ARG E 19 1.58 9.57 -12.31
CA ARG E 19 0.54 8.58 -12.57
C ARG E 19 -0.24 8.30 -11.29
N LEU E 20 -1.55 8.47 -11.34
CA LEU E 20 -2.41 8.21 -10.20
C LEU E 20 -3.05 6.84 -10.35
N SER E 21 -3.49 6.28 -9.22
CA SER E 21 -4.06 4.95 -9.18
C SER E 21 -5.31 4.97 -8.34
N CYS E 22 -6.31 4.23 -8.80
CA CYS E 22 -7.53 4.00 -8.04
C CYS E 22 -7.72 2.49 -8.00
N ALA E 23 -7.86 1.94 -6.80
CA ALA E 23 -7.99 0.50 -6.64
C ALA E 23 -9.41 0.22 -6.22
N ALA E 24 -10.14 -0.53 -7.04
CA ALA E 24 -11.56 -0.75 -6.83
C ALA E 24 -11.75 -2.09 -6.14
N SER E 25 -12.71 -2.14 -5.22
CA SER E 25 -13.06 -3.41 -4.62
C SER E 25 -14.58 -3.49 -4.44
N GLY E 26 -15.09 -4.72 -4.40
CA GLY E 26 -16.48 -4.93 -4.02
C GLY E 26 -17.51 -4.77 -5.12
N PHE E 27 -17.08 -4.69 -6.39
CA PHE E 27 -18.02 -4.62 -7.50
C PHE E 27 -17.29 -5.13 -8.74
N ALA E 28 -18.05 -5.43 -9.79
CA ALA E 28 -17.45 -6.04 -10.99
C ALA E 28 -16.89 -4.92 -11.86
N PHE E 29 -15.76 -4.38 -11.37
CA PHE E 29 -15.12 -3.22 -11.97
C PHE E 29 -15.20 -3.23 -13.50
N ARG E 30 -14.86 -4.34 -14.15
CA ARG E 30 -14.70 -4.30 -15.61
C ARG E 30 -16.01 -3.98 -16.36
N THR E 31 -17.17 -3.94 -15.69
CA THR E 31 -18.42 -3.63 -16.38
C THR E 31 -18.88 -2.18 -16.18
N TYR E 32 -18.08 -1.34 -15.54
CA TYR E 32 -18.51 0.02 -15.21
C TYR E 32 -17.62 1.07 -15.85
N GLY E 33 -18.24 2.15 -16.30
CA GLY E 33 -17.51 3.38 -16.54
C GLY E 33 -16.90 3.91 -15.26
N MET E 34 -15.71 4.49 -15.37
CA MET E 34 -15.08 5.13 -14.22
C MET E 34 -14.65 6.55 -14.58
N HIS E 35 -14.64 7.44 -13.58
CA HIS E 35 -14.31 8.86 -13.76
C HIS E 35 -13.13 9.30 -12.88
N TRP E 36 -12.54 10.42 -13.29
CA TRP E 36 -11.70 11.25 -12.43
C TRP E 36 -12.29 12.65 -12.34
N VAL E 37 -12.48 13.12 -11.11
CA VAL E 37 -12.86 14.50 -10.82
C VAL E 37 -11.76 15.13 -9.96
N ARG E 38 -11.61 16.45 -10.04
CA ARG E 38 -10.59 17.07 -9.20
C ARG E 38 -11.09 18.33 -8.56
N GLN E 39 -10.41 18.71 -7.48
CA GLN E 39 -10.80 19.87 -6.69
C GLN E 39 -9.55 20.64 -6.25
N ALA E 40 -9.28 21.76 -6.91
CA ALA E 40 -8.22 22.65 -6.49
C ALA E 40 -8.55 23.23 -5.11
N PRO E 41 -7.52 23.65 -4.34
CA PRO E 41 -7.78 24.11 -2.98
C PRO E 41 -8.81 25.24 -2.95
N GLY E 42 -9.85 25.05 -2.13
CA GLY E 42 -10.94 26.02 -2.03
C GLY E 42 -11.74 26.30 -3.31
N LYS E 43 -11.66 25.45 -4.33
CA LYS E 43 -12.45 25.64 -5.55
C LYS E 43 -13.50 24.54 -5.64
N GLY E 44 -14.29 24.57 -6.71
CA GLY E 44 -15.35 23.59 -6.92
C GLY E 44 -14.87 22.29 -7.59
N LEU E 45 -15.80 21.35 -7.75
CA LEU E 45 -15.47 20.10 -8.42
C LEU E 45 -15.33 20.35 -9.92
N GLU E 46 -14.28 19.79 -10.51
CA GLU E 46 -14.04 19.89 -11.94
C GLU E 46 -13.79 18.49 -12.48
N TRP E 47 -14.57 18.10 -13.48
CA TRP E 47 -14.48 16.78 -14.09
C TRP E 47 -13.16 16.66 -14.85
N VAL E 48 -12.46 15.54 -14.67
CA VAL E 48 -11.23 15.33 -15.41
C VAL E 48 -11.44 14.42 -16.60
N GLY E 49 -12.21 13.35 -16.45
CA GLY E 49 -12.63 12.57 -17.60
C GLY E 49 -13.33 11.28 -17.19
N VAL E 50 -13.70 10.50 -18.21
CA VAL E 50 -14.33 9.20 -18.00
C VAL E 50 -13.74 8.20 -18.97
N ILE E 51 -13.79 6.92 -18.60
CA ILE E 51 -13.36 5.82 -19.45
C ILE E 51 -14.44 4.74 -19.44
N TRP E 52 -14.82 4.28 -20.64
CA TRP E 52 -15.80 3.20 -20.83
C TRP E 52 -15.35 1.91 -20.14
N TYR E 53 -16.32 1.09 -19.74
CA TYR E 53 -16.00 -0.14 -19.00
C TYR E 53 -14.86 -0.94 -19.61
N ASP E 54 -14.77 -0.96 -20.94
CA ASP E 54 -13.76 -1.74 -21.64
C ASP E 54 -12.61 -0.89 -22.16
N GLY E 55 -12.58 0.41 -21.85
CA GLY E 55 -11.49 1.24 -22.34
C GLY E 55 -11.53 1.52 -23.82
N SER E 56 -12.68 1.33 -24.46
CA SER E 56 -12.78 1.66 -25.88
C SER E 56 -12.83 3.17 -26.11
N ASN E 57 -13.35 3.94 -25.15
CA ASN E 57 -13.58 5.36 -25.33
C ASN E 57 -13.18 6.10 -24.08
N LYS E 58 -12.54 7.26 -24.26
CA LYS E 58 -12.26 8.17 -23.17
C LYS E 58 -12.69 9.57 -23.56
N TYR E 59 -13.15 10.33 -22.58
CA TYR E 59 -13.47 11.73 -22.81
C TYR E 59 -12.84 12.56 -21.71
N TYR E 60 -12.53 13.81 -22.02
CA TYR E 60 -11.74 14.58 -21.08
C TYR E 60 -12.29 15.98 -20.90
N GLY E 61 -12.20 16.49 -19.66
CA GLY E 61 -12.43 17.89 -19.36
C GLY E 61 -11.62 18.84 -20.24
N ASP E 62 -12.15 20.05 -20.45
CA ASP E 62 -11.48 20.99 -21.33
C ASP E 62 -10.06 21.28 -20.89
N SER E 63 -9.82 21.40 -19.58
CA SER E 63 -8.54 21.93 -19.16
C SER E 63 -7.42 20.89 -19.11
N VAL E 64 -7.71 19.61 -19.36
CA VAL E 64 -6.66 18.59 -19.34
C VAL E 64 -6.50 17.90 -20.67
N LYS E 65 -7.19 18.35 -21.70
CA LYS E 65 -7.16 17.61 -22.95
C LYS E 65 -5.76 17.64 -23.55
N GLY E 66 -5.31 16.49 -24.05
CA GLY E 66 -4.00 16.32 -24.65
C GLY E 66 -2.85 16.27 -23.66
N ARG E 67 -3.13 16.41 -22.39
CA ARG E 67 -2.15 16.37 -21.31
C ARG E 67 -2.34 15.19 -20.38
N PHE E 68 -3.59 14.84 -20.05
CA PHE E 68 -3.87 13.73 -19.17
C PHE E 68 -4.45 12.58 -19.98
N THR E 69 -4.25 11.37 -19.48
CA THR E 69 -4.72 10.23 -20.23
C THR E 69 -5.20 9.18 -19.25
N ILE E 70 -6.45 8.74 -19.44
CA ILE E 70 -7.07 7.76 -18.56
C ILE E 70 -6.94 6.39 -19.21
N SER E 71 -6.74 5.38 -18.39
CA SER E 71 -6.53 4.00 -18.82
C SER E 71 -6.94 3.13 -17.66
N ARG E 72 -7.24 1.87 -17.96
CA ARG E 72 -7.65 0.97 -16.89
C ARG E 72 -6.97 -0.39 -17.08
N ASP E 73 -6.85 -1.13 -15.98
CA ASP E 73 -6.47 -2.54 -16.02
C ASP E 73 -7.59 -3.38 -15.42
N ASN E 74 -8.43 -3.94 -16.28
CA ASN E 74 -9.58 -4.68 -15.77
C ASN E 74 -9.19 -5.97 -15.10
N SER E 75 -8.09 -6.61 -15.53
CA SER E 75 -7.66 -7.85 -14.88
C SER E 75 -7.16 -7.59 -13.45
N GLN E 76 -6.82 -6.36 -13.11
CA GLN E 76 -6.37 -6.03 -11.76
C GLN E 76 -7.22 -5.00 -11.06
N ASN E 77 -8.38 -4.63 -11.62
CA ASN E 77 -9.35 -3.81 -10.92
C ASN E 77 -8.75 -2.45 -10.52
N THR E 78 -8.06 -1.84 -11.47
CA THR E 78 -7.34 -0.61 -11.20
C THR E 78 -7.59 0.37 -12.32
N LEU E 79 -7.92 1.60 -11.91
CA LEU E 79 -8.03 2.76 -12.80
C LEU E 79 -6.80 3.66 -12.62
N TYR E 80 -6.31 4.20 -13.73
CA TYR E 80 -5.10 5.01 -13.79
C TYR E 80 -5.43 6.39 -14.32
N LEU E 81 -4.63 7.39 -13.92
CA LEU E 81 -4.63 8.71 -14.55
C LEU E 81 -3.19 9.14 -14.81
N GLN E 82 -2.78 9.09 -16.07
CA GLN E 82 -1.44 9.55 -16.46
C GLN E 82 -1.46 11.05 -16.71
N MET E 83 -0.83 11.79 -15.81
CA MET E 83 -0.65 13.23 -15.99
C MET E 83 0.65 13.54 -16.75
N ASN E 84 0.59 14.58 -17.59
CA ASN E 84 1.78 15.05 -18.27
C ASN E 84 1.74 16.56 -18.35
N SER E 85 2.91 17.16 -18.57
CA SER E 85 3.02 18.61 -18.76
C SER E 85 2.32 19.32 -17.62
N LEU E 86 2.57 18.84 -16.40
CA LEU E 86 1.89 19.40 -15.25
C LEU E 86 2.18 20.88 -15.13
N ARG E 87 1.19 21.63 -14.64
CA ARG E 87 1.39 23.02 -14.27
C ARG E 87 0.86 23.23 -12.87
N ALA E 88 1.18 24.38 -12.29
CA ALA E 88 0.73 24.68 -10.94
C ALA E 88 -0.79 24.62 -10.81
N GLU E 89 -1.49 25.04 -11.85
CA GLU E 89 -2.95 24.99 -11.90
C GLU E 89 -3.50 23.58 -11.67
N ASP E 90 -2.70 22.53 -11.90
CA ASP E 90 -3.23 21.18 -11.76
C ASP E 90 -3.17 20.69 -10.32
N THR E 91 -2.77 21.54 -9.38
CA THR E 91 -2.69 21.19 -7.97
C THR E 91 -4.10 21.02 -7.43
N ALA E 92 -4.48 19.80 -7.08
CA ALA E 92 -5.84 19.52 -6.61
C ALA E 92 -5.83 18.23 -5.81
N VAL E 93 -6.96 17.99 -5.14
CA VAL E 93 -7.31 16.63 -4.79
C VAL E 93 -7.96 15.96 -5.99
N TYR E 94 -7.44 14.80 -6.37
CA TYR E 94 -8.02 14.01 -7.46
C TYR E 94 -8.81 12.86 -6.87
N TYR E 95 -10.07 12.74 -7.31
CA TYR E 95 -10.96 11.66 -6.93
C TYR E 95 -11.22 10.76 -8.13
N CYS E 96 -11.38 9.46 -7.88
CA CYS E 96 -12.00 8.59 -8.88
C CYS E 96 -13.42 8.31 -8.41
N ALA E 97 -14.28 7.97 -9.35
CA ALA E 97 -15.66 7.62 -9.01
C ALA E 97 -16.19 6.63 -10.03
N ARG E 98 -17.14 5.83 -9.58
CA ARG E 98 -17.77 4.85 -10.46
C ARG E 98 -18.96 5.49 -11.17
N ASN E 99 -19.00 5.35 -12.50
CA ASN E 99 -20.29 5.56 -13.17
C ASN E 99 -21.30 4.50 -12.72
N GLY E 100 -22.30 4.90 -11.94
CA GLY E 100 -23.18 3.95 -11.26
C GLY E 100 -24.04 3.08 -12.18
N GLU E 101 -24.49 3.62 -13.32
CA GLU E 101 -25.39 2.96 -14.25
C GLU E 101 -24.67 2.56 -15.52
N ARG E 102 -25.15 1.47 -16.13
CA ARG E 102 -24.50 0.86 -17.29
C ARG E 102 -25.50 0.84 -18.45
N TRP E 103 -26.14 1.98 -18.66
CA TRP E 103 -27.17 2.20 -19.67
C TRP E 103 -26.58 2.15 -21.07
N ARG E 104 -27.47 2.00 -22.07
CA ARG E 104 -27.06 1.97 -23.47
C ARG E 104 -26.26 3.22 -23.82
N VAL E 105 -25.26 3.08 -24.70
CA VAL E 105 -24.41 4.25 -25.00
C VAL E 105 -25.27 5.43 -25.42
N GLU E 106 -26.16 5.23 -26.38
CA GLU E 106 -26.95 6.35 -26.89
C GLU E 106 -27.79 7.01 -25.82
N ASP E 107 -28.00 6.37 -24.66
CA ASP E 107 -28.66 6.98 -23.51
C ASP E 107 -27.75 7.10 -22.30
N TYR E 108 -26.43 7.04 -22.52
CA TYR E 108 -25.49 6.92 -21.42
C TYR E 108 -25.69 8.00 -20.36
N TYR E 109 -25.70 7.55 -19.11
CA TYR E 109 -25.96 8.42 -17.97
C TYR E 109 -24.71 8.47 -17.09
N TYR E 110 -24.09 9.65 -17.01
CA TYR E 110 -22.74 9.76 -16.47
C TYR E 110 -22.72 10.06 -14.98
N GLY E 111 -23.78 9.69 -14.26
CA GLY E 111 -23.77 9.86 -12.81
C GLY E 111 -22.68 9.02 -12.16
N MET E 112 -22.25 9.48 -11.00
CA MET E 112 -21.21 8.80 -10.25
C MET E 112 -21.78 8.50 -8.90
N ASP E 113 -21.94 7.21 -8.60
CA ASP E 113 -22.59 6.84 -7.36
C ASP E 113 -21.62 6.55 -6.24
N VAL E 114 -20.35 6.28 -6.51
CA VAL E 114 -19.36 6.07 -5.44
C VAL E 114 -18.07 6.84 -5.72
N TRP E 115 -17.53 7.43 -4.65
CA TRP E 115 -16.35 8.30 -4.74
C TRP E 115 -15.24 7.75 -3.86
N GLY E 116 -14.02 7.81 -4.38
CA GLY E 116 -12.84 7.51 -3.58
C GLY E 116 -12.52 8.58 -2.54
N GLN E 117 -11.42 8.36 -1.83
CA GLN E 117 -11.06 9.23 -0.72
C GLN E 117 -10.31 10.46 -1.19
N GLY E 118 -9.66 10.36 -2.35
CA GLY E 118 -8.94 11.43 -3.02
C GLY E 118 -7.44 11.30 -2.81
N THR E 119 -6.68 11.82 -3.76
CA THR E 119 -5.22 11.89 -3.57
C THR E 119 -4.71 13.25 -4.02
N LEU E 120 -3.91 13.88 -3.16
CA LEU E 120 -3.42 15.23 -3.41
C LEU E 120 -2.20 15.25 -4.35
N VAL E 121 -2.30 16.04 -5.40
CA VAL E 121 -1.18 16.35 -6.29
C VAL E 121 -0.81 17.80 -6.07
N THR E 122 0.48 18.07 -5.88
CA THR E 122 1.02 19.42 -5.69
C THR E 122 2.09 19.70 -6.74
N VAL E 123 1.85 20.72 -7.57
CA VAL E 123 2.76 21.03 -8.65
C VAL E 123 3.54 22.31 -8.28
N SER E 124 4.86 22.24 -8.36
CA SER E 124 5.62 23.37 -7.85
C SER E 124 7.09 23.17 -8.05
N SER E 125 7.81 24.24 -8.31
CA SER E 125 9.25 24.15 -8.41
C SER E 125 9.94 24.44 -7.08
N ALA E 126 9.19 24.77 -6.02
CA ALA E 126 9.79 25.07 -4.74
C ALA E 126 10.57 23.87 -4.18
N SER E 127 11.71 24.14 -3.55
CA SER E 127 12.40 23.09 -2.82
C SER E 127 11.78 22.94 -1.43
N PHE E 128 11.83 21.74 -0.88
CA PHE E 128 11.34 21.51 0.47
C PHE E 128 12.03 22.47 1.44
N LYS E 129 11.26 23.02 2.38
CA LYS E 129 11.79 24.01 3.30
C LYS E 129 10.95 24.04 4.57
N GLY E 130 11.61 23.86 5.72
CA GLY E 130 10.96 24.06 6.99
C GLY E 130 10.74 25.55 7.23
N PRO E 131 9.81 25.89 8.12
CA PRO E 131 9.41 27.29 8.28
C PRO E 131 10.17 28.02 9.36
N SER E 132 10.32 29.31 9.15
CA SER E 132 10.62 30.20 10.26
C SER E 132 9.34 30.40 11.08
N VAL E 133 9.48 30.49 12.39
CA VAL E 133 8.36 30.67 13.31
C VAL E 133 8.61 31.95 14.11
N PHE E 134 7.87 32.93 13.87
CA PHE E 134 7.91 34.21 14.55
C PHE E 134 6.72 34.36 15.50
N PRO E 135 6.90 35.03 16.64
CA PRO E 135 5.79 35.15 17.59
C PRO E 135 4.87 36.29 17.20
N LEU E 136 3.60 36.15 17.60
CA LEU E 136 2.62 37.22 17.56
C LEU E 136 2.46 37.66 19.01
N ALA E 137 3.25 38.69 19.38
CA ALA E 137 3.29 39.18 20.75
C ALA E 137 1.99 39.88 21.14
N PRO E 138 1.38 39.52 22.27
CA PRO E 138 0.13 40.17 22.67
C PRO E 138 0.35 41.65 22.92
N SER E 139 -0.63 42.46 22.50
CA SER E 139 -0.55 43.90 22.68
C SER E 139 -0.39 44.25 24.16
N SER E 140 0.45 45.26 24.42
CA SER E 140 0.51 45.88 25.74
C SER E 140 -0.78 46.62 26.10
N LYS E 141 -1.62 46.94 25.12
CA LYS E 141 -2.82 47.75 25.34
C LYS E 141 -3.80 47.05 26.29
N SER E 142 -4.41 47.83 27.18
CA SER E 142 -5.44 47.29 28.05
C SER E 142 -6.59 46.72 27.22
N THR E 143 -7.10 45.58 27.65
CA THR E 143 -8.13 44.85 26.92
C THR E 143 -9.54 45.26 27.37
N SER E 144 -10.49 45.10 26.44
CA SER E 144 -11.90 45.35 26.77
C SER E 144 -12.49 44.25 27.64
N GLY E 145 -12.23 42.97 27.30
CA GLY E 145 -12.78 41.82 28.00
C GLY E 145 -11.73 40.99 28.72
N GLY E 146 -10.72 41.67 29.27
CA GLY E 146 -9.66 41.03 30.06
C GLY E 146 -8.96 39.88 29.37
N THR E 147 -8.72 39.98 28.07
CA THR E 147 -8.30 38.87 27.23
C THR E 147 -7.18 39.31 26.31
N ALA E 148 -6.16 38.48 26.18
CA ALA E 148 -5.08 38.72 25.23
C ALA E 148 -5.14 37.67 24.10
N ALA E 149 -4.60 38.06 22.96
CA ALA E 149 -4.46 37.17 21.83
C ALA E 149 -2.99 37.15 21.47
N LEU E 150 -2.40 35.96 21.48
CA LEU E 150 -1.03 35.78 21.05
C LEU E 150 -1.00 34.65 20.03
N GLY E 151 0.11 34.52 19.33
CA GLY E 151 0.13 33.53 18.27
C GLY E 151 1.51 33.33 17.71
N CYS E 152 1.54 32.56 16.62
CA CYS E 152 2.75 32.15 15.94
C CYS E 152 2.54 32.34 14.46
N LEU E 153 3.46 33.06 13.82
CA LEU E 153 3.47 33.23 12.38
C LEU E 153 4.40 32.15 11.82
N VAL E 154 3.85 31.19 11.10
CA VAL E 154 4.65 30.08 10.58
C VAL E 154 4.87 30.37 9.10
N LYS E 155 6.08 30.80 8.74
CA LYS E 155 6.28 31.46 7.45
C LYS E 155 7.33 30.76 6.59
N ASP E 156 7.00 30.62 5.30
CA ASP E 156 7.93 30.23 4.23
C ASP E 156 8.32 28.75 4.37
N TYR E 157 7.32 27.89 4.34
CA TYR E 157 7.60 26.47 4.29
C TYR E 157 6.97 25.90 3.04
N PHE E 158 7.45 24.71 2.67
CA PHE E 158 6.88 24.01 1.56
C PHE E 158 7.26 22.55 1.69
N PRO E 159 6.35 21.62 1.47
CA PRO E 159 4.97 21.79 1.07
C PRO E 159 4.08 21.75 2.28
N GLU E 160 2.76 21.78 2.08
CA GLU E 160 1.86 21.50 3.18
C GLU E 160 2.05 20.03 3.56
N PRO E 161 1.60 19.63 4.76
CA PRO E 161 1.00 20.43 5.84
C PRO E 161 1.99 20.87 6.92
N VAL E 162 1.54 21.74 7.81
CA VAL E 162 2.20 21.99 9.08
C VAL E 162 1.15 21.77 10.15
N THR E 163 1.59 21.42 11.36
CA THR E 163 0.70 21.38 12.50
C THR E 163 1.22 22.29 13.60
N VAL E 164 0.28 22.84 14.38
CA VAL E 164 0.61 23.68 15.51
C VAL E 164 -0.16 23.16 16.71
N SER E 165 0.52 23.05 17.84
CA SER E 165 -0.10 22.85 19.13
C SER E 165 0.44 23.91 20.08
N TRP E 166 -0.24 24.08 21.21
CA TRP E 166 0.12 25.14 22.14
C TRP E 166 0.37 24.53 23.51
N ASN E 167 1.56 24.81 24.07
CA ASN E 167 2.03 24.20 25.31
C ASN E 167 1.79 22.67 25.27
N SER E 168 2.40 22.04 24.29
CA SER E 168 2.02 20.69 23.87
C SER E 168 0.51 20.55 23.82
N GLY E 169 -0.02 19.34 23.90
CA GLY E 169 -1.46 19.20 23.79
C GLY E 169 -2.26 19.95 24.83
N ALA E 170 -1.58 20.66 25.74
CA ALA E 170 -2.25 21.17 26.94
C ALA E 170 -3.20 22.32 26.60
N LEU E 171 -2.66 23.43 26.08
CA LEU E 171 -3.51 24.53 25.63
C LEU E 171 -4.24 24.13 24.36
N THR E 172 -5.54 23.90 24.48
CA THR E 172 -6.39 23.44 23.39
C THR E 172 -7.52 24.41 23.07
N SER E 173 -8.27 24.83 24.09
CA SER E 173 -9.38 25.75 23.88
C SER E 173 -8.86 27.14 23.49
N GLY E 174 -9.63 27.84 22.68
CA GLY E 174 -9.31 29.19 22.27
C GLY E 174 -8.35 29.31 21.10
N VAL E 175 -8.05 28.20 20.42
CA VAL E 175 -7.01 28.15 19.40
C VAL E 175 -7.65 28.24 18.04
N HIS E 176 -7.01 29.01 17.15
CA HIS E 176 -7.38 29.06 15.75
C HIS E 176 -6.09 28.91 14.94
N THR E 177 -6.03 27.85 14.17
CA THR E 177 -4.93 27.67 13.24
C THR E 177 -5.51 27.92 11.87
N PHE E 178 -5.05 28.98 11.22
CA PHE E 178 -5.67 29.34 9.95
C PHE E 178 -5.16 28.47 8.80
N PRO E 179 -5.93 28.38 7.73
CA PRO E 179 -5.41 27.76 6.51
C PRO E 179 -4.19 28.53 6.02
N ALA E 180 -3.15 27.80 5.67
CA ALA E 180 -2.02 28.43 4.99
C ALA E 180 -2.48 29.15 3.72
N VAL E 181 -1.78 30.23 3.38
CA VAL E 181 -1.84 30.81 2.05
C VAL E 181 -0.54 30.55 1.31
N LEU E 182 -0.64 30.45 -0.01
CA LEU E 182 0.49 30.31 -0.91
C LEU E 182 0.93 31.70 -1.41
N GLN E 183 2.08 32.17 -0.93
CA GLN E 183 2.62 33.44 -1.39
C GLN E 183 3.19 33.34 -2.80
N SER E 184 3.49 34.50 -3.37
CA SER E 184 4.12 34.57 -4.68
C SER E 184 5.45 33.84 -4.73
N SER E 185 6.18 33.77 -3.61
CA SER E 185 7.44 33.02 -3.60
C SER E 185 7.25 31.53 -3.83
N GLY E 186 6.03 31.03 -3.92
CA GLY E 186 5.84 29.60 -3.94
C GLY E 186 5.97 28.91 -2.60
N LEU E 187 6.01 29.64 -1.51
CA LEU E 187 6.09 29.08 -0.17
C LEU E 187 4.77 29.33 0.55
N TYR E 188 4.59 28.64 1.66
CA TYR E 188 3.35 28.71 2.40
C TYR E 188 3.56 29.54 3.65
N SER E 189 2.50 30.19 4.08
CA SER E 189 2.55 30.94 5.31
C SER E 189 1.24 30.71 6.03
N LEU E 190 1.28 30.70 7.36
CA LEU E 190 0.17 30.26 8.17
C LEU E 190 0.27 30.90 9.55
N SER E 191 -0.87 31.24 10.12
CA SER E 191 -0.89 31.81 11.45
C SER E 191 -1.63 30.90 12.40
N SER E 192 -1.20 30.92 13.65
CA SER E 192 -1.88 30.18 14.69
C SER E 192 -1.99 31.10 15.89
N VAL E 193 -3.21 31.26 16.40
CA VAL E 193 -3.47 32.21 17.48
C VAL E 193 -4.30 31.53 18.56
N VAL E 194 -4.16 32.04 19.78
CA VAL E 194 -4.95 31.62 20.93
C VAL E 194 -5.28 32.85 21.74
N THR E 195 -6.32 32.75 22.56
CA THR E 195 -6.76 33.80 23.47
C THR E 195 -6.58 33.36 24.92
N VAL E 196 -5.97 34.22 25.73
CA VAL E 196 -5.58 33.86 27.08
C VAL E 196 -5.95 35.01 28.02
N PRO E 197 -5.99 34.75 29.33
CA PRO E 197 -6.19 35.85 30.28
C PRO E 197 -5.01 36.83 30.27
N SER E 198 -5.35 38.12 30.26
CA SER E 198 -4.36 39.17 30.48
C SER E 198 -3.50 38.88 31.70
N SER E 199 -4.12 38.75 32.88
CA SER E 199 -3.41 38.36 34.10
C SER E 199 -2.42 37.23 33.87
N SER E 200 -2.62 36.44 32.82
CA SER E 200 -1.80 35.26 32.64
C SER E 200 -0.40 35.62 32.17
N LEU E 201 -0.28 36.63 31.32
CA LEU E 201 1.05 37.06 30.87
C LEU E 201 1.90 37.48 32.07
N GLY E 202 3.18 37.12 32.03
CA GLY E 202 4.04 37.31 33.18
C GLY E 202 4.18 36.04 34.00
N THR E 203 3.04 35.41 34.29
CA THR E 203 3.01 34.14 35.02
C THR E 203 3.16 32.97 34.05
N GLN E 204 2.17 32.78 33.16
CA GLN E 204 2.19 31.67 32.22
C GLN E 204 2.95 32.08 30.95
N THR E 205 3.98 31.31 30.60
CA THR E 205 4.62 31.43 29.30
C THR E 205 3.87 30.56 28.30
N TYR E 206 3.81 31.03 27.07
CA TYR E 206 3.09 30.34 26.01
C TYR E 206 4.09 29.95 24.93
N ILE E 207 4.09 28.67 24.58
CA ILE E 207 5.02 28.11 23.61
C ILE E 207 4.19 27.39 22.56
N CYS E 208 4.33 27.77 21.30
CA CYS E 208 3.72 26.99 20.25
C CYS E 208 4.71 25.94 19.74
N ASN E 209 4.17 24.79 19.38
CA ASN E 209 4.93 23.65 18.91
C ASN E 209 4.58 23.43 17.45
N VAL E 210 5.52 23.77 16.58
CA VAL E 210 5.35 23.71 15.14
C VAL E 210 6.07 22.48 14.62
N ASN E 211 5.38 21.68 13.82
CA ASN E 211 5.94 20.46 13.26
C ASN E 211 5.71 20.49 11.76
N HIS E 212 6.79 20.34 10.99
CA HIS E 212 6.71 20.23 9.54
C HIS E 212 7.28 18.88 9.12
N LYS E 213 6.50 17.82 9.34
CA LYS E 213 6.94 16.46 9.06
C LYS E 213 7.66 16.37 7.70
N PRO E 214 7.12 17.01 6.64
CA PRO E 214 7.68 16.77 5.29
C PRO E 214 9.13 17.20 5.12
N SER E 215 9.59 18.18 5.90
CA SER E 215 10.99 18.59 5.87
C SER E 215 11.72 18.14 7.11
N ASN E 216 11.04 17.44 8.02
CA ASN E 216 11.65 16.92 9.23
C ASN E 216 12.09 18.07 10.14
N THR E 217 11.24 19.08 10.27
CA THR E 217 11.58 20.28 11.02
C THR E 217 10.60 20.44 12.18
N LYS E 218 11.14 20.68 13.37
CA LYS E 218 10.33 20.90 14.55
C LYS E 218 10.74 22.24 15.17
N VAL E 219 9.78 23.04 15.60
CA VAL E 219 10.12 24.33 16.18
C VAL E 219 9.22 24.60 17.38
N ASP E 220 9.82 25.05 18.47
CA ASP E 220 9.09 25.51 19.65
C ASP E 220 9.47 26.96 19.91
N LYS E 221 8.50 27.86 19.84
CA LYS E 221 8.76 29.27 20.11
C LYS E 221 7.90 29.72 21.28
N LYS E 222 8.55 30.28 22.30
CA LYS E 222 7.85 30.96 23.39
C LYS E 222 7.39 32.32 22.89
N VAL E 223 6.25 32.79 23.41
CA VAL E 223 5.73 34.09 22.99
C VAL E 223 5.32 34.98 24.17
N GLU F 1 -21.18 23.21 -24.64
CA GLU F 1 -21.12 22.66 -23.29
C GLU F 1 -22.24 23.14 -22.45
N ILE F 2 -22.73 22.30 -21.56
CA ILE F 2 -23.80 22.71 -20.66
C ILE F 2 -23.20 23.50 -19.51
N VAL F 3 -23.68 24.72 -19.31
CA VAL F 3 -23.32 25.52 -18.14
C VAL F 3 -24.33 25.27 -17.03
N MET F 4 -23.81 24.95 -15.87
CA MET F 4 -24.64 24.72 -14.70
C MET F 4 -24.49 25.92 -13.77
N THR F 5 -25.61 26.47 -13.33
CA THR F 5 -25.66 27.66 -12.50
C THR F 5 -26.44 27.35 -11.24
N GLN F 6 -25.86 27.64 -10.08
CA GLN F 6 -26.52 27.37 -8.82
C GLN F 6 -26.83 28.66 -8.09
N SER F 7 -27.81 28.59 -7.19
CA SER F 7 -28.19 29.77 -6.42
C SER F 7 -28.92 29.32 -5.17
N PRO F 8 -28.64 29.91 -4.03
CA PRO F 8 -27.62 30.93 -3.83
C PRO F 8 -26.24 30.26 -3.78
N LEU F 9 -25.16 31.01 -3.93
CA LEU F 9 -23.85 30.41 -3.66
C LEU F 9 -23.59 30.25 -2.18
N SER F 10 -24.30 30.98 -1.31
CA SER F 10 -24.14 30.77 0.12
C SER F 10 -25.48 30.73 0.82
N LEU F 11 -25.67 29.75 1.71
CA LEU F 11 -26.98 29.50 2.31
C LEU F 11 -26.93 29.25 3.80
N PRO F 12 -27.07 30.30 4.61
CA PRO F 12 -27.22 30.07 6.06
C PRO F 12 -28.61 29.54 6.38
N VAL F 13 -28.65 28.43 7.10
CA VAL F 13 -29.90 27.84 7.58
C VAL F 13 -29.84 27.65 9.08
N THR F 14 -30.94 27.94 9.75
CA THR F 14 -31.00 27.51 11.14
C THR F 14 -31.34 26.02 11.16
N PRO F 15 -30.63 25.22 11.94
CA PRO F 15 -30.98 23.80 12.04
C PRO F 15 -32.45 23.65 12.41
N GLY F 16 -33.08 22.63 11.85
CA GLY F 16 -34.51 22.39 12.05
C GLY F 16 -35.40 23.09 11.05
N GLU F 17 -34.88 24.05 10.32
CA GLU F 17 -35.60 24.76 9.28
C GLU F 17 -35.42 24.08 7.92
N PRO F 18 -36.30 24.41 6.99
CA PRO F 18 -36.12 23.96 5.61
C PRO F 18 -35.08 24.80 4.89
N ALA F 19 -34.58 24.24 3.81
CA ALA F 19 -33.61 24.92 2.97
C ALA F 19 -33.89 24.54 1.53
N SER F 20 -33.40 25.36 0.61
CA SER F 20 -33.69 25.14 -0.81
C SER F 20 -32.55 25.66 -1.68
N ILE F 21 -32.10 24.84 -2.63
CA ILE F 21 -31.04 25.20 -3.56
C ILE F 21 -31.58 25.09 -4.97
N SER F 22 -31.19 26.01 -5.82
CA SER F 22 -31.60 26.05 -7.22
C SER F 22 -30.45 25.69 -8.14
N CYS F 23 -30.77 24.94 -9.20
CA CYS F 23 -29.80 24.59 -10.22
C CYS F 23 -30.44 24.89 -11.56
N ARG F 24 -29.76 25.68 -12.39
CA ARG F 24 -30.25 26.04 -13.70
C ARG F 24 -29.26 25.55 -14.75
N SER F 25 -29.79 25.06 -15.86
CA SER F 25 -29.01 24.40 -16.87
C SER F 25 -29.16 25.16 -18.19
N SER F 26 -28.06 25.29 -18.92
CA SER F 26 -28.15 26.01 -20.19
C SER F 26 -28.93 25.21 -21.23
N GLN F 27 -29.02 23.89 -21.07
CA GLN F 27 -29.75 23.01 -21.97
C GLN F 27 -30.69 22.12 -21.17
N SER F 28 -31.76 21.66 -21.82
CA SER F 28 -32.65 20.71 -21.17
C SER F 28 -31.90 19.43 -20.86
N LEU F 29 -32.00 18.98 -19.62
CA LEU F 29 -31.43 17.70 -19.23
C LEU F 29 -32.50 16.59 -19.30
N LEU F 30 -33.64 16.88 -19.95
CA LEU F 30 -34.74 15.94 -20.07
C LEU F 30 -34.50 15.10 -21.32
N HIS F 31 -34.27 13.82 -21.11
CA HIS F 31 -33.93 12.88 -22.16
C HIS F 31 -35.18 12.12 -22.63
N SER F 32 -35.08 11.54 -23.82
CA SER F 32 -36.24 10.90 -24.46
C SER F 32 -36.78 9.70 -23.69
N ASN F 33 -36.11 9.26 -22.62
CA ASN F 33 -36.62 8.19 -21.78
C ASN F 33 -37.37 8.71 -20.54
N ALA F 34 -37.80 9.96 -20.58
CA ALA F 34 -38.53 10.57 -19.48
C ALA F 34 -37.65 10.83 -18.25
N HIS F 35 -36.34 10.71 -18.36
CA HIS F 35 -35.43 10.93 -17.24
C HIS F 35 -34.77 12.30 -17.35
N ASN F 36 -34.57 12.94 -16.20
CA ASN F 36 -33.75 14.15 -16.16
C ASN F 36 -32.34 13.79 -15.67
N TYR F 37 -31.37 14.00 -16.56
CA TYR F 37 -29.96 13.65 -16.31
C TYR F 37 -29.31 14.73 -15.42
N LEU F 38 -29.79 14.80 -14.18
CA LEU F 38 -29.40 15.83 -13.23
C LEU F 38 -29.10 15.18 -11.90
N ASP F 39 -27.91 15.42 -11.35
CA ASP F 39 -27.51 14.87 -10.07
C ASP F 39 -27.17 15.97 -9.07
N TRP F 40 -27.43 15.68 -7.79
CA TRP F 40 -26.99 16.51 -6.67
C TRP F 40 -26.01 15.71 -5.81
N TYR F 41 -24.84 16.28 -5.61
CA TYR F 41 -23.81 15.74 -4.74
C TYR F 41 -23.61 16.65 -3.55
N LEU F 42 -23.35 16.04 -2.40
CA LEU F 42 -23.00 16.81 -1.23
C LEU F 42 -21.58 16.44 -0.84
N GLN F 43 -20.81 17.44 -0.41
CA GLN F 43 -19.43 17.28 0.05
C GLN F 43 -19.32 17.89 1.43
N LYS F 44 -19.28 17.04 2.45
CA LYS F 44 -19.16 17.54 3.81
C LYS F 44 -17.73 18.03 4.05
N PRO F 45 -17.53 18.93 5.01
CA PRO F 45 -16.19 19.45 5.28
C PRO F 45 -15.16 18.35 5.49
N GLY F 46 -14.08 18.41 4.72
CA GLY F 46 -13.01 17.43 4.80
C GLY F 46 -13.33 16.05 4.29
N GLN F 47 -14.48 15.85 3.63
CA GLN F 47 -14.89 14.54 3.13
C GLN F 47 -14.85 14.49 1.60
N SER F 48 -15.07 13.33 1.05
CA SER F 48 -15.29 13.31 -0.39
C SER F 48 -16.71 13.74 -0.75
N PRO F 49 -16.93 14.18 -1.98
CA PRO F 49 -18.30 14.26 -2.50
C PRO F 49 -19.04 12.92 -2.31
N GLN F 50 -20.34 13.02 -2.05
CA GLN F 50 -21.19 11.83 -2.02
C GLN F 50 -22.47 12.12 -2.78
N LEU F 51 -22.98 11.08 -3.48
CA LEU F 51 -24.23 11.24 -4.23
C LEU F 51 -25.40 11.37 -3.27
N LEU F 52 -26.30 12.31 -3.57
CA LEU F 52 -27.53 12.57 -2.82
C LEU F 52 -28.81 12.27 -3.60
N ILE F 53 -28.92 12.84 -4.79
CA ILE F 53 -30.10 12.75 -5.62
C ILE F 53 -29.57 12.50 -7.02
N TYR F 54 -30.15 11.51 -7.71
CA TYR F 54 -29.75 11.20 -9.07
C TYR F 54 -30.98 11.10 -9.96
N LEU F 55 -30.76 11.41 -11.25
CA LEU F 55 -31.83 11.53 -12.23
C LEU F 55 -32.91 12.48 -11.72
N GLY F 56 -32.49 13.59 -11.17
CA GLY F 56 -33.42 14.62 -10.75
C GLY F 56 -34.11 14.43 -9.44
N SER F 57 -34.74 13.28 -9.22
CA SER F 57 -35.58 13.16 -8.04
C SER F 57 -35.36 11.92 -7.19
N ASN F 58 -34.44 11.00 -7.56
CA ASN F 58 -34.23 9.78 -6.79
C ASN F 58 -33.21 9.94 -5.68
N ARG F 59 -33.63 9.60 -4.46
CA ARG F 59 -32.72 9.48 -3.34
C ARG F 59 -31.85 8.24 -3.52
N ALA F 60 -30.53 8.42 -3.53
CA ALA F 60 -29.64 7.28 -3.67
C ALA F 60 -29.64 6.47 -2.37
N SER F 61 -29.02 5.28 -2.43
CA SER F 61 -29.00 4.38 -1.28
C SER F 61 -28.66 5.13 0.01
N GLY F 62 -29.56 5.06 0.98
CA GLY F 62 -29.24 5.58 2.30
C GLY F 62 -29.58 7.04 2.54
N VAL F 63 -29.93 7.80 1.51
CA VAL F 63 -30.21 9.22 1.75
C VAL F 63 -31.51 9.35 2.54
N PRO F 64 -31.52 10.05 3.67
CA PRO F 64 -32.75 10.13 4.46
C PRO F 64 -33.82 10.94 3.75
N ASP F 65 -35.02 10.89 4.32
CA ASP F 65 -36.21 11.49 3.71
C ASP F 65 -36.20 13.02 3.73
N ARG F 66 -35.41 13.64 4.62
CA ARG F 66 -35.23 15.09 4.57
C ARG F 66 -34.96 15.59 3.16
N PHE F 67 -34.13 14.87 2.38
CA PHE F 67 -33.67 15.38 1.09
C PHE F 67 -34.63 14.98 -0.02
N SER F 68 -34.86 15.89 -0.95
CA SER F 68 -35.74 15.64 -2.08
C SER F 68 -35.34 16.57 -3.21
N GLY F 69 -35.53 16.10 -4.43
CA GLY F 69 -35.09 16.82 -5.61
C GLY F 69 -36.20 16.89 -6.64
N SER F 70 -36.35 18.07 -7.23
CA SER F 70 -37.47 18.33 -8.10
C SER F 70 -37.04 19.09 -9.36
N GLY F 71 -37.95 19.10 -10.33
CA GLY F 71 -37.87 19.94 -11.50
C GLY F 71 -37.59 19.13 -12.75
N SER F 72 -37.54 19.84 -13.87
CA SER F 72 -37.39 19.16 -15.14
C SER F 72 -36.81 20.17 -16.14
N GLY F 73 -36.32 19.64 -17.25
CA GLY F 73 -35.80 20.47 -18.31
C GLY F 73 -34.51 21.20 -17.95
N THR F 74 -34.65 22.47 -17.56
CA THR F 74 -33.53 23.35 -17.31
C THR F 74 -33.51 23.91 -15.91
N ASP F 75 -34.52 23.66 -15.09
CA ASP F 75 -34.56 24.23 -13.76
C ASP F 75 -34.85 23.13 -12.76
N PHE F 76 -34.04 23.10 -11.71
CA PHE F 76 -33.99 22.01 -10.75
C PHE F 76 -33.76 22.60 -9.37
N THR F 77 -34.32 21.93 -8.38
CA THR F 77 -34.40 22.42 -7.02
C THR F 77 -34.14 21.23 -6.10
N LEU F 78 -33.30 21.45 -5.10
CA LEU F 78 -33.05 20.53 -4.01
C LEU F 78 -33.64 21.14 -2.75
N LYS F 79 -34.18 20.30 -1.89
CA LYS F 79 -34.86 20.76 -0.69
C LYS F 79 -34.48 19.86 0.48
N ILE F 80 -34.30 20.49 1.62
CA ILE F 80 -34.16 19.76 2.88
C ILE F 80 -35.26 20.26 3.79
N SER F 81 -36.18 19.38 4.15
CA SER F 81 -37.35 19.81 4.91
C SER F 81 -36.97 20.25 6.32
N ARG F 82 -36.07 19.53 7.00
CA ARG F 82 -35.56 19.91 8.31
C ARG F 82 -34.03 19.76 8.30
N VAL F 83 -33.30 20.88 8.33
CA VAL F 83 -31.84 20.80 8.23
C VAL F 83 -31.24 20.34 9.55
N GLU F 84 -30.21 19.51 9.45
CA GLU F 84 -29.49 19.01 10.60
C GLU F 84 -28.05 19.50 10.52
N ALA F 85 -27.42 19.67 11.69
CA ALA F 85 -26.03 20.12 11.71
C ALA F 85 -25.17 19.25 10.81
N GLU F 86 -25.43 17.94 10.83
CA GLU F 86 -24.82 16.97 9.94
C GLU F 86 -24.90 17.32 8.46
N ASP F 87 -25.81 18.22 8.07
CA ASP F 87 -26.03 18.53 6.66
C ASP F 87 -25.18 19.69 6.13
N VAL F 88 -24.33 20.33 6.96
CA VAL F 88 -23.49 21.40 6.45
C VAL F 88 -22.48 20.83 5.46
N GLY F 89 -22.23 21.57 4.40
CA GLY F 89 -21.30 21.16 3.38
C GLY F 89 -21.54 21.99 2.13
N ILE F 90 -20.86 21.60 1.05
CA ILE F 90 -21.09 22.20 -0.26
C ILE F 90 -21.96 21.27 -1.10
N TYR F 91 -23.01 21.84 -1.68
CA TYR F 91 -23.94 21.08 -2.50
C TYR F 91 -23.68 21.40 -3.96
N TYR F 92 -23.37 20.38 -4.75
CA TYR F 92 -23.08 20.55 -6.17
C TYR F 92 -24.18 19.87 -6.97
N CYS F 93 -24.66 20.55 -7.99
CA CYS F 93 -25.48 19.92 -9.00
C CYS F 93 -24.57 19.66 -10.17
N MET F 94 -24.97 18.74 -11.05
CA MET F 94 -24.10 18.40 -12.16
C MET F 94 -24.93 17.71 -13.23
N GLN F 95 -24.75 18.15 -14.47
CA GLN F 95 -25.44 17.49 -15.56
C GLN F 95 -24.69 16.21 -15.92
N ALA F 96 -25.47 15.14 -16.20
CA ALA F 96 -24.97 13.80 -16.45
C ALA F 96 -25.30 13.31 -17.85
N LEU F 97 -25.40 14.24 -18.80
CA LEU F 97 -25.99 13.95 -20.08
C LEU F 97 -25.01 14.03 -21.22
N GLN F 98 -24.04 14.93 -21.14
CA GLN F 98 -23.21 15.18 -22.31
C GLN F 98 -21.79 15.48 -21.87
N THR F 99 -20.83 14.88 -22.56
CA THR F 99 -19.49 15.25 -22.15
C THR F 99 -19.15 16.57 -22.82
N PRO F 100 -18.38 17.44 -22.13
CA PRO F 100 -17.79 17.30 -20.79
C PRO F 100 -18.75 17.38 -19.62
N ILE F 101 -18.75 16.38 -18.72
CA ILE F 101 -19.48 16.52 -17.47
C ILE F 101 -19.14 17.87 -16.87
N THR F 102 -20.15 18.57 -16.34
CA THR F 102 -19.94 19.91 -15.82
C THR F 102 -20.77 20.10 -14.56
N PHE F 103 -20.20 20.81 -13.58
CA PHE F 103 -20.79 21.02 -12.26
C PHE F 103 -21.29 22.45 -12.16
N GLY F 104 -22.22 22.68 -11.22
CA GLY F 104 -22.51 24.03 -10.77
C GLY F 104 -21.42 24.48 -9.80
N GLN F 105 -21.40 25.78 -9.49
CA GLN F 105 -20.26 26.32 -8.73
C GLN F 105 -20.20 25.77 -7.32
N GLY F 106 -21.29 25.20 -6.83
CA GLY F 106 -21.35 24.86 -5.44
C GLY F 106 -22.27 25.82 -4.69
N THR F 107 -22.92 25.29 -3.66
CA THR F 107 -23.69 26.08 -2.71
C THR F 107 -23.22 25.66 -1.33
N ARG F 108 -22.53 26.56 -0.62
CA ARG F 108 -22.10 26.22 0.73
C ARG F 108 -23.28 26.39 1.68
N LEU F 109 -23.68 25.31 2.33
CA LEU F 109 -24.73 25.41 3.33
C LEU F 109 -24.06 25.53 4.70
N GLU F 110 -24.44 26.55 5.45
CA GLU F 110 -23.77 26.84 6.70
C GLU F 110 -24.80 27.04 7.80
N ILE F 111 -24.32 27.03 9.04
CA ILE F 111 -25.20 27.22 10.17
C ILE F 111 -25.46 28.70 10.33
N LYS F 112 -26.71 29.09 10.43
CA LYS F 112 -27.03 30.49 10.63
C LYS F 112 -27.27 30.72 12.11
N ARG F 113 -26.68 31.80 12.63
CA ARG F 113 -26.75 32.14 14.04
C ARG F 113 -26.83 33.65 14.20
N THR F 114 -26.97 34.08 15.44
CA THR F 114 -26.95 35.51 15.77
C THR F 114 -25.63 36.15 15.35
N VAL F 115 -25.72 37.42 14.95
CA VAL F 115 -24.54 38.21 14.63
C VAL F 115 -23.58 38.24 15.82
N ALA F 116 -22.29 38.06 15.53
CA ALA F 116 -21.21 38.31 16.46
C ALA F 116 -20.20 39.22 15.79
N ALA F 117 -19.96 40.39 16.40
CA ALA F 117 -18.84 41.23 15.96
C ALA F 117 -17.52 40.50 16.19
N PRO F 118 -16.56 40.67 15.30
CA PRO F 118 -15.22 40.13 15.54
C PRO F 118 -14.43 40.98 16.52
N SER F 119 -13.73 40.33 17.44
CA SER F 119 -12.73 41.01 18.23
C SER F 119 -11.45 41.13 17.43
N VAL F 120 -10.94 42.35 17.31
CA VAL F 120 -9.85 42.66 16.37
C VAL F 120 -8.55 42.84 17.14
N PHE F 121 -7.46 42.32 16.56
CA PHE F 121 -6.15 42.46 17.16
C PHE F 121 -5.14 42.72 16.06
N ILE F 122 -4.21 43.64 16.31
CA ILE F 122 -3.09 43.85 15.40
C ILE F 122 -1.80 43.41 16.08
N PHE F 123 -0.88 42.90 15.27
CA PHE F 123 0.39 42.34 15.73
C PHE F 123 1.50 42.92 14.89
N PRO F 124 2.49 43.57 15.50
CA PRO F 124 3.62 44.11 14.76
C PRO F 124 4.64 43.04 14.43
N PRO F 125 5.48 43.27 13.44
CA PRO F 125 6.47 42.26 13.06
C PRO F 125 7.42 41.95 14.21
N SER F 126 7.87 40.69 14.24
CA SER F 126 8.85 40.21 15.22
C SER F 126 10.19 40.93 15.02
N ASP F 127 10.88 41.19 16.14
CA ASP F 127 12.24 41.69 16.00
C ASP F 127 13.09 40.71 15.20
N GLU F 128 12.88 39.41 15.40
CA GLU F 128 13.61 38.42 14.62
C GLU F 128 13.28 38.53 13.14
N GLN F 129 12.02 38.68 12.83
CA GLN F 129 11.69 38.67 11.41
C GLN F 129 12.40 39.79 10.70
N LEU F 130 12.64 40.90 11.40
CA LEU F 130 13.17 42.13 10.78
C LEU F 130 14.65 41.96 10.42
N LYS F 131 15.41 41.25 11.27
CA LYS F 131 16.77 40.84 10.93
C LYS F 131 16.86 40.19 9.56
N SER F 132 15.79 39.50 9.13
CA SER F 132 15.72 38.77 7.88
C SER F 132 15.28 39.63 6.70
N GLY F 133 15.11 40.94 6.89
CA GLY F 133 14.75 41.84 5.82
C GLY F 133 13.30 41.84 5.39
N THR F 134 12.40 41.18 6.12
CA THR F 134 10.98 41.17 5.77
C THR F 134 10.17 41.42 7.03
N ALA F 135 9.05 42.13 6.87
CA ALA F 135 8.17 42.48 7.97
C ALA F 135 6.76 42.00 7.67
N SER F 136 6.22 41.14 8.53
CA SER F 136 4.84 40.72 8.42
C SER F 136 4.04 41.39 9.53
N VAL F 137 2.99 42.11 9.15
CA VAL F 137 1.98 42.63 10.07
C VAL F 137 0.73 41.77 9.95
N VAL F 138 0.21 41.34 11.10
CA VAL F 138 -0.89 40.41 11.13
C VAL F 138 -2.05 41.07 11.85
N CYS F 139 -3.24 40.96 11.25
CA CYS F 139 -4.48 41.43 11.86
C CYS F 139 -5.42 40.24 11.98
N LEU F 140 -6.01 40.10 13.17
CA LEU F 140 -6.81 38.94 13.51
C LEU F 140 -8.21 39.39 13.84
N LEU F 141 -9.18 38.80 13.15
CA LEU F 141 -10.60 38.98 13.42
C LEU F 141 -11.09 37.68 14.05
N ASN F 142 -11.56 37.76 15.30
CA ASN F 142 -11.80 36.56 16.08
C ASN F 142 -13.28 36.36 16.39
N ASN F 143 -13.78 35.14 16.08
CA ASN F 143 -15.16 34.70 16.32
C ASN F 143 -16.23 35.72 15.96
N PHE F 144 -16.44 35.92 14.68
CA PHE F 144 -17.53 36.74 14.20
C PHE F 144 -18.53 35.91 13.39
N TYR F 145 -19.65 36.53 13.12
CA TYR F 145 -20.68 35.99 12.25
C TYR F 145 -21.60 37.14 11.88
N PRO F 146 -22.02 37.25 10.60
CA PRO F 146 -21.75 36.37 9.47
C PRO F 146 -20.33 36.40 8.91
N ARG F 147 -20.11 35.59 7.87
CA ARG F 147 -18.77 35.34 7.36
C ARG F 147 -18.21 36.55 6.58
N GLU F 148 -19.04 37.34 5.92
CA GLU F 148 -18.55 38.45 5.13
C GLU F 148 -17.90 39.48 6.03
N ALA F 149 -16.65 39.81 5.77
CA ALA F 149 -16.01 40.88 6.51
C ALA F 149 -14.93 41.52 5.65
N LYS F 150 -14.78 42.85 5.79
CA LYS F 150 -13.82 43.63 5.03
C LYS F 150 -12.71 44.11 5.95
N VAL F 151 -11.46 43.75 5.60
CA VAL F 151 -10.28 44.20 6.31
C VAL F 151 -9.52 45.16 5.40
N GLN F 152 -9.33 46.41 5.84
CA GLN F 152 -8.55 47.40 5.11
C GLN F 152 -7.24 47.69 5.82
N TRP F 153 -6.15 47.55 5.09
CA TRP F 153 -4.81 47.85 5.60
C TRP F 153 -4.45 49.29 5.30
N LYS F 154 -3.83 49.95 6.28
CA LYS F 154 -3.40 51.33 6.12
C LYS F 154 -2.05 51.54 6.81
N VAL F 155 -1.05 52.01 6.07
CA VAL F 155 0.24 52.44 6.63
C VAL F 155 0.39 53.93 6.42
N ASP F 156 0.71 54.66 7.49
CA ASP F 156 0.74 56.12 7.43
C ASP F 156 -0.51 56.64 6.74
N ASN F 157 -1.59 55.86 6.79
CA ASN F 157 -2.91 56.24 6.30
C ASN F 157 -3.08 56.09 4.80
N ALA F 158 -2.17 55.38 4.13
CA ALA F 158 -2.36 55.06 2.72
C ALA F 158 -3.01 53.68 2.56
N LEU F 159 -3.94 53.59 1.62
CA LEU F 159 -4.75 52.39 1.44
C LEU F 159 -3.94 51.33 0.71
N GLN F 160 -3.49 50.32 1.45
CA GLN F 160 -2.71 49.26 0.84
C GLN F 160 -3.53 48.48 -0.16
N SER F 161 -2.86 48.04 -1.23
CA SER F 161 -3.50 47.20 -2.23
C SER F 161 -2.49 46.18 -2.73
N GLY F 162 -2.91 44.92 -2.83
CA GLY F 162 -2.08 43.86 -3.37
C GLY F 162 -1.00 43.45 -2.40
N ASN F 163 -1.05 44.07 -1.23
CA ASN F 163 -0.04 43.98 -0.19
C ASN F 163 -0.28 42.88 0.82
N SER F 164 -1.35 42.13 0.67
CA SER F 164 -1.72 41.28 1.79
C SER F 164 -2.57 40.12 1.32
N GLN F 165 -2.47 39.03 2.07
CA GLN F 165 -3.31 37.85 1.91
C GLN F 165 -4.10 37.63 3.18
N GLU F 166 -5.19 36.88 3.04
CA GLU F 166 -6.04 36.58 4.18
C GLU F 166 -6.56 35.17 4.06
N SER F 167 -7.12 34.69 5.16
CA SER F 167 -7.42 33.28 5.33
C SER F 167 -8.52 33.19 6.40
N VAL F 168 -9.50 32.31 6.17
CA VAL F 168 -10.68 32.21 7.02
C VAL F 168 -10.78 30.78 7.52
N THR F 169 -11.04 30.60 8.81
CA THR F 169 -11.25 29.26 9.31
C THR F 169 -12.57 28.69 8.80
N GLU F 170 -12.71 27.37 8.87
CA GLU F 170 -14.06 26.83 8.68
C GLU F 170 -14.94 27.28 9.82
N GLN F 171 -16.25 27.20 9.61
CA GLN F 171 -17.18 27.53 10.69
C GLN F 171 -16.91 26.70 11.94
N ASP F 172 -16.67 27.36 13.07
CA ASP F 172 -16.50 26.61 14.31
C ASP F 172 -17.67 25.66 14.50
N SER F 173 -17.34 24.43 14.92
CA SER F 173 -18.39 23.43 15.06
C SER F 173 -19.18 23.59 16.35
N LYS F 174 -18.61 24.24 17.37
CA LYS F 174 -19.40 24.49 18.58
C LYS F 174 -20.24 25.77 18.46
N ASP F 175 -19.60 26.94 18.29
CA ASP F 175 -20.30 28.23 18.30
C ASP F 175 -20.58 28.79 16.91
N SER F 176 -20.23 28.09 15.84
CA SER F 176 -20.61 28.48 14.49
C SER F 176 -20.10 29.87 14.09
N THR F 177 -18.99 30.33 14.66
CA THR F 177 -18.42 31.60 14.22
C THR F 177 -17.26 31.36 13.25
N TYR F 178 -16.76 32.45 12.70
CA TYR F 178 -15.58 32.41 11.86
C TYR F 178 -14.48 33.26 12.48
N SER F 179 -13.26 33.01 12.03
CA SER F 179 -12.14 33.84 12.39
C SER F 179 -11.32 34.11 11.13
N LEU F 180 -10.53 35.17 11.16
CA LEU F 180 -9.88 35.59 9.93
C LEU F 180 -8.51 36.19 10.22
N SER F 181 -7.58 35.92 9.31
CA SER F 181 -6.18 36.32 9.45
C SER F 181 -5.78 37.04 8.18
N SER F 182 -5.36 38.29 8.32
CA SER F 182 -4.82 39.07 7.22
C SER F 182 -3.35 39.38 7.49
N THR F 183 -2.49 39.07 6.52
CA THR F 183 -1.07 39.36 6.66
C THR F 183 -0.60 40.36 5.61
N LEU F 184 -0.19 41.54 6.06
CA LEU F 184 0.48 42.53 5.20
C LEU F 184 1.99 42.30 5.22
N THR F 185 2.62 42.26 4.04
CA THR F 185 4.03 41.94 3.91
C THR F 185 4.76 43.11 3.25
N LEU F 186 5.75 43.66 3.95
CA LEU F 186 6.57 44.75 3.42
C LEU F 186 8.06 44.42 3.59
N SER F 187 8.89 45.19 2.88
CA SER F 187 10.33 45.15 3.11
C SER F 187 10.63 45.60 4.52
N LYS F 188 11.66 45.00 5.14
CA LYS F 188 12.22 45.60 6.34
C LYS F 188 12.52 47.07 6.10
N ALA F 189 12.75 47.45 4.85
CA ALA F 189 12.97 48.83 4.44
C ALA F 189 11.72 49.68 4.61
N ASP F 190 10.65 49.36 3.86
CA ASP F 190 9.47 50.21 3.84
C ASP F 190 8.80 50.25 5.20
N TYR F 191 8.96 49.19 6.00
CA TYR F 191 8.38 49.20 7.33
C TYR F 191 9.00 50.29 8.21
N GLU F 192 10.29 50.57 8.05
CA GLU F 192 10.94 51.54 8.93
C GLU F 192 10.63 52.98 8.55
N LYS F 193 10.38 53.25 7.25
CA LYS F 193 10.09 54.60 6.77
C LYS F 193 8.77 55.15 7.29
N HIS F 194 7.75 54.30 7.46
CA HIS F 194 6.45 54.75 7.96
C HIS F 194 6.29 54.40 9.44
N LYS F 195 5.31 55.05 10.06
CA LYS F 195 5.15 55.02 11.51
C LYS F 195 3.83 54.41 11.96
N VAL F 196 2.79 54.47 11.14
CA VAL F 196 1.42 54.25 11.55
C VAL F 196 0.93 53.00 10.83
N TYR F 197 0.63 51.96 11.60
CA TYR F 197 0.17 50.69 11.05
C TYR F 197 -1.21 50.39 11.61
N ALA F 198 -2.19 50.34 10.71
CA ALA F 198 -3.58 50.31 11.12
C ALA F 198 -4.34 49.26 10.33
N CYS F 199 -5.19 48.55 11.06
CA CYS F 199 -6.03 47.52 10.51
C CYS F 199 -7.47 47.98 10.71
N GLU F 200 -8.16 48.26 9.61
CA GLU F 200 -9.54 48.76 9.67
C GLU F 200 -10.49 47.63 9.30
N VAL F 201 -11.42 47.33 10.19
CA VAL F 201 -12.31 46.18 10.04
C VAL F 201 -13.73 46.69 9.97
N THR F 202 -14.43 46.37 8.89
CA THR F 202 -15.85 46.65 8.81
C THR F 202 -16.59 45.31 8.67
N HIS F 203 -17.52 45.09 9.59
CA HIS F 203 -18.29 43.87 9.66
C HIS F 203 -19.71 44.24 10.06
N GLN F 204 -20.69 43.47 9.59
CA GLN F 204 -22.08 43.86 9.84
C GLN F 204 -22.37 44.05 11.33
N GLY F 205 -21.71 43.26 12.19
CA GLY F 205 -21.93 43.35 13.62
C GLY F 205 -21.29 44.55 14.31
N LEU F 206 -20.66 45.44 13.55
CA LEU F 206 -20.14 46.70 14.07
C LEU F 206 -21.00 47.85 13.52
N SER F 207 -21.48 48.71 14.42
CA SER F 207 -22.11 49.95 13.98
C SER F 207 -21.16 50.73 13.07
N SER F 208 -20.01 51.12 13.61
CA SER F 208 -18.98 51.78 12.86
C SER F 208 -17.70 50.95 12.86
N PRO F 209 -16.97 50.90 11.74
CA PRO F 209 -15.72 50.15 11.66
C PRO F 209 -14.82 50.28 12.89
N VAL F 210 -14.06 49.21 13.17
CA VAL F 210 -13.05 49.21 14.21
C VAL F 210 -11.68 49.37 13.59
N THR F 211 -10.83 50.13 14.25
CA THR F 211 -9.46 50.30 13.83
C THR F 211 -8.57 49.92 15.00
N LYS F 212 -7.54 49.12 14.72
CA LYS F 212 -6.48 48.81 15.66
C LYS F 212 -5.17 49.18 14.99
N SER F 213 -4.28 49.80 15.76
CA SER F 213 -3.14 50.49 15.16
C SER F 213 -1.95 50.39 16.09
N PHE F 214 -0.76 50.55 15.52
CA PHE F 214 0.45 50.71 16.30
C PHE F 214 1.43 51.62 15.55
N ASN F 215 2.41 52.16 16.27
CA ASN F 215 3.52 52.92 15.70
C ASN F 215 4.81 52.12 15.90
N ARG F 216 5.64 52.01 14.85
CA ARG F 216 6.84 51.15 14.92
C ARG F 216 7.77 51.57 16.06
C1 NAG G . 9.19 -46.17 25.43
C2 NAG G . 8.46 -46.79 26.63
C3 NAG G . 8.81 -46.03 27.90
C4 NAG G . 10.32 -45.94 28.08
C5 NAG G . 11.03 -45.46 26.80
C6 NAG G . 12.53 -45.60 26.87
C7 NAG G . 6.35 -47.89 25.97
C8 NAG G . 4.87 -47.71 25.82
N2 NAG G . 7.02 -46.81 26.42
O3 NAG G . 8.21 -46.69 29.01
O4 NAG G . 10.62 -45.03 29.13
O5 NAG G . 10.60 -46.22 25.65
O6 NAG G . 13.10 -45.91 25.59
O7 NAG G . 6.91 -48.94 25.71
C1 SIA H . 0.45 -24.52 -9.88
C2 SIA H . 1.54 -24.72 -11.04
C3 SIA H . 2.80 -23.81 -10.99
C4 SIA H . 3.66 -23.93 -9.71
C5 SIA H . 4.11 -25.40 -9.71
C6 SIA H . 2.99 -26.49 -9.94
C7 SIA H . 3.34 -27.96 -10.40
C8 SIA H . 2.02 -28.75 -10.76
C9 SIA H . 1.81 -30.19 -10.26
C10 SIA H . 5.62 -26.85 -8.41
C11 SIA H . 6.07 -27.27 -7.04
N5 SIA H . 4.71 -25.85 -8.46
O1A SIA H . 0.00 -25.62 -9.44
O1B SIA H . 0.18 -23.35 -9.51
O2 SIA H . 0.86 -24.64 -12.26
O4 SIA H . 4.93 -23.26 -9.55
O6 SIA H . 1.99 -26.13 -10.93
O7 SIA H . 4.21 -28.03 -11.54
O8 SIA H . 0.85 -28.02 -10.35
O9 SIA H . 1.09 -31.07 -11.16
O10 SIA H . 6.08 -27.45 -9.39
H32 SIA H . 2.47 -22.76 -11.10
H31 SIA H . 3.42 -24.05 -11.86
H4 SIA H . 3.00 -23.53 -8.92
H5 SIA H . 4.87 -25.36 -10.50
H6 SIA H . 2.64 -26.60 -8.91
H7 SIA H . 3.89 -28.39 -9.56
H8 SIA H . 2.14 -28.81 -11.85
H92 SIA H . 2.81 -30.58 -10.06
H91 SIA H . 1.29 -30.10 -9.30
H111 SIA H . 6.92 -26.65 -6.75
H113 SIA H . 5.24 -27.13 -6.34
H112 SIA H . 6.37 -28.33 -7.07
HN5 SIA H . 4.41 -25.40 -7.61
HO2 SIA H . 1.35 -23.86 -12.66
HO4 SIA H . 5.62 -23.89 -9.80
HO7 SIA H . 4.98 -28.50 -11.18
HO8 SIA H . 0.47 -28.43 -9.55
HO9 SIA H . 1.61 -31.18 -11.96
C1 NAG I . -42.41 -4.03 -32.13
C2 NAG I . -42.84 -4.58 -33.49
C3 NAG I . -42.34 -3.69 -34.62
C4 NAG I . -42.78 -2.25 -34.39
C5 NAG I . -42.39 -1.77 -32.99
C6 NAG I . -42.94 -0.41 -32.66
C7 NAG I . -43.17 -7.01 -33.56
C8 NAG I . -42.54 -8.34 -33.79
N2 NAG I . -42.37 -5.94 -33.67
O3 NAG I . -42.90 -4.15 -35.85
O4 NAG I . -42.18 -1.40 -35.37
O5 NAG I . -42.89 -2.67 -32.00
O6 NAG I . -43.82 -0.48 -31.54
O7 NAG I . -44.36 -6.89 -33.28
C1 SIA J . -23.43 -11.61 5.00
C2 SIA J . -24.19 -10.88 6.20
C3 SIA J . -23.85 -9.37 6.35
C4 SIA J . -24.32 -8.46 5.20
C5 SIA J . -25.84 -8.67 5.06
C6 SIA J . -26.29 -10.18 4.98
C7 SIA J . -27.81 -10.48 5.13
C8 SIA J . -28.08 -11.97 5.46
C9 SIA J . -29.32 -12.66 4.84
C10 SIA J . -27.64 -7.41 4.04
C11 SIA J . -28.22 -6.81 2.79
N5 SIA J . -26.45 -8.02 3.91
O1A SIA J . -24.19 -12.40 4.32
O1B SIA J . -22.20 -11.35 4.85
O2 SIA J . -23.88 -11.62 7.36
O4 SIA J . -24.19 -7.04 5.42
O6 SIA J . -25.65 -10.97 6.01
O7 SIA J . -28.41 -9.66 6.13
O8 SIA J . -26.94 -12.82 5.14
O9 SIA J . -30.55 -12.39 5.53
O10 SIA J . -28.26 -7.35 5.10
H32 SIA J . -22.75 -9.28 6.44
H31 SIA J . -24.29 -9.02 7.29
H4 SIA J . -23.74 -8.73 4.31
H5 SIA J . -26.24 -8.16 5.93
H6 SIA J . -26.03 -10.52 3.98
H7 SIA J . -28.26 -10.20 4.16
H8 SIA J . -28.23 -11.92 6.54
H92 SIA J . -29.37 -12.32 3.80
H91 SIA J . -29.10 -13.74 4.84
H111 SIA J . -27.95 -5.75 2.76
H113 SIA J . -27.80 -7.33 1.92
H112 SIA J . -29.31 -6.92 2.82
HN5 SIA J . -25.97 -8.05 3.03
HO2 SIA J . -23.57 -10.89 7.96
HO4 SIA J . -25.08 -6.68 5.44
HO7 SIA J . -29.05 -10.27 6.57
HO8 SIA J . -26.92 -12.93 4.18
HO9 SIA J . -31.09 -13.19 5.48
#